data_2YXB
# 
_entry.id   2YXB 
# 
_audit_conform.dict_name       mmcif_pdbx.dic 
_audit_conform.dict_version    5.397 
_audit_conform.dict_location   http://mmcif.pdb.org/dictionaries/ascii/mmcif_pdbx.dic 
# 
loop_
_database_2.database_id 
_database_2.database_code 
_database_2.pdbx_database_accession 
_database_2.pdbx_DOI 
PDB   2YXB         pdb_00002yxb 10.2210/pdb2yxb/pdb 
RCSB  RCSB027251   ?            ?                   
WWPDB D_1000027251 ?            ?                   
# 
loop_
_pdbx_audit_revision_history.ordinal 
_pdbx_audit_revision_history.data_content_type 
_pdbx_audit_revision_history.major_revision 
_pdbx_audit_revision_history.minor_revision 
_pdbx_audit_revision_history.revision_date 
1 'Structure model' 1 0 2007-10-30 
2 'Structure model' 1 1 2011-07-13 
3 'Structure model' 1 2 2024-10-23 
# 
_pdbx_audit_revision_details.ordinal             1 
_pdbx_audit_revision_details.revision_ordinal    1 
_pdbx_audit_revision_details.data_content_type   'Structure model' 
_pdbx_audit_revision_details.provider            repository 
_pdbx_audit_revision_details.type                'Initial release' 
_pdbx_audit_revision_details.description         ? 
_pdbx_audit_revision_details.details             ? 
# 
loop_
_pdbx_audit_revision_group.ordinal 
_pdbx_audit_revision_group.revision_ordinal 
_pdbx_audit_revision_group.data_content_type 
_pdbx_audit_revision_group.group 
1 2 'Structure model' 'Source and taxonomy'       
2 2 'Structure model' 'Version format compliance' 
3 3 'Structure model' 'Data collection'           
4 3 'Structure model' 'Database references'       
5 3 'Structure model' 'Derived calculations'      
6 3 'Structure model' 'Structure summary'         
# 
loop_
_pdbx_audit_revision_category.ordinal 
_pdbx_audit_revision_category.revision_ordinal 
_pdbx_audit_revision_category.data_content_type 
_pdbx_audit_revision_category.category 
1 3 'Structure model' chem_comp_atom            
2 3 'Structure model' chem_comp_bond            
3 3 'Structure model' database_2                
4 3 'Structure model' pdbx_entry_details        
5 3 'Structure model' pdbx_modification_feature 
6 3 'Structure model' struct_conn               
# 
loop_
_pdbx_audit_revision_item.ordinal 
_pdbx_audit_revision_item.revision_ordinal 
_pdbx_audit_revision_item.data_content_type 
_pdbx_audit_revision_item.item 
1 3 'Structure model' '_database_2.pdbx_DOI'                
2 3 'Structure model' '_database_2.pdbx_database_accession' 
3 3 'Structure model' '_struct_conn.pdbx_leaving_atom_flag' 
# 
_pdbx_database_status.status_code                     REL 
_pdbx_database_status.entry_id                        2YXB 
_pdbx_database_status.recvd_initial_deposition_date   2007-04-25 
_pdbx_database_status.deposit_site                    PDBJ 
_pdbx_database_status.process_site                    PDBJ 
_pdbx_database_status.status_code_sf                  REL 
_pdbx_database_status.status_code_mr                  ? 
_pdbx_database_status.SG_entry                        Y 
_pdbx_database_status.pdb_format_compatible           Y 
_pdbx_database_status.status_code_cs                  ? 
_pdbx_database_status.status_code_nmr_data            ? 
_pdbx_database_status.methods_development_category    ? 
# 
_pdbx_database_related.db_name        TargetDB 
_pdbx_database_related.db_id          ape001001686.2 
_pdbx_database_related.details        . 
_pdbx_database_related.content_type   unspecified 
# 
loop_
_audit_author.name 
_audit_author.pdbx_ordinal 
'Handa, N.'                                              1 
'Bessho, Y.'                                             2 
'Yokoyama, S.'                                           3 
'RIKEN Structural Genomics/Proteomics Initiative (RSGI)' 4 
# 
_citation.id                        primary 
_citation.title                     'Crystal structure of the methylmalonyl-CoA mutase alpha-subunit from Aeropyrum pernix' 
_citation.journal_abbrev            'To be Published' 
_citation.journal_volume            ? 
_citation.page_first                ? 
_citation.page_last                 ? 
_citation.year                      ? 
_citation.journal_id_ASTM           ? 
_citation.country                   ? 
_citation.journal_id_ISSN           ? 
_citation.journal_id_CSD            0353 
_citation.book_publisher            ? 
_citation.pdbx_database_id_PubMed   ? 
_citation.pdbx_database_id_DOI      ? 
# 
loop_
_citation_author.citation_id 
_citation_author.name 
_citation_author.ordinal 
_citation_author.identifier_ORCID 
primary 'Handa, N.'    1 ? 
primary 'Bessho, Y.'   2 ? 
primary 'Yokoyama, S.' 3 ? 
# 
loop_
_entity.id 
_entity.type 
_entity.src_method 
_entity.pdbx_description 
_entity.formula_weight 
_entity.pdbx_number_of_molecules 
_entity.pdbx_ec 
_entity.pdbx_mutation 
_entity.pdbx_fragment 
_entity.details 
1 polymer man 'Coenzyme B12-dependent mutase' 17982.953 1  5.4.99.2 ? ? ? 
2 water   nat water                           18.015    79 ?        ? ? ? 
# 
_entity_name_com.entity_id   1 
_entity_name_com.name        'Methylmalonyl-CoA mutase' 
# 
_entity_poly.entity_id                      1 
_entity_poly.type                           'polypeptide(L)' 
_entity_poly.nstd_linkage                   no 
_entity_poly.nstd_monomer                   yes 
_entity_poly.pdbx_seq_one_letter_code       
;(MSE)SSLQSTRERVLGTPRRRYKVLVAK(MSE)GLDGHDRGAKVVARALRDAGFEVVYTGLRQTPEQVA(MSE)AAVQE
DVDVIGVSILNGAHLHL(MSE)KRL(MSE)AKLRELGADDIPVVLGGTIPIPDLEPLRSLGIREIFLPGTSLGEIIEKVR
KLAEEKR(MSE)REEAEASEQVGQA
;
_entity_poly.pdbx_seq_one_letter_code_can   
;MSSLQSTRERVLGTPRRRYKVLVAKMGLDGHDRGAKVVARALRDAGFEVVYTGLRQTPEQVAMAAVQEDVDVIGVSILNG
AHLHLMKRLMAKLRELGADDIPVVLGGTIPIPDLEPLRSLGIREIFLPGTSLGEIIEKVRKLAEEKRMREEAEASEQVGQ
A
;
_entity_poly.pdbx_strand_id                 A 
_entity_poly.pdbx_target_identifier         ape001001686.2 
# 
_pdbx_entity_nonpoly.entity_id   2 
_pdbx_entity_nonpoly.name        water 
_pdbx_entity_nonpoly.comp_id     HOH 
# 
loop_
_entity_poly_seq.entity_id 
_entity_poly_seq.num 
_entity_poly_seq.mon_id 
_entity_poly_seq.hetero 
1 1   MSE n 
1 2   SER n 
1 3   SER n 
1 4   LEU n 
1 5   GLN n 
1 6   SER n 
1 7   THR n 
1 8   ARG n 
1 9   GLU n 
1 10  ARG n 
1 11  VAL n 
1 12  LEU n 
1 13  GLY n 
1 14  THR n 
1 15  PRO n 
1 16  ARG n 
1 17  ARG n 
1 18  ARG n 
1 19  TYR n 
1 20  LYS n 
1 21  VAL n 
1 22  LEU n 
1 23  VAL n 
1 24  ALA n 
1 25  LYS n 
1 26  MSE n 
1 27  GLY n 
1 28  LEU n 
1 29  ASP n 
1 30  GLY n 
1 31  HIS n 
1 32  ASP n 
1 33  ARG n 
1 34  GLY n 
1 35  ALA n 
1 36  LYS n 
1 37  VAL n 
1 38  VAL n 
1 39  ALA n 
1 40  ARG n 
1 41  ALA n 
1 42  LEU n 
1 43  ARG n 
1 44  ASP n 
1 45  ALA n 
1 46  GLY n 
1 47  PHE n 
1 48  GLU n 
1 49  VAL n 
1 50  VAL n 
1 51  TYR n 
1 52  THR n 
1 53  GLY n 
1 54  LEU n 
1 55  ARG n 
1 56  GLN n 
1 57  THR n 
1 58  PRO n 
1 59  GLU n 
1 60  GLN n 
1 61  VAL n 
1 62  ALA n 
1 63  MSE n 
1 64  ALA n 
1 65  ALA n 
1 66  VAL n 
1 67  GLN n 
1 68  GLU n 
1 69  ASP n 
1 70  VAL n 
1 71  ASP n 
1 72  VAL n 
1 73  ILE n 
1 74  GLY n 
1 75  VAL n 
1 76  SER n 
1 77  ILE n 
1 78  LEU n 
1 79  ASN n 
1 80  GLY n 
1 81  ALA n 
1 82  HIS n 
1 83  LEU n 
1 84  HIS n 
1 85  LEU n 
1 86  MSE n 
1 87  LYS n 
1 88  ARG n 
1 89  LEU n 
1 90  MSE n 
1 91  ALA n 
1 92  LYS n 
1 93  LEU n 
1 94  ARG n 
1 95  GLU n 
1 96  LEU n 
1 97  GLY n 
1 98  ALA n 
1 99  ASP n 
1 100 ASP n 
1 101 ILE n 
1 102 PRO n 
1 103 VAL n 
1 104 VAL n 
1 105 LEU n 
1 106 GLY n 
1 107 GLY n 
1 108 THR n 
1 109 ILE n 
1 110 PRO n 
1 111 ILE n 
1 112 PRO n 
1 113 ASP n 
1 114 LEU n 
1 115 GLU n 
1 116 PRO n 
1 117 LEU n 
1 118 ARG n 
1 119 SER n 
1 120 LEU n 
1 121 GLY n 
1 122 ILE n 
1 123 ARG n 
1 124 GLU n 
1 125 ILE n 
1 126 PHE n 
1 127 LEU n 
1 128 PRO n 
1 129 GLY n 
1 130 THR n 
1 131 SER n 
1 132 LEU n 
1 133 GLY n 
1 134 GLU n 
1 135 ILE n 
1 136 ILE n 
1 137 GLU n 
1 138 LYS n 
1 139 VAL n 
1 140 ARG n 
1 141 LYS n 
1 142 LEU n 
1 143 ALA n 
1 144 GLU n 
1 145 GLU n 
1 146 LYS n 
1 147 ARG n 
1 148 MSE n 
1 149 ARG n 
1 150 GLU n 
1 151 GLU n 
1 152 ALA n 
1 153 GLU n 
1 154 ALA n 
1 155 SER n 
1 156 GLU n 
1 157 GLN n 
1 158 VAL n 
1 159 GLY n 
1 160 GLN n 
1 161 ALA n 
# 
_entity_src_gen.entity_id                          1 
_entity_src_gen.pdbx_src_id                        1 
_entity_src_gen.pdbx_alt_source_flag               sample 
_entity_src_gen.pdbx_seq_type                      ? 
_entity_src_gen.pdbx_beg_seq_num                   ? 
_entity_src_gen.pdbx_end_seq_num                   ? 
_entity_src_gen.gene_src_common_name               ? 
_entity_src_gen.gene_src_genus                     Aeropyrum 
_entity_src_gen.pdbx_gene_src_gene                 ? 
_entity_src_gen.gene_src_species                   'Aeropyrum pernix' 
_entity_src_gen.gene_src_strain                    K1 
_entity_src_gen.gene_src_tissue                    ? 
_entity_src_gen.gene_src_tissue_fraction           ? 
_entity_src_gen.gene_src_details                   ? 
_entity_src_gen.pdbx_gene_src_fragment             ? 
_entity_src_gen.pdbx_gene_src_scientific_name      'Aeropyrum pernix' 
_entity_src_gen.pdbx_gene_src_ncbi_taxonomy_id     272557 
_entity_src_gen.pdbx_gene_src_variant              ? 
_entity_src_gen.pdbx_gene_src_cell_line            ? 
_entity_src_gen.pdbx_gene_src_atcc                 ? 
_entity_src_gen.pdbx_gene_src_organ                ? 
_entity_src_gen.pdbx_gene_src_organelle            ? 
_entity_src_gen.pdbx_gene_src_cell                 ? 
_entity_src_gen.pdbx_gene_src_cellular_location    ? 
_entity_src_gen.host_org_common_name               ? 
_entity_src_gen.pdbx_host_org_scientific_name      'Escherichia coli' 
_entity_src_gen.pdbx_host_org_ncbi_taxonomy_id     562 
_entity_src_gen.host_org_genus                     Escherichia 
_entity_src_gen.pdbx_host_org_gene                 ? 
_entity_src_gen.pdbx_host_org_organ                ? 
_entity_src_gen.host_org_species                   ? 
_entity_src_gen.pdbx_host_org_tissue               ? 
_entity_src_gen.pdbx_host_org_tissue_fraction      ? 
_entity_src_gen.pdbx_host_org_strain               'BL21-CodonPlus (DE3)-RIL-X' 
_entity_src_gen.pdbx_host_org_variant              ? 
_entity_src_gen.pdbx_host_org_cell_line            ? 
_entity_src_gen.pdbx_host_org_atcc                 ? 
_entity_src_gen.pdbx_host_org_culture_collection   ? 
_entity_src_gen.pdbx_host_org_cell                 ? 
_entity_src_gen.pdbx_host_org_organelle            ? 
_entity_src_gen.pdbx_host_org_cellular_location    ? 
_entity_src_gen.pdbx_host_org_vector_type          plasmid 
_entity_src_gen.pdbx_host_org_vector               ? 
_entity_src_gen.host_org_details                   ? 
_entity_src_gen.expression_system_id               ? 
_entity_src_gen.plasmid_name                       pET-21a 
_entity_src_gen.plasmid_details                    ? 
_entity_src_gen.pdbx_description                   ? 
# 
loop_
_chem_comp.id 
_chem_comp.type 
_chem_comp.mon_nstd_flag 
_chem_comp.name 
_chem_comp.pdbx_synonyms 
_chem_comp.formula 
_chem_comp.formula_weight 
ALA 'L-peptide linking' y ALANINE          ? 'C3 H7 N O2'     89.093  
ARG 'L-peptide linking' y ARGININE         ? 'C6 H15 N4 O2 1' 175.209 
ASN 'L-peptide linking' y ASPARAGINE       ? 'C4 H8 N2 O3'    132.118 
ASP 'L-peptide linking' y 'ASPARTIC ACID'  ? 'C4 H7 N O4'     133.103 
GLN 'L-peptide linking' y GLUTAMINE        ? 'C5 H10 N2 O3'   146.144 
GLU 'L-peptide linking' y 'GLUTAMIC ACID'  ? 'C5 H9 N O4'     147.129 
GLY 'peptide linking'   y GLYCINE          ? 'C2 H5 N O2'     75.067  
HIS 'L-peptide linking' y HISTIDINE        ? 'C6 H10 N3 O2 1' 156.162 
HOH non-polymer         . WATER            ? 'H2 O'           18.015  
ILE 'L-peptide linking' y ISOLEUCINE       ? 'C6 H13 N O2'    131.173 
LEU 'L-peptide linking' y LEUCINE          ? 'C6 H13 N O2'    131.173 
LYS 'L-peptide linking' y LYSINE           ? 'C6 H15 N2 O2 1' 147.195 
MSE 'L-peptide linking' n SELENOMETHIONINE ? 'C5 H11 N O2 Se' 196.106 
PHE 'L-peptide linking' y PHENYLALANINE    ? 'C9 H11 N O2'    165.189 
PRO 'L-peptide linking' y PROLINE          ? 'C5 H9 N O2'     115.130 
SER 'L-peptide linking' y SERINE           ? 'C3 H7 N O3'     105.093 
THR 'L-peptide linking' y THREONINE        ? 'C4 H9 N O3'     119.119 
TYR 'L-peptide linking' y TYROSINE         ? 'C9 H11 N O3'    181.189 
VAL 'L-peptide linking' y VALINE           ? 'C5 H11 N O2'    117.146 
# 
loop_
_pdbx_poly_seq_scheme.asym_id 
_pdbx_poly_seq_scheme.entity_id 
_pdbx_poly_seq_scheme.seq_id 
_pdbx_poly_seq_scheme.mon_id 
_pdbx_poly_seq_scheme.ndb_seq_num 
_pdbx_poly_seq_scheme.pdb_seq_num 
_pdbx_poly_seq_scheme.auth_seq_num 
_pdbx_poly_seq_scheme.pdb_mon_id 
_pdbx_poly_seq_scheme.auth_mon_id 
_pdbx_poly_seq_scheme.pdb_strand_id 
_pdbx_poly_seq_scheme.pdb_ins_code 
_pdbx_poly_seq_scheme.hetero 
A 1 1   MSE 1   3   ?   ?   ?   A . n 
A 1 2   SER 2   4   ?   ?   ?   A . n 
A 1 3   SER 3   5   ?   ?   ?   A . n 
A 1 4   LEU 4   6   ?   ?   ?   A . n 
A 1 5   GLN 5   7   ?   ?   ?   A . n 
A 1 6   SER 6   8   ?   ?   ?   A . n 
A 1 7   THR 7   9   ?   ?   ?   A . n 
A 1 8   ARG 8   10  ?   ?   ?   A . n 
A 1 9   GLU 9   11  ?   ?   ?   A . n 
A 1 10  ARG 10  12  ?   ?   ?   A . n 
A 1 11  VAL 11  13  ?   ?   ?   A . n 
A 1 12  LEU 12  14  ?   ?   ?   A . n 
A 1 13  GLY 13  15  ?   ?   ?   A . n 
A 1 14  THR 14  16  ?   ?   ?   A . n 
A 1 15  PRO 15  17  ?   ?   ?   A . n 
A 1 16  ARG 16  18  18  ARG ARG A . n 
A 1 17  ARG 17  19  19  ARG ARG A . n 
A 1 18  ARG 18  20  20  ARG ARG A . n 
A 1 19  TYR 19  21  21  TYR TYR A . n 
A 1 20  LYS 20  22  22  LYS LYS A . n 
A 1 21  VAL 21  23  23  VAL VAL A . n 
A 1 22  LEU 22  24  24  LEU LEU A . n 
A 1 23  VAL 23  25  25  VAL VAL A . n 
A 1 24  ALA 24  26  26  ALA ALA A . n 
A 1 25  LYS 25  27  27  LYS LYS A . n 
A 1 26  MSE 26  28  28  MSE MSE A . n 
A 1 27  GLY 27  29  29  GLY GLY A . n 
A 1 28  LEU 28  30  30  LEU LEU A . n 
A 1 29  ASP 29  31  31  ASP ASP A . n 
A 1 30  GLY 30  32  32  GLY GLY A . n 
A 1 31  HIS 31  33  33  HIS HIS A . n 
A 1 32  ASP 32  34  34  ASP ASP A . n 
A 1 33  ARG 33  35  35  ARG ARG A . n 
A 1 34  GLY 34  36  36  GLY GLY A . n 
A 1 35  ALA 35  37  37  ALA ALA A . n 
A 1 36  LYS 36  38  38  LYS LYS A . n 
A 1 37  VAL 37  39  39  VAL VAL A . n 
A 1 38  VAL 38  40  40  VAL VAL A . n 
A 1 39  ALA 39  41  41  ALA ALA A . n 
A 1 40  ARG 40  42  42  ARG ARG A . n 
A 1 41  ALA 41  43  43  ALA ALA A . n 
A 1 42  LEU 42  44  44  LEU LEU A . n 
A 1 43  ARG 43  45  45  ARG ARG A . n 
A 1 44  ASP 44  46  46  ASP ASP A . n 
A 1 45  ALA 45  47  47  ALA ALA A . n 
A 1 46  GLY 46  48  48  GLY GLY A . n 
A 1 47  PHE 47  49  49  PHE PHE A . n 
A 1 48  GLU 48  50  50  GLU GLU A . n 
A 1 49  VAL 49  51  51  VAL VAL A . n 
A 1 50  VAL 50  52  52  VAL VAL A . n 
A 1 51  TYR 51  53  53  TYR TYR A . n 
A 1 52  THR 52  54  54  THR THR A . n 
A 1 53  GLY 53  55  55  GLY GLY A . n 
A 1 54  LEU 54  56  56  LEU LEU A . n 
A 1 55  ARG 55  57  57  ARG ARG A . n 
A 1 56  GLN 56  58  58  GLN GLN A . n 
A 1 57  THR 57  59  59  THR THR A . n 
A 1 58  PRO 58  60  60  PRO PRO A . n 
A 1 59  GLU 59  61  61  GLU GLU A . n 
A 1 60  GLN 60  62  62  GLN GLN A . n 
A 1 61  VAL 61  63  63  VAL VAL A . n 
A 1 62  ALA 62  64  64  ALA ALA A . n 
A 1 63  MSE 63  65  65  MSE MSE A . n 
A 1 64  ALA 64  66  66  ALA ALA A . n 
A 1 65  ALA 65  67  67  ALA ALA A . n 
A 1 66  VAL 66  68  68  VAL VAL A . n 
A 1 67  GLN 67  69  69  GLN GLN A . n 
A 1 68  GLU 68  70  70  GLU GLU A . n 
A 1 69  ASP 69  71  71  ASP ASP A . n 
A 1 70  VAL 70  72  72  VAL VAL A . n 
A 1 71  ASP 71  73  73  ASP ASP A . n 
A 1 72  VAL 72  74  74  VAL VAL A . n 
A 1 73  ILE 73  75  75  ILE ILE A . n 
A 1 74  GLY 74  76  76  GLY GLY A . n 
A 1 75  VAL 75  77  77  VAL VAL A . n 
A 1 76  SER 76  78  78  SER SER A . n 
A 1 77  ILE 77  79  79  ILE ILE A . n 
A 1 78  LEU 78  80  80  LEU LEU A . n 
A 1 79  ASN 79  81  81  ASN ASN A . n 
A 1 80  GLY 80  82  82  GLY GLY A . n 
A 1 81  ALA 81  83  83  ALA ALA A . n 
A 1 82  HIS 82  84  84  HIS HIS A . n 
A 1 83  LEU 83  85  85  LEU LEU A . n 
A 1 84  HIS 84  86  86  HIS HIS A . n 
A 1 85  LEU 85  87  87  LEU LEU A . n 
A 1 86  MSE 86  88  88  MSE MSE A . n 
A 1 87  LYS 87  89  89  LYS LYS A . n 
A 1 88  ARG 88  90  90  ARG ARG A . n 
A 1 89  LEU 89  91  91  LEU LEU A . n 
A 1 90  MSE 90  92  92  MSE MSE A . n 
A 1 91  ALA 91  93  93  ALA ALA A . n 
A 1 92  LYS 92  94  94  LYS LYS A . n 
A 1 93  LEU 93  95  95  LEU LEU A . n 
A 1 94  ARG 94  96  96  ARG ARG A . n 
A 1 95  GLU 95  97  97  GLU GLU A . n 
A 1 96  LEU 96  98  98  LEU LEU A . n 
A 1 97  GLY 97  99  99  GLY GLY A . n 
A 1 98  ALA 98  100 100 ALA ALA A . n 
A 1 99  ASP 99  101 101 ASP ASP A . n 
A 1 100 ASP 100 102 102 ASP ASP A . n 
A 1 101 ILE 101 103 103 ILE ILE A . n 
A 1 102 PRO 102 104 104 PRO PRO A . n 
A 1 103 VAL 103 105 105 VAL VAL A . n 
A 1 104 VAL 104 106 106 VAL VAL A . n 
A 1 105 LEU 105 107 107 LEU LEU A . n 
A 1 106 GLY 106 108 108 GLY GLY A . n 
A 1 107 GLY 107 109 109 GLY GLY A . n 
A 1 108 THR 108 110 110 THR THR A . n 
A 1 109 ILE 109 111 111 ILE ILE A . n 
A 1 110 PRO 110 112 112 PRO PRO A . n 
A 1 111 ILE 111 113 113 ILE ILE A . n 
A 1 112 PRO 112 114 114 PRO PRO A . n 
A 1 113 ASP 113 115 115 ASP ASP A . n 
A 1 114 LEU 114 116 116 LEU LEU A . n 
A 1 115 GLU 115 117 117 GLU GLU A . n 
A 1 116 PRO 116 118 118 PRO PRO A . n 
A 1 117 LEU 117 119 119 LEU LEU A . n 
A 1 118 ARG 118 120 120 ARG ARG A . n 
A 1 119 SER 119 121 121 SER SER A . n 
A 1 120 LEU 120 122 122 LEU LEU A . n 
A 1 121 GLY 121 123 123 GLY GLY A . n 
A 1 122 ILE 122 124 124 ILE ILE A . n 
A 1 123 ARG 123 125 125 ARG ARG A . n 
A 1 124 GLU 124 126 126 GLU GLU A . n 
A 1 125 ILE 125 127 127 ILE ILE A . n 
A 1 126 PHE 126 128 128 PHE PHE A . n 
A 1 127 LEU 127 129 129 LEU LEU A . n 
A 1 128 PRO 128 130 130 PRO PRO A . n 
A 1 129 GLY 129 131 131 GLY GLY A . n 
A 1 130 THR 130 132 132 THR THR A . n 
A 1 131 SER 131 133 133 SER SER A . n 
A 1 132 LEU 132 134 134 LEU LEU A . n 
A 1 133 GLY 133 135 135 GLY GLY A . n 
A 1 134 GLU 134 136 136 GLU GLU A . n 
A 1 135 ILE 135 137 137 ILE ILE A . n 
A 1 136 ILE 136 138 138 ILE ILE A . n 
A 1 137 GLU 137 139 139 GLU GLU A . n 
A 1 138 LYS 138 140 140 LYS LYS A . n 
A 1 139 VAL 139 141 141 VAL VAL A . n 
A 1 140 ARG 140 142 142 ARG ARG A . n 
A 1 141 LYS 141 143 143 LYS LYS A . n 
A 1 142 LEU 142 144 144 LEU LEU A . n 
A 1 143 ALA 143 145 145 ALA ALA A . n 
A 1 144 GLU 144 146 146 GLU GLU A . n 
A 1 145 GLU 145 147 147 GLU GLU A . n 
A 1 146 LYS 146 148 148 LYS LYS A . n 
A 1 147 ARG 147 149 149 ARG ARG A . n 
A 1 148 MSE 148 150 150 MSE MSE A . n 
A 1 149 ARG 149 151 151 ARG ARG A . n 
A 1 150 GLU 150 152 152 GLU GLU A . n 
A 1 151 GLU 151 153 153 GLU GLU A . n 
A 1 152 ALA 152 154 154 ALA ALA A . n 
A 1 153 GLU 153 155 155 GLU GLU A . n 
A 1 154 ALA 154 156 156 ALA ALA A . n 
A 1 155 SER 155 157 ?   ?   ?   A . n 
A 1 156 GLU 156 158 ?   ?   ?   A . n 
A 1 157 GLN 157 159 ?   ?   ?   A . n 
A 1 158 VAL 158 160 ?   ?   ?   A . n 
A 1 159 GLY 159 161 ?   ?   ?   A . n 
A 1 160 GLN 160 162 ?   ?   ?   A . n 
A 1 161 ALA 161 163 ?   ?   ?   A . n 
# 
loop_
_pdbx_nonpoly_scheme.asym_id 
_pdbx_nonpoly_scheme.entity_id 
_pdbx_nonpoly_scheme.mon_id 
_pdbx_nonpoly_scheme.ndb_seq_num 
_pdbx_nonpoly_scheme.pdb_seq_num 
_pdbx_nonpoly_scheme.auth_seq_num 
_pdbx_nonpoly_scheme.pdb_mon_id 
_pdbx_nonpoly_scheme.auth_mon_id 
_pdbx_nonpoly_scheme.pdb_strand_id 
_pdbx_nonpoly_scheme.pdb_ins_code 
B 2 HOH 1  164 1  HOH HOH A . 
B 2 HOH 2  165 2  HOH HOH A . 
B 2 HOH 3  166 3  HOH HOH A . 
B 2 HOH 4  167 4  HOH HOH A . 
B 2 HOH 5  168 5  HOH HOH A . 
B 2 HOH 6  169 6  HOH HOH A . 
B 2 HOH 7  170 7  HOH HOH A . 
B 2 HOH 8  171 8  HOH HOH A . 
B 2 HOH 9  172 9  HOH HOH A . 
B 2 HOH 10 173 10 HOH HOH A . 
B 2 HOH 11 174 11 HOH HOH A . 
B 2 HOH 12 175 12 HOH HOH A . 
B 2 HOH 13 176 13 HOH HOH A . 
B 2 HOH 14 177 14 HOH HOH A . 
B 2 HOH 15 178 15 HOH HOH A . 
B 2 HOH 16 179 16 HOH HOH A . 
B 2 HOH 17 180 17 HOH HOH A . 
B 2 HOH 18 181 18 HOH HOH A . 
B 2 HOH 19 182 19 HOH HOH A . 
B 2 HOH 20 183 20 HOH HOH A . 
B 2 HOH 21 184 21 HOH HOH A . 
B 2 HOH 22 185 22 HOH HOH A . 
B 2 HOH 23 186 23 HOH HOH A . 
B 2 HOH 24 187 24 HOH HOH A . 
B 2 HOH 25 188 25 HOH HOH A . 
B 2 HOH 26 189 26 HOH HOH A . 
B 2 HOH 27 190 27 HOH HOH A . 
B 2 HOH 28 191 28 HOH HOH A . 
B 2 HOH 29 192 29 HOH HOH A . 
B 2 HOH 30 193 30 HOH HOH A . 
B 2 HOH 31 194 31 HOH HOH A . 
B 2 HOH 32 195 32 HOH HOH A . 
B 2 HOH 33 196 33 HOH HOH A . 
B 2 HOH 34 197 34 HOH HOH A . 
B 2 HOH 35 198 35 HOH HOH A . 
B 2 HOH 36 199 36 HOH HOH A . 
B 2 HOH 37 200 37 HOH HOH A . 
B 2 HOH 38 201 38 HOH HOH A . 
B 2 HOH 39 202 39 HOH HOH A . 
B 2 HOH 40 203 40 HOH HOH A . 
B 2 HOH 41 204 41 HOH HOH A . 
B 2 HOH 42 205 42 HOH HOH A . 
B 2 HOH 43 206 43 HOH HOH A . 
B 2 HOH 44 207 44 HOH HOH A . 
B 2 HOH 45 208 45 HOH HOH A . 
B 2 HOH 46 209 46 HOH HOH A . 
B 2 HOH 47 210 47 HOH HOH A . 
B 2 HOH 48 211 48 HOH HOH A . 
B 2 HOH 49 212 49 HOH HOH A . 
B 2 HOH 50 213 50 HOH HOH A . 
B 2 HOH 51 214 51 HOH HOH A . 
B 2 HOH 52 215 52 HOH HOH A . 
B 2 HOH 53 216 53 HOH HOH A . 
B 2 HOH 54 217 54 HOH HOH A . 
B 2 HOH 55 218 55 HOH HOH A . 
B 2 HOH 56 219 56 HOH HOH A . 
B 2 HOH 57 220 57 HOH HOH A . 
B 2 HOH 58 221 58 HOH HOH A . 
B 2 HOH 59 222 59 HOH HOH A . 
B 2 HOH 60 223 60 HOH HOH A . 
B 2 HOH 61 224 61 HOH HOH A . 
B 2 HOH 62 225 62 HOH HOH A . 
B 2 HOH 63 226 63 HOH HOH A . 
B 2 HOH 64 227 64 HOH HOH A . 
B 2 HOH 65 228 65 HOH HOH A . 
B 2 HOH 66 229 66 HOH HOH A . 
B 2 HOH 67 230 67 HOH HOH A . 
B 2 HOH 68 231 68 HOH HOH A . 
B 2 HOH 69 232 69 HOH HOH A . 
B 2 HOH 70 233 70 HOH HOH A . 
B 2 HOH 71 234 71 HOH HOH A . 
B 2 HOH 72 235 72 HOH HOH A . 
B 2 HOH 73 236 73 HOH HOH A . 
B 2 HOH 74 237 74 HOH HOH A . 
B 2 HOH 75 238 75 HOH HOH A . 
B 2 HOH 76 239 76 HOH HOH A . 
B 2 HOH 77 240 77 HOH HOH A . 
B 2 HOH 78 241 78 HOH HOH A . 
B 2 HOH 79 242 79 HOH HOH A . 
# 
loop_
_software.name 
_software.classification 
_software.version 
_software.citation_id 
_software.pdbx_ordinal 
REFMAC   refinement        5.1.24 ? 1 
HKL-2000 'data collection' .      ? 2 
HKL-2000 'data reduction'  .      ? 3 
HKL-2000 'data scaling'    .      ? 4 
SOLVE    phasing           .      ? 5 
# 
_cell.entry_id           2YXB 
_cell.length_a           42.902 
_cell.length_b           51.134 
_cell.length_c           54.564 
_cell.angle_alpha        90.00 
_cell.angle_beta         90.00 
_cell.angle_gamma        90.00 
_cell.Z_PDB              4 
_cell.pdbx_unique_axis   ? 
_cell.length_a_esd       ? 
_cell.length_b_esd       ? 
_cell.length_c_esd       ? 
_cell.angle_alpha_esd    ? 
_cell.angle_beta_esd     ? 
_cell.angle_gamma_esd    ? 
# 
_symmetry.entry_id                         2YXB 
_symmetry.space_group_name_H-M             'P 21 21 21' 
_symmetry.pdbx_full_space_group_name_H-M   ? 
_symmetry.cell_setting                     ? 
_symmetry.Int_Tables_number                19 
_symmetry.space_group_name_Hall            ? 
# 
_exptl.entry_id          2YXB 
_exptl.method            'X-RAY DIFFRACTION' 
_exptl.crystals_number   1 
# 
_exptl_crystal.id                    1 
_exptl_crystal.density_meas          ? 
_exptl_crystal.density_Matthews      1.662207 
_exptl_crystal.density_percent_sol   26.002010 
_exptl_crystal.description           ? 
_exptl_crystal.F_000                 ? 
_exptl_crystal.preparation           ? 
# 
_exptl_crystal_grow.crystal_id      1 
_exptl_crystal_grow.method          'oil batch' 
_exptl_crystal_grow.temp            293 
_exptl_crystal_grow.temp_details    ? 
_exptl_crystal_grow.pH              ? 
_exptl_crystal_grow.pdbx_details    '0.4M Ammonium dihydrogen phosphate, oil batch, temperature 293K' 
_exptl_crystal_grow.pdbx_pH_range   . 
# 
_diffrn.id                     1 
_diffrn.ambient_temp           100 
_diffrn.ambient_temp_details   ? 
_diffrn.crystal_id             1 
# 
_diffrn_detector.diffrn_id              1 
_diffrn_detector.detector               CCD 
_diffrn_detector.type                   'RIGAKU JUPITER 210' 
_diffrn_detector.pdbx_collection_date   2006-10-15 
_diffrn_detector.details                mirrors 
# 
_diffrn_radiation.diffrn_id                        1 
_diffrn_radiation.wavelength_id                    1 
_diffrn_radiation.pdbx_monochromatic_or_laue_m_l   M 
_diffrn_radiation.monochromator                    Si 
_diffrn_radiation.pdbx_diffrn_protocol             MAD 
_diffrn_radiation.pdbx_scattering_type             x-ray 
# 
loop_
_diffrn_radiation_wavelength.id 
_diffrn_radiation_wavelength.wavelength 
_diffrn_radiation_wavelength.wt 
1 0.97884 1.0 
2 0.90000 1.0 
3 0.97938 1.0 
# 
_diffrn_source.diffrn_id                   1 
_diffrn_source.source                      SYNCHROTRON 
_diffrn_source.type                        'SPRING-8 BEAMLINE BL26B2' 
_diffrn_source.pdbx_synchrotron_site       SPring-8 
_diffrn_source.pdbx_synchrotron_beamline   BL26B2 
_diffrn_source.pdbx_wavelength             ? 
_diffrn_source.pdbx_wavelength_list        '0.97884, 0.90000, 0.97938' 
# 
_reflns.entry_id                     2YXB 
_reflns.observed_criterion_sigma_F   ? 
_reflns.observed_criterion_sigma_I   -3 
_reflns.d_resolution_high            1.8 
_reflns.d_resolution_low             50 
_reflns.number_all                   ? 
_reflns.number_obs                   11582 
_reflns.percent_possible_obs         99.8 
_reflns.pdbx_Rmerge_I_obs            ? 
_reflns.pdbx_Rsym_value              0.067 
_reflns.pdbx_netI_over_sigmaI        17.8 
_reflns.B_iso_Wilson_estimate        ? 
_reflns.pdbx_redundancy              6.6 
_reflns.R_free_details               ? 
_reflns.limit_h_max                  ? 
_reflns.limit_h_min                  ? 
_reflns.limit_k_max                  ? 
_reflns.limit_k_min                  ? 
_reflns.limit_l_max                  ? 
_reflns.limit_l_min                  ? 
_reflns.observed_criterion_F_max     ? 
_reflns.observed_criterion_F_min     ? 
_reflns.pdbx_chi_squared             ? 
_reflns.pdbx_scaling_rejects         ? 
_reflns.pdbx_ordinal                 1 
_reflns.pdbx_diffrn_id               1 
# 
_reflns_shell.d_res_high             1.8 
_reflns_shell.d_res_low              1.86 
_reflns_shell.percent_possible_all   98.9 
_reflns_shell.Rmerge_I_obs           ? 
_reflns_shell.pdbx_Rsym_value        0.350 
_reflns_shell.meanI_over_sigI_obs    2.6 
_reflns_shell.pdbx_redundancy        ? 
_reflns_shell.percent_possible_obs   ? 
_reflns_shell.number_unique_all      ? 
_reflns_shell.number_measured_all    ? 
_reflns_shell.number_measured_obs    ? 
_reflns_shell.number_unique_obs      ? 
_reflns_shell.pdbx_chi_squared       ? 
_reflns_shell.pdbx_ordinal           1 
_reflns_shell.pdbx_diffrn_id         1 
# 
_refine.entry_id                                 2YXB 
_refine.ls_number_reflns_obs                     10970 
_refine.ls_number_reflns_all                     ? 
_refine.pdbx_ls_sigma_I                          ? 
_refine.pdbx_ls_sigma_F                          ? 
_refine.pdbx_data_cutoff_high_absF               ? 
_refine.pdbx_data_cutoff_low_absF                ? 
_refine.pdbx_data_cutoff_high_rms_absF           ? 
_refine.ls_d_res_low                             37.27 
_refine.ls_d_res_high                            1.80 
_refine.ls_percent_reflns_obs                    99.56 
_refine.ls_R_factor_obs                          0.21373 
_refine.ls_R_factor_all                          ? 
_refine.ls_R_factor_R_work                       0.21194 
_refine.ls_R_factor_R_free                       0.24713 
_refine.ls_R_factor_R_free_error                 ? 
_refine.ls_R_factor_R_free_error_details         ? 
_refine.ls_percent_reflns_R_free                 4.8 
_refine.ls_number_reflns_R_free                  552 
_refine.ls_number_parameters                     ? 
_refine.ls_number_restraints                     ? 
_refine.occupancy_min                            ? 
_refine.occupancy_max                            ? 
_refine.correlation_coeff_Fo_to_Fc               0.940 
_refine.correlation_coeff_Fo_to_Fc_free          0.938 
_refine.B_iso_mean                               33.745 
_refine.aniso_B[1][1]                            -0.79 
_refine.aniso_B[2][2]                            0.52 
_refine.aniso_B[3][3]                            0.27 
_refine.aniso_B[1][2]                            0.00 
_refine.aniso_B[1][3]                            0.00 
_refine.aniso_B[2][3]                            0.00 
_refine.solvent_model_details                    'BABINET MODEL WITH MASK' 
_refine.solvent_model_param_ksol                 ? 
_refine.solvent_model_param_bsol                 ? 
_refine.pdbx_solvent_vdw_probe_radii             1.40 
_refine.pdbx_solvent_ion_probe_radii             0.80 
_refine.pdbx_solvent_shrinkage_radii             0.80 
_refine.pdbx_ls_cross_valid_method               THROUGHOUT 
_refine.details                                  'HYDROGENS HAVE BEEN ADDED IN THE RIDING POSITIONS' 
_refine.pdbx_starting_model                      ? 
_refine.pdbx_method_to_determine_struct          MAD 
_refine.pdbx_isotropic_thermal_model             ? 
_refine.pdbx_stereochemistry_target_values       'MAXIMUM LIKELIHOOD' 
_refine.pdbx_stereochem_target_val_spec_case     ? 
_refine.pdbx_R_Free_selection_details            RANDOM 
_refine.pdbx_overall_ESU_R                       0.166 
_refine.pdbx_overall_ESU_R_Free                  0.147 
_refine.overall_SU_ML                            0.106 
_refine.overall_SU_B                             3.421 
_refine.ls_redundancy_reflns_obs                 ? 
_refine.B_iso_min                                ? 
_refine.B_iso_max                                ? 
_refine.overall_SU_R_Cruickshank_DPI             ? 
_refine.overall_SU_R_free                        ? 
_refine.ls_wR_factor_R_free                      ? 
_refine.ls_wR_factor_R_work                      ? 
_refine.overall_FOM_free_R_set                   ? 
_refine.overall_FOM_work_R_set                   ? 
_refine.pdbx_refine_id                           'X-RAY DIFFRACTION' 
_refine.pdbx_diffrn_id                           1 
_refine.pdbx_TLS_residual_ADP_flag               ? 
_refine.pdbx_overall_phase_error                 ? 
_refine.pdbx_overall_SU_R_free_Cruickshank_DPI   ? 
_refine.pdbx_overall_SU_R_Blow_DPI               ? 
_refine.pdbx_overall_SU_R_free_Blow_DPI          ? 
# 
_refine_hist.pdbx_refine_id                   'X-RAY DIFFRACTION' 
_refine_hist.cycle_id                         LAST 
_refine_hist.pdbx_number_atoms_protein        1074 
_refine_hist.pdbx_number_atoms_nucleic_acid   0 
_refine_hist.pdbx_number_atoms_ligand         0 
_refine_hist.number_atoms_solvent             79 
_refine_hist.number_atoms_total               1153 
_refine_hist.d_res_high                       1.80 
_refine_hist.d_res_low                        37.27 
# 
loop_
_refine_ls_restr.type 
_refine_ls_restr.dev_ideal 
_refine_ls_restr.dev_ideal_target 
_refine_ls_restr.weight 
_refine_ls_restr.number 
_refine_ls_restr.pdbx_refine_id 
_refine_ls_restr.pdbx_restraint_function 
r_bond_refined_d             0.033 0.022 ? 1087 'X-RAY DIFFRACTION' ? 
r_bond_other_d               0.002 0.020 ? 1089 'X-RAY DIFFRACTION' ? 
r_angle_refined_deg          2.166 2.000 ? 1461 'X-RAY DIFFRACTION' ? 
r_angle_other_deg            1.002 3.000 ? 2512 'X-RAY DIFFRACTION' ? 
r_dihedral_angle_1_deg       6.365 5.000 ? 138  'X-RAY DIFFRACTION' ? 
r_dihedral_angle_2_deg       ?     ?     ? ?    'X-RAY DIFFRACTION' ? 
r_dihedral_angle_3_deg       ?     ?     ? ?    'X-RAY DIFFRACTION' ? 
r_dihedral_angle_4_deg       ?     ?     ? ?    'X-RAY DIFFRACTION' ? 
r_chiral_restr               0.148 0.200 ? 170  'X-RAY DIFFRACTION' ? 
r_gen_planes_refined         0.009 0.020 ? 1194 'X-RAY DIFFRACTION' ? 
r_gen_planes_other           0.004 0.020 ? 212  'X-RAY DIFFRACTION' ? 
r_nbd_refined                0.222 0.200 ? 231  'X-RAY DIFFRACTION' ? 
r_nbd_other                  0.255 0.200 ? 1257 'X-RAY DIFFRACTION' ? 
r_nbtor_refined              ?     ?     ? ?    'X-RAY DIFFRACTION' ? 
r_nbtor_other                0.092 0.200 ? 753  'X-RAY DIFFRACTION' ? 
r_xyhbond_nbd_refined        0.200 0.200 ? 57   'X-RAY DIFFRACTION' ? 
r_xyhbond_nbd_other          ?     ?     ? ?    'X-RAY DIFFRACTION' ? 
r_metal_ion_refined          ?     ?     ? ?    'X-RAY DIFFRACTION' ? 
r_metal_ion_other            ?     ?     ? ?    'X-RAY DIFFRACTION' ? 
r_symmetry_vdw_refined       0.252 0.200 ? 6    'X-RAY DIFFRACTION' ? 
r_symmetry_vdw_other         0.219 0.200 ? 52   'X-RAY DIFFRACTION' ? 
r_symmetry_hbond_refined     0.204 0.200 ? 12   'X-RAY DIFFRACTION' ? 
r_symmetry_hbond_other       ?     ?     ? ?    'X-RAY DIFFRACTION' ? 
r_symmetry_metal_ion_refined ?     ?     ? ?    'X-RAY DIFFRACTION' ? 
r_symmetry_metal_ion_other   ?     ?     ? ?    'X-RAY DIFFRACTION' ? 
r_mcbond_it                  1.633 1.500 ? 688  'X-RAY DIFFRACTION' ? 
r_mcbond_other               ?     ?     ? ?    'X-RAY DIFFRACTION' ? 
r_mcangle_it                 2.888 2.000 ? 1102 'X-RAY DIFFRACTION' ? 
r_scbond_it                  4.419 3.000 ? 399  'X-RAY DIFFRACTION' ? 
r_scangle_it                 6.835 4.500 ? 359  'X-RAY DIFFRACTION' ? 
r_rigid_bond_restr           ?     ?     ? ?    'X-RAY DIFFRACTION' ? 
r_sphericity_free            ?     ?     ? ?    'X-RAY DIFFRACTION' ? 
r_sphericity_bonded          ?     ?     ? ?    'X-RAY DIFFRACTION' ? 
# 
_refine_ls_shell.pdbx_total_number_of_bins_used   20 
_refine_ls_shell.d_res_high                       1.802 
_refine_ls_shell.d_res_low                        1.849 
_refine_ls_shell.number_reflns_R_work             785 
_refine_ls_shell.R_factor_R_work                  0.237 
_refine_ls_shell.percent_reflns_obs               ? 
_refine_ls_shell.R_factor_R_free                  0.269 
_refine_ls_shell.R_factor_R_free_error            ? 
_refine_ls_shell.percent_reflns_R_free            ? 
_refine_ls_shell.number_reflns_R_free             36 
_refine_ls_shell.number_reflns_all                ? 
_refine_ls_shell.R_factor_all                     ? 
_refine_ls_shell.number_reflns_obs                ? 
_refine_ls_shell.redundancy_reflns_obs            ? 
_refine_ls_shell.pdbx_refine_id                   'X-RAY DIFFRACTION' 
# 
_struct.entry_id                  2YXB 
_struct.title                     'Crystal structure of the methylmalonyl-CoA mutase alpha-subunit from Aeropyrum pernix' 
_struct.pdbx_model_details        ? 
_struct.pdbx_CASP_flag            ? 
_struct.pdbx_model_type_details   ? 
# 
_struct_keywords.entry_id        2YXB 
_struct_keywords.pdbx_keywords   ISOMERASE 
_struct_keywords.text            
;alpha/beta, Structural Genomics, NPPSFA, National Project on Protein Structural and Functional Analyses, RIKEN Structural Genomics/Proteomics Initiative, RSGI, ISOMERASE
;
# 
loop_
_struct_asym.id 
_struct_asym.pdbx_blank_PDB_chainid_flag 
_struct_asym.pdbx_modified 
_struct_asym.entity_id 
_struct_asym.details 
A N N 1 ? 
B N N 2 ? 
# 
_struct_ref.id                         1 
_struct_ref.db_name                    UNP 
_struct_ref.db_code                    Q9YBB1_AERPE 
_struct_ref.pdbx_db_accession          Q9YBB1 
_struct_ref.entity_id                  1 
_struct_ref.pdbx_seq_one_letter_code   
;MSSLQSTRERVLGTPRRRYKVLVAKMGLDGHDRGAKVVARALRDAGFEVVYTGLRQTPEQVAMAAVQEDVDVIGVSILNG
AHLHLMKRLMAKLRELGADDIPVVLGGTIPIPDLEPLRSLGIREIFLPGTSLGEIIEKVRKLAEEKRMREEAEASEQVGQ
A
;
_struct_ref.pdbx_align_begin           1 
_struct_ref.pdbx_db_isoform            ? 
# 
_struct_ref_seq.align_id                      1 
_struct_ref_seq.ref_id                        1 
_struct_ref_seq.pdbx_PDB_id_code              2YXB 
_struct_ref_seq.pdbx_strand_id                A 
_struct_ref_seq.seq_align_beg                 1 
_struct_ref_seq.pdbx_seq_align_beg_ins_code   ? 
_struct_ref_seq.seq_align_end                 161 
_struct_ref_seq.pdbx_seq_align_end_ins_code   ? 
_struct_ref_seq.pdbx_db_accession             Q9YBB1 
_struct_ref_seq.db_align_beg                  1 
_struct_ref_seq.pdbx_db_align_beg_ins_code    ? 
_struct_ref_seq.db_align_end                  161 
_struct_ref_seq.pdbx_db_align_end_ins_code    ? 
_struct_ref_seq.pdbx_auth_seq_align_beg       3 
_struct_ref_seq.pdbx_auth_seq_align_end       163 
# 
_pdbx_struct_assembly.id                   1 
_pdbx_struct_assembly.details              author_defined_assembly 
_pdbx_struct_assembly.method_details       ? 
_pdbx_struct_assembly.oligomeric_details   monomeric 
_pdbx_struct_assembly.oligomeric_count     1 
# 
_pdbx_struct_assembly_gen.assembly_id       1 
_pdbx_struct_assembly_gen.oper_expression   1 
_pdbx_struct_assembly_gen.asym_id_list      A,B 
# 
_pdbx_struct_oper_list.id                   1 
_pdbx_struct_oper_list.type                 'identity operation' 
_pdbx_struct_oper_list.name                 1_555 
_pdbx_struct_oper_list.symmetry_operation   x,y,z 
_pdbx_struct_oper_list.matrix[1][1]         1.0000000000 
_pdbx_struct_oper_list.matrix[1][2]         0.0000000000 
_pdbx_struct_oper_list.matrix[1][3]         0.0000000000 
_pdbx_struct_oper_list.vector[1]            0.0000000000 
_pdbx_struct_oper_list.matrix[2][1]         0.0000000000 
_pdbx_struct_oper_list.matrix[2][2]         1.0000000000 
_pdbx_struct_oper_list.matrix[2][3]         0.0000000000 
_pdbx_struct_oper_list.vector[2]            0.0000000000 
_pdbx_struct_oper_list.matrix[3][1]         0.0000000000 
_pdbx_struct_oper_list.matrix[3][2]         0.0000000000 
_pdbx_struct_oper_list.matrix[3][3]         1.0000000000 
_pdbx_struct_oper_list.vector[3]            0.0000000000 
# 
_struct_biol.id        1 
_struct_biol.details   ? 
# 
loop_
_struct_conf.conf_type_id 
_struct_conf.id 
_struct_conf.pdbx_PDB_helix_id 
_struct_conf.beg_label_comp_id 
_struct_conf.beg_label_asym_id 
_struct_conf.beg_label_seq_id 
_struct_conf.pdbx_beg_PDB_ins_code 
_struct_conf.end_label_comp_id 
_struct_conf.end_label_asym_id 
_struct_conf.end_label_seq_id 
_struct_conf.pdbx_end_PDB_ins_code 
_struct_conf.beg_auth_comp_id 
_struct_conf.beg_auth_asym_id 
_struct_conf.beg_auth_seq_id 
_struct_conf.end_auth_comp_id 
_struct_conf.end_auth_asym_id 
_struct_conf.end_auth_seq_id 
_struct_conf.pdbx_PDB_helix_class 
_struct_conf.details 
_struct_conf.pdbx_PDB_helix_length 
HELX_P HELX_P1 1 ASP A 32  ? ALA A 45  ? ASP A 34  ALA A 47  1 ? 14 
HELX_P HELX_P2 2 THR A 57  ? GLU A 68  ? THR A 59  GLU A 70  1 ? 12 
HELX_P HELX_P3 3 ALA A 81  ? LEU A 96  ? ALA A 83  LEU A 98  1 ? 16 
HELX_P HELX_P4 4 PRO A 110 ? PRO A 112 ? PRO A 112 PRO A 114 5 ? 3  
HELX_P HELX_P5 5 ASP A 113 ? LEU A 120 ? ASP A 115 LEU A 122 1 ? 8  
HELX_P HELX_P6 6 SER A 131 ? ALA A 152 ? SER A 133 ALA A 154 1 ? 22 
# 
_struct_conf_type.id          HELX_P 
_struct_conf_type.criteria    ? 
_struct_conf_type.reference   ? 
# 
loop_
_struct_conn.id 
_struct_conn.conn_type_id 
_struct_conn.pdbx_leaving_atom_flag 
_struct_conn.pdbx_PDB_id 
_struct_conn.ptnr1_label_asym_id 
_struct_conn.ptnr1_label_comp_id 
_struct_conn.ptnr1_label_seq_id 
_struct_conn.ptnr1_label_atom_id 
_struct_conn.pdbx_ptnr1_label_alt_id 
_struct_conn.pdbx_ptnr1_PDB_ins_code 
_struct_conn.pdbx_ptnr1_standard_comp_id 
_struct_conn.ptnr1_symmetry 
_struct_conn.ptnr2_label_asym_id 
_struct_conn.ptnr2_label_comp_id 
_struct_conn.ptnr2_label_seq_id 
_struct_conn.ptnr2_label_atom_id 
_struct_conn.pdbx_ptnr2_label_alt_id 
_struct_conn.pdbx_ptnr2_PDB_ins_code 
_struct_conn.ptnr1_auth_asym_id 
_struct_conn.ptnr1_auth_comp_id 
_struct_conn.ptnr1_auth_seq_id 
_struct_conn.ptnr2_auth_asym_id 
_struct_conn.ptnr2_auth_comp_id 
_struct_conn.ptnr2_auth_seq_id 
_struct_conn.ptnr2_symmetry 
_struct_conn.pdbx_ptnr3_label_atom_id 
_struct_conn.pdbx_ptnr3_label_seq_id 
_struct_conn.pdbx_ptnr3_label_comp_id 
_struct_conn.pdbx_ptnr3_label_asym_id 
_struct_conn.pdbx_ptnr3_label_alt_id 
_struct_conn.pdbx_ptnr3_PDB_ins_code 
_struct_conn.details 
_struct_conn.pdbx_dist_value 
_struct_conn.pdbx_value_order 
_struct_conn.pdbx_role 
covale1  covale both ? A LYS 25  C ? ? ? 1_555 A MSE 26  N ? ? A LYS 27  A MSE 28  1_555 ? ? ? ? ? ? ? 1.326 ? ? 
covale2  covale both ? A MSE 26  C ? ? ? 1_555 A GLY 27  N ? ? A MSE 28  A GLY 29  1_555 ? ? ? ? ? ? ? 1.318 ? ? 
covale3  covale both ? A ALA 62  C ? ? ? 1_555 A MSE 63  N ? ? A ALA 64  A MSE 65  1_555 ? ? ? ? ? ? ? 1.333 ? ? 
covale4  covale both ? A MSE 63  C ? ? ? 1_555 A ALA 64  N ? ? A MSE 65  A ALA 66  1_555 ? ? ? ? ? ? ? 1.310 ? ? 
covale5  covale both ? A LEU 85  C ? ? ? 1_555 A MSE 86  N ? ? A LEU 87  A MSE 88  1_555 ? ? ? ? ? ? ? 1.315 ? ? 
covale6  covale both ? A MSE 86  C ? ? ? 1_555 A LYS 87  N ? ? A MSE 88  A LYS 89  1_555 ? ? ? ? ? ? ? 1.340 ? ? 
covale7  covale both ? A LEU 89  C ? ? ? 1_555 A MSE 90  N ? ? A LEU 91  A MSE 92  1_555 ? ? ? ? ? ? ? 1.319 ? ? 
covale8  covale both ? A MSE 90  C ? ? ? 1_555 A ALA 91  N ? ? A MSE 92  A ALA 93  1_555 ? ? ? ? ? ? ? 1.337 ? ? 
covale9  covale both ? A ARG 147 C ? ? ? 1_555 A MSE 148 N ? ? A ARG 149 A MSE 150 1_555 ? ? ? ? ? ? ? 1.317 ? ? 
covale10 covale both ? A MSE 148 C ? ? ? 1_555 A ARG 149 N ? ? A MSE 150 A ARG 151 1_555 ? ? ? ? ? ? ? 1.335 ? ? 
# 
_struct_conn_type.id          covale 
_struct_conn_type.criteria    ? 
_struct_conn_type.reference   ? 
# 
loop_
_pdbx_modification_feature.ordinal 
_pdbx_modification_feature.label_comp_id 
_pdbx_modification_feature.label_asym_id 
_pdbx_modification_feature.label_seq_id 
_pdbx_modification_feature.label_alt_id 
_pdbx_modification_feature.modified_residue_label_comp_id 
_pdbx_modification_feature.modified_residue_label_asym_id 
_pdbx_modification_feature.modified_residue_label_seq_id 
_pdbx_modification_feature.modified_residue_label_alt_id 
_pdbx_modification_feature.auth_comp_id 
_pdbx_modification_feature.auth_asym_id 
_pdbx_modification_feature.auth_seq_id 
_pdbx_modification_feature.PDB_ins_code 
_pdbx_modification_feature.symmetry 
_pdbx_modification_feature.modified_residue_auth_comp_id 
_pdbx_modification_feature.modified_residue_auth_asym_id 
_pdbx_modification_feature.modified_residue_auth_seq_id 
_pdbx_modification_feature.modified_residue_PDB_ins_code 
_pdbx_modification_feature.modified_residue_symmetry 
_pdbx_modification_feature.comp_id_linking_atom 
_pdbx_modification_feature.modified_residue_id_linking_atom 
_pdbx_modification_feature.modified_residue_id 
_pdbx_modification_feature.ref_pcm_id 
_pdbx_modification_feature.ref_comp_id 
_pdbx_modification_feature.type 
_pdbx_modification_feature.category 
1 MSE A 26  ? . . . . MSE A 28  ? 1_555 . . . . . . . MET 1 MSE Selenomethionine 'Named protein modification' 
2 MSE A 63  ? . . . . MSE A 65  ? 1_555 . . . . . . . MET 1 MSE Selenomethionine 'Named protein modification' 
3 MSE A 86  ? . . . . MSE A 88  ? 1_555 . . . . . . . MET 1 MSE Selenomethionine 'Named protein modification' 
4 MSE A 90  ? . . . . MSE A 92  ? 1_555 . . . . . . . MET 1 MSE Selenomethionine 'Named protein modification' 
5 MSE A 148 ? . . . . MSE A 150 ? 1_555 . . . . . . . MET 1 MSE Selenomethionine 'Named protein modification' 
# 
_struct_sheet.id               A 
_struct_sheet.type             ? 
_struct_sheet.number_strands   5 
_struct_sheet.details          ? 
# 
loop_
_struct_sheet_order.sheet_id 
_struct_sheet_order.range_id_1 
_struct_sheet_order.range_id_2 
_struct_sheet_order.offset 
_struct_sheet_order.sense 
A 1 2 ? parallel 
A 2 3 ? parallel 
A 3 4 ? parallel 
A 4 5 ? parallel 
# 
loop_
_struct_sheet_range.sheet_id 
_struct_sheet_range.id 
_struct_sheet_range.beg_label_comp_id 
_struct_sheet_range.beg_label_asym_id 
_struct_sheet_range.beg_label_seq_id 
_struct_sheet_range.pdbx_beg_PDB_ins_code 
_struct_sheet_range.end_label_comp_id 
_struct_sheet_range.end_label_asym_id 
_struct_sheet_range.end_label_seq_id 
_struct_sheet_range.pdbx_end_PDB_ins_code 
_struct_sheet_range.beg_auth_comp_id 
_struct_sheet_range.beg_auth_asym_id 
_struct_sheet_range.beg_auth_seq_id 
_struct_sheet_range.end_auth_comp_id 
_struct_sheet_range.end_auth_asym_id 
_struct_sheet_range.end_auth_seq_id 
A 1 GLU A 48  ? VAL A 50  ? GLU A 50  VAL A 52  
A 2 LYS A 20  ? MSE A 26  ? LYS A 22  MSE A 28  
A 3 VAL A 72  ? ILE A 77  ? VAL A 74  ILE A 79  
A 4 VAL A 103 ? GLY A 107 ? VAL A 105 GLY A 109 
A 5 GLU A 124 ? PHE A 126 ? GLU A 126 PHE A 128 
# 
loop_
_pdbx_struct_sheet_hbond.sheet_id 
_pdbx_struct_sheet_hbond.range_id_1 
_pdbx_struct_sheet_hbond.range_id_2 
_pdbx_struct_sheet_hbond.range_1_label_atom_id 
_pdbx_struct_sheet_hbond.range_1_label_comp_id 
_pdbx_struct_sheet_hbond.range_1_label_asym_id 
_pdbx_struct_sheet_hbond.range_1_label_seq_id 
_pdbx_struct_sheet_hbond.range_1_PDB_ins_code 
_pdbx_struct_sheet_hbond.range_1_auth_atom_id 
_pdbx_struct_sheet_hbond.range_1_auth_comp_id 
_pdbx_struct_sheet_hbond.range_1_auth_asym_id 
_pdbx_struct_sheet_hbond.range_1_auth_seq_id 
_pdbx_struct_sheet_hbond.range_2_label_atom_id 
_pdbx_struct_sheet_hbond.range_2_label_comp_id 
_pdbx_struct_sheet_hbond.range_2_label_asym_id 
_pdbx_struct_sheet_hbond.range_2_label_seq_id 
_pdbx_struct_sheet_hbond.range_2_PDB_ins_code 
_pdbx_struct_sheet_hbond.range_2_auth_atom_id 
_pdbx_struct_sheet_hbond.range_2_auth_comp_id 
_pdbx_struct_sheet_hbond.range_2_auth_asym_id 
_pdbx_struct_sheet_hbond.range_2_auth_seq_id 
A 1 2 O GLU A 48  ? O GLU A 50  N VAL A 21  ? N VAL A 23  
A 2 3 N LEU A 22  ? N LEU A 24  O GLY A 74  ? O GLY A 76  
A 3 4 N VAL A 75  ? N VAL A 77  O GLY A 106 ? O GLY A 108 
A 4 5 N LEU A 105 ? N LEU A 107 O PHE A 126 ? O PHE A 128 
# 
_pdbx_entry_details.entry_id                   2YXB 
_pdbx_entry_details.compound_details           ? 
_pdbx_entry_details.source_details             ? 
_pdbx_entry_details.nonpolymer_details         ? 
_pdbx_entry_details.sequence_details           ? 
_pdbx_entry_details.has_ligand_of_interest     ? 
_pdbx_entry_details.has_protein_modification   Y 
# 
loop_
_pdbx_validate_rmsd_bond.id 
_pdbx_validate_rmsd_bond.PDB_model_num 
_pdbx_validate_rmsd_bond.auth_atom_id_1 
_pdbx_validate_rmsd_bond.auth_asym_id_1 
_pdbx_validate_rmsd_bond.auth_comp_id_1 
_pdbx_validate_rmsd_bond.auth_seq_id_1 
_pdbx_validate_rmsd_bond.PDB_ins_code_1 
_pdbx_validate_rmsd_bond.label_alt_id_1 
_pdbx_validate_rmsd_bond.auth_atom_id_2 
_pdbx_validate_rmsd_bond.auth_asym_id_2 
_pdbx_validate_rmsd_bond.auth_comp_id_2 
_pdbx_validate_rmsd_bond.auth_seq_id_2 
_pdbx_validate_rmsd_bond.PDB_ins_code_2 
_pdbx_validate_rmsd_bond.label_alt_id_2 
_pdbx_validate_rmsd_bond.bond_value 
_pdbx_validate_rmsd_bond.bond_target_value 
_pdbx_validate_rmsd_bond.bond_deviation 
_pdbx_validate_rmsd_bond.bond_standard_deviation 
_pdbx_validate_rmsd_bond.linker_flag 
1 1 CE2 A TYR 53 ? ? CD2 A TYR 53 ? ? 1.297 1.389 -0.092 0.015 N 
2 1 SE  A MSE 88 ? ? CE  A MSE 88 ? ? 1.556 1.950 -0.394 0.059 N 
# 
loop_
_pdbx_validate_rmsd_angle.id 
_pdbx_validate_rmsd_angle.PDB_model_num 
_pdbx_validate_rmsd_angle.auth_atom_id_1 
_pdbx_validate_rmsd_angle.auth_asym_id_1 
_pdbx_validate_rmsd_angle.auth_comp_id_1 
_pdbx_validate_rmsd_angle.auth_seq_id_1 
_pdbx_validate_rmsd_angle.PDB_ins_code_1 
_pdbx_validate_rmsd_angle.label_alt_id_1 
_pdbx_validate_rmsd_angle.auth_atom_id_2 
_pdbx_validate_rmsd_angle.auth_asym_id_2 
_pdbx_validate_rmsd_angle.auth_comp_id_2 
_pdbx_validate_rmsd_angle.auth_seq_id_2 
_pdbx_validate_rmsd_angle.PDB_ins_code_2 
_pdbx_validate_rmsd_angle.label_alt_id_2 
_pdbx_validate_rmsd_angle.auth_atom_id_3 
_pdbx_validate_rmsd_angle.auth_asym_id_3 
_pdbx_validate_rmsd_angle.auth_comp_id_3 
_pdbx_validate_rmsd_angle.auth_seq_id_3 
_pdbx_validate_rmsd_angle.PDB_ins_code_3 
_pdbx_validate_rmsd_angle.label_alt_id_3 
_pdbx_validate_rmsd_angle.angle_value 
_pdbx_validate_rmsd_angle.angle_target_value 
_pdbx_validate_rmsd_angle.angle_deviation 
_pdbx_validate_rmsd_angle.angle_standard_deviation 
_pdbx_validate_rmsd_angle.linker_flag 
1 1 CB A ASP 31  ? ? CG A ASP 31  ? ? OD2 A ASP 31  ? ? 124.52 118.30 6.22  0.90 N 
2 1 CB A ASP 34  ? ? CG A ASP 34  ? ? OD2 A ASP 34  ? ? 124.59 118.30 6.29  0.90 N 
3 1 NE A ARG 42  ? ? CZ A ARG 42  ? ? NH2 A ARG 42  ? ? 116.88 120.30 -3.42 0.50 N 
4 1 NE A ARG 151 ? ? CZ A ARG 151 ? ? NH1 A ARG 151 ? ? 123.75 120.30 3.45  0.50 N 
# 
loop_
_pdbx_validate_torsion.id 
_pdbx_validate_torsion.PDB_model_num 
_pdbx_validate_torsion.auth_comp_id 
_pdbx_validate_torsion.auth_asym_id 
_pdbx_validate_torsion.auth_seq_id 
_pdbx_validate_torsion.PDB_ins_code 
_pdbx_validate_torsion.label_alt_id 
_pdbx_validate_torsion.phi 
_pdbx_validate_torsion.psi 
1 1 ARG A 19  ? ? 46.54  -146.57 
2 1 ALA A 154 ? ? -98.46 40.72   
# 
_pdbx_SG_project.id                    1 
_pdbx_SG_project.project_name          'NPPSFA, National Project on Protein Structural and Functional Analyses' 
_pdbx_SG_project.full_name_of_center   'RIKEN Structural Genomics/Proteomics Initiative' 
_pdbx_SG_project.initial_of_center     RSGI 
# 
loop_
_pdbx_struct_mod_residue.id 
_pdbx_struct_mod_residue.label_asym_id 
_pdbx_struct_mod_residue.label_comp_id 
_pdbx_struct_mod_residue.label_seq_id 
_pdbx_struct_mod_residue.auth_asym_id 
_pdbx_struct_mod_residue.auth_comp_id 
_pdbx_struct_mod_residue.auth_seq_id 
_pdbx_struct_mod_residue.PDB_ins_code 
_pdbx_struct_mod_residue.parent_comp_id 
_pdbx_struct_mod_residue.details 
1 A MSE 26  A MSE 28  ? MET SELENOMETHIONINE 
2 A MSE 63  A MSE 65  ? MET SELENOMETHIONINE 
3 A MSE 86  A MSE 88  ? MET SELENOMETHIONINE 
4 A MSE 90  A MSE 92  ? MET SELENOMETHIONINE 
5 A MSE 148 A MSE 150 ? MET SELENOMETHIONINE 
# 
loop_
_pdbx_unobs_or_zero_occ_residues.id 
_pdbx_unobs_or_zero_occ_residues.PDB_model_num 
_pdbx_unobs_or_zero_occ_residues.polymer_flag 
_pdbx_unobs_or_zero_occ_residues.occupancy_flag 
_pdbx_unobs_or_zero_occ_residues.auth_asym_id 
_pdbx_unobs_or_zero_occ_residues.auth_comp_id 
_pdbx_unobs_or_zero_occ_residues.auth_seq_id 
_pdbx_unobs_or_zero_occ_residues.PDB_ins_code 
_pdbx_unobs_or_zero_occ_residues.label_asym_id 
_pdbx_unobs_or_zero_occ_residues.label_comp_id 
_pdbx_unobs_or_zero_occ_residues.label_seq_id 
1  1 Y 1 A MSE 3   ? A MSE 1   
2  1 Y 1 A SER 4   ? A SER 2   
3  1 Y 1 A SER 5   ? A SER 3   
4  1 Y 1 A LEU 6   ? A LEU 4   
5  1 Y 1 A GLN 7   ? A GLN 5   
6  1 Y 1 A SER 8   ? A SER 6   
7  1 Y 1 A THR 9   ? A THR 7   
8  1 Y 1 A ARG 10  ? A ARG 8   
9  1 Y 1 A GLU 11  ? A GLU 9   
10 1 Y 1 A ARG 12  ? A ARG 10  
11 1 Y 1 A VAL 13  ? A VAL 11  
12 1 Y 1 A LEU 14  ? A LEU 12  
13 1 Y 1 A GLY 15  ? A GLY 13  
14 1 Y 1 A THR 16  ? A THR 14  
15 1 Y 1 A PRO 17  ? A PRO 15  
16 1 Y 1 A SER 157 ? A SER 155 
17 1 Y 1 A GLU 158 ? A GLU 156 
18 1 Y 1 A GLN 159 ? A GLN 157 
19 1 Y 1 A VAL 160 ? A VAL 158 
20 1 Y 1 A GLY 161 ? A GLY 159 
21 1 Y 1 A GLN 162 ? A GLN 160 
22 1 Y 1 A ALA 163 ? A ALA 161 
# 
loop_
_chem_comp_atom.comp_id 
_chem_comp_atom.atom_id 
_chem_comp_atom.type_symbol 
_chem_comp_atom.pdbx_aromatic_flag 
_chem_comp_atom.pdbx_stereo_config 
_chem_comp_atom.pdbx_ordinal 
ALA N    N  N N 1   
ALA CA   C  N S 2   
ALA C    C  N N 3   
ALA O    O  N N 4   
ALA CB   C  N N 5   
ALA OXT  O  N N 6   
ALA H    H  N N 7   
ALA H2   H  N N 8   
ALA HA   H  N N 9   
ALA HB1  H  N N 10  
ALA HB2  H  N N 11  
ALA HB3  H  N N 12  
ALA HXT  H  N N 13  
ARG N    N  N N 14  
ARG CA   C  N S 15  
ARG C    C  N N 16  
ARG O    O  N N 17  
ARG CB   C  N N 18  
ARG CG   C  N N 19  
ARG CD   C  N N 20  
ARG NE   N  N N 21  
ARG CZ   C  N N 22  
ARG NH1  N  N N 23  
ARG NH2  N  N N 24  
ARG OXT  O  N N 25  
ARG H    H  N N 26  
ARG H2   H  N N 27  
ARG HA   H  N N 28  
ARG HB2  H  N N 29  
ARG HB3  H  N N 30  
ARG HG2  H  N N 31  
ARG HG3  H  N N 32  
ARG HD2  H  N N 33  
ARG HD3  H  N N 34  
ARG HE   H  N N 35  
ARG HH11 H  N N 36  
ARG HH12 H  N N 37  
ARG HH21 H  N N 38  
ARG HH22 H  N N 39  
ARG HXT  H  N N 40  
ASN N    N  N N 41  
ASN CA   C  N S 42  
ASN C    C  N N 43  
ASN O    O  N N 44  
ASN CB   C  N N 45  
ASN CG   C  N N 46  
ASN OD1  O  N N 47  
ASN ND2  N  N N 48  
ASN OXT  O  N N 49  
ASN H    H  N N 50  
ASN H2   H  N N 51  
ASN HA   H  N N 52  
ASN HB2  H  N N 53  
ASN HB3  H  N N 54  
ASN HD21 H  N N 55  
ASN HD22 H  N N 56  
ASN HXT  H  N N 57  
ASP N    N  N N 58  
ASP CA   C  N S 59  
ASP C    C  N N 60  
ASP O    O  N N 61  
ASP CB   C  N N 62  
ASP CG   C  N N 63  
ASP OD1  O  N N 64  
ASP OD2  O  N N 65  
ASP OXT  O  N N 66  
ASP H    H  N N 67  
ASP H2   H  N N 68  
ASP HA   H  N N 69  
ASP HB2  H  N N 70  
ASP HB3  H  N N 71  
ASP HD2  H  N N 72  
ASP HXT  H  N N 73  
GLN N    N  N N 74  
GLN CA   C  N S 75  
GLN C    C  N N 76  
GLN O    O  N N 77  
GLN CB   C  N N 78  
GLN CG   C  N N 79  
GLN CD   C  N N 80  
GLN OE1  O  N N 81  
GLN NE2  N  N N 82  
GLN OXT  O  N N 83  
GLN H    H  N N 84  
GLN H2   H  N N 85  
GLN HA   H  N N 86  
GLN HB2  H  N N 87  
GLN HB3  H  N N 88  
GLN HG2  H  N N 89  
GLN HG3  H  N N 90  
GLN HE21 H  N N 91  
GLN HE22 H  N N 92  
GLN HXT  H  N N 93  
GLU N    N  N N 94  
GLU CA   C  N S 95  
GLU C    C  N N 96  
GLU O    O  N N 97  
GLU CB   C  N N 98  
GLU CG   C  N N 99  
GLU CD   C  N N 100 
GLU OE1  O  N N 101 
GLU OE2  O  N N 102 
GLU OXT  O  N N 103 
GLU H    H  N N 104 
GLU H2   H  N N 105 
GLU HA   H  N N 106 
GLU HB2  H  N N 107 
GLU HB3  H  N N 108 
GLU HG2  H  N N 109 
GLU HG3  H  N N 110 
GLU HE2  H  N N 111 
GLU HXT  H  N N 112 
GLY N    N  N N 113 
GLY CA   C  N N 114 
GLY C    C  N N 115 
GLY O    O  N N 116 
GLY OXT  O  N N 117 
GLY H    H  N N 118 
GLY H2   H  N N 119 
GLY HA2  H  N N 120 
GLY HA3  H  N N 121 
GLY HXT  H  N N 122 
HIS N    N  N N 123 
HIS CA   C  N S 124 
HIS C    C  N N 125 
HIS O    O  N N 126 
HIS CB   C  N N 127 
HIS CG   C  Y N 128 
HIS ND1  N  Y N 129 
HIS CD2  C  Y N 130 
HIS CE1  C  Y N 131 
HIS NE2  N  Y N 132 
HIS OXT  O  N N 133 
HIS H    H  N N 134 
HIS H2   H  N N 135 
HIS HA   H  N N 136 
HIS HB2  H  N N 137 
HIS HB3  H  N N 138 
HIS HD1  H  N N 139 
HIS HD2  H  N N 140 
HIS HE1  H  N N 141 
HIS HE2  H  N N 142 
HIS HXT  H  N N 143 
HOH O    O  N N 144 
HOH H1   H  N N 145 
HOH H2   H  N N 146 
ILE N    N  N N 147 
ILE CA   C  N S 148 
ILE C    C  N N 149 
ILE O    O  N N 150 
ILE CB   C  N S 151 
ILE CG1  C  N N 152 
ILE CG2  C  N N 153 
ILE CD1  C  N N 154 
ILE OXT  O  N N 155 
ILE H    H  N N 156 
ILE H2   H  N N 157 
ILE HA   H  N N 158 
ILE HB   H  N N 159 
ILE HG12 H  N N 160 
ILE HG13 H  N N 161 
ILE HG21 H  N N 162 
ILE HG22 H  N N 163 
ILE HG23 H  N N 164 
ILE HD11 H  N N 165 
ILE HD12 H  N N 166 
ILE HD13 H  N N 167 
ILE HXT  H  N N 168 
LEU N    N  N N 169 
LEU CA   C  N S 170 
LEU C    C  N N 171 
LEU O    O  N N 172 
LEU CB   C  N N 173 
LEU CG   C  N N 174 
LEU CD1  C  N N 175 
LEU CD2  C  N N 176 
LEU OXT  O  N N 177 
LEU H    H  N N 178 
LEU H2   H  N N 179 
LEU HA   H  N N 180 
LEU HB2  H  N N 181 
LEU HB3  H  N N 182 
LEU HG   H  N N 183 
LEU HD11 H  N N 184 
LEU HD12 H  N N 185 
LEU HD13 H  N N 186 
LEU HD21 H  N N 187 
LEU HD22 H  N N 188 
LEU HD23 H  N N 189 
LEU HXT  H  N N 190 
LYS N    N  N N 191 
LYS CA   C  N S 192 
LYS C    C  N N 193 
LYS O    O  N N 194 
LYS CB   C  N N 195 
LYS CG   C  N N 196 
LYS CD   C  N N 197 
LYS CE   C  N N 198 
LYS NZ   N  N N 199 
LYS OXT  O  N N 200 
LYS H    H  N N 201 
LYS H2   H  N N 202 
LYS HA   H  N N 203 
LYS HB2  H  N N 204 
LYS HB3  H  N N 205 
LYS HG2  H  N N 206 
LYS HG3  H  N N 207 
LYS HD2  H  N N 208 
LYS HD3  H  N N 209 
LYS HE2  H  N N 210 
LYS HE3  H  N N 211 
LYS HZ1  H  N N 212 
LYS HZ2  H  N N 213 
LYS HZ3  H  N N 214 
LYS HXT  H  N N 215 
MSE N    N  N N 216 
MSE CA   C  N S 217 
MSE C    C  N N 218 
MSE O    O  N N 219 
MSE OXT  O  N N 220 
MSE CB   C  N N 221 
MSE CG   C  N N 222 
MSE SE   SE N N 223 
MSE CE   C  N N 224 
MSE H    H  N N 225 
MSE H2   H  N N 226 
MSE HA   H  N N 227 
MSE HXT  H  N N 228 
MSE HB2  H  N N 229 
MSE HB3  H  N N 230 
MSE HG2  H  N N 231 
MSE HG3  H  N N 232 
MSE HE1  H  N N 233 
MSE HE2  H  N N 234 
MSE HE3  H  N N 235 
PHE N    N  N N 236 
PHE CA   C  N S 237 
PHE C    C  N N 238 
PHE O    O  N N 239 
PHE CB   C  N N 240 
PHE CG   C  Y N 241 
PHE CD1  C  Y N 242 
PHE CD2  C  Y N 243 
PHE CE1  C  Y N 244 
PHE CE2  C  Y N 245 
PHE CZ   C  Y N 246 
PHE OXT  O  N N 247 
PHE H    H  N N 248 
PHE H2   H  N N 249 
PHE HA   H  N N 250 
PHE HB2  H  N N 251 
PHE HB3  H  N N 252 
PHE HD1  H  N N 253 
PHE HD2  H  N N 254 
PHE HE1  H  N N 255 
PHE HE2  H  N N 256 
PHE HZ   H  N N 257 
PHE HXT  H  N N 258 
PRO N    N  N N 259 
PRO CA   C  N S 260 
PRO C    C  N N 261 
PRO O    O  N N 262 
PRO CB   C  N N 263 
PRO CG   C  N N 264 
PRO CD   C  N N 265 
PRO OXT  O  N N 266 
PRO H    H  N N 267 
PRO HA   H  N N 268 
PRO HB2  H  N N 269 
PRO HB3  H  N N 270 
PRO HG2  H  N N 271 
PRO HG3  H  N N 272 
PRO HD2  H  N N 273 
PRO HD3  H  N N 274 
PRO HXT  H  N N 275 
SER N    N  N N 276 
SER CA   C  N S 277 
SER C    C  N N 278 
SER O    O  N N 279 
SER CB   C  N N 280 
SER OG   O  N N 281 
SER OXT  O  N N 282 
SER H    H  N N 283 
SER H2   H  N N 284 
SER HA   H  N N 285 
SER HB2  H  N N 286 
SER HB3  H  N N 287 
SER HG   H  N N 288 
SER HXT  H  N N 289 
THR N    N  N N 290 
THR CA   C  N S 291 
THR C    C  N N 292 
THR O    O  N N 293 
THR CB   C  N R 294 
THR OG1  O  N N 295 
THR CG2  C  N N 296 
THR OXT  O  N N 297 
THR H    H  N N 298 
THR H2   H  N N 299 
THR HA   H  N N 300 
THR HB   H  N N 301 
THR HG1  H  N N 302 
THR HG21 H  N N 303 
THR HG22 H  N N 304 
THR HG23 H  N N 305 
THR HXT  H  N N 306 
TYR N    N  N N 307 
TYR CA   C  N S 308 
TYR C    C  N N 309 
TYR O    O  N N 310 
TYR CB   C  N N 311 
TYR CG   C  Y N 312 
TYR CD1  C  Y N 313 
TYR CD2  C  Y N 314 
TYR CE1  C  Y N 315 
TYR CE2  C  Y N 316 
TYR CZ   C  Y N 317 
TYR OH   O  N N 318 
TYR OXT  O  N N 319 
TYR H    H  N N 320 
TYR H2   H  N N 321 
TYR HA   H  N N 322 
TYR HB2  H  N N 323 
TYR HB3  H  N N 324 
TYR HD1  H  N N 325 
TYR HD2  H  N N 326 
TYR HE1  H  N N 327 
TYR HE2  H  N N 328 
TYR HH   H  N N 329 
TYR HXT  H  N N 330 
VAL N    N  N N 331 
VAL CA   C  N S 332 
VAL C    C  N N 333 
VAL O    O  N N 334 
VAL CB   C  N N 335 
VAL CG1  C  N N 336 
VAL CG2  C  N N 337 
VAL OXT  O  N N 338 
VAL H    H  N N 339 
VAL H2   H  N N 340 
VAL HA   H  N N 341 
VAL HB   H  N N 342 
VAL HG11 H  N N 343 
VAL HG12 H  N N 344 
VAL HG13 H  N N 345 
VAL HG21 H  N N 346 
VAL HG22 H  N N 347 
VAL HG23 H  N N 348 
VAL HXT  H  N N 349 
# 
loop_
_chem_comp_bond.comp_id 
_chem_comp_bond.atom_id_1 
_chem_comp_bond.atom_id_2 
_chem_comp_bond.value_order 
_chem_comp_bond.pdbx_aromatic_flag 
_chem_comp_bond.pdbx_stereo_config 
_chem_comp_bond.pdbx_ordinal 
ALA N   CA   sing N N 1   
ALA N   H    sing N N 2   
ALA N   H2   sing N N 3   
ALA CA  C    sing N N 4   
ALA CA  CB   sing N N 5   
ALA CA  HA   sing N N 6   
ALA C   O    doub N N 7   
ALA C   OXT  sing N N 8   
ALA CB  HB1  sing N N 9   
ALA CB  HB2  sing N N 10  
ALA CB  HB3  sing N N 11  
ALA OXT HXT  sing N N 12  
ARG N   CA   sing N N 13  
ARG N   H    sing N N 14  
ARG N   H2   sing N N 15  
ARG CA  C    sing N N 16  
ARG CA  CB   sing N N 17  
ARG CA  HA   sing N N 18  
ARG C   O    doub N N 19  
ARG C   OXT  sing N N 20  
ARG CB  CG   sing N N 21  
ARG CB  HB2  sing N N 22  
ARG CB  HB3  sing N N 23  
ARG CG  CD   sing N N 24  
ARG CG  HG2  sing N N 25  
ARG CG  HG3  sing N N 26  
ARG CD  NE   sing N N 27  
ARG CD  HD2  sing N N 28  
ARG CD  HD3  sing N N 29  
ARG NE  CZ   sing N N 30  
ARG NE  HE   sing N N 31  
ARG CZ  NH1  sing N N 32  
ARG CZ  NH2  doub N N 33  
ARG NH1 HH11 sing N N 34  
ARG NH1 HH12 sing N N 35  
ARG NH2 HH21 sing N N 36  
ARG NH2 HH22 sing N N 37  
ARG OXT HXT  sing N N 38  
ASN N   CA   sing N N 39  
ASN N   H    sing N N 40  
ASN N   H2   sing N N 41  
ASN CA  C    sing N N 42  
ASN CA  CB   sing N N 43  
ASN CA  HA   sing N N 44  
ASN C   O    doub N N 45  
ASN C   OXT  sing N N 46  
ASN CB  CG   sing N N 47  
ASN CB  HB2  sing N N 48  
ASN CB  HB3  sing N N 49  
ASN CG  OD1  doub N N 50  
ASN CG  ND2  sing N N 51  
ASN ND2 HD21 sing N N 52  
ASN ND2 HD22 sing N N 53  
ASN OXT HXT  sing N N 54  
ASP N   CA   sing N N 55  
ASP N   H    sing N N 56  
ASP N   H2   sing N N 57  
ASP CA  C    sing N N 58  
ASP CA  CB   sing N N 59  
ASP CA  HA   sing N N 60  
ASP C   O    doub N N 61  
ASP C   OXT  sing N N 62  
ASP CB  CG   sing N N 63  
ASP CB  HB2  sing N N 64  
ASP CB  HB3  sing N N 65  
ASP CG  OD1  doub N N 66  
ASP CG  OD2  sing N N 67  
ASP OD2 HD2  sing N N 68  
ASP OXT HXT  sing N N 69  
GLN N   CA   sing N N 70  
GLN N   H    sing N N 71  
GLN N   H2   sing N N 72  
GLN CA  C    sing N N 73  
GLN CA  CB   sing N N 74  
GLN CA  HA   sing N N 75  
GLN C   O    doub N N 76  
GLN C   OXT  sing N N 77  
GLN CB  CG   sing N N 78  
GLN CB  HB2  sing N N 79  
GLN CB  HB3  sing N N 80  
GLN CG  CD   sing N N 81  
GLN CG  HG2  sing N N 82  
GLN CG  HG3  sing N N 83  
GLN CD  OE1  doub N N 84  
GLN CD  NE2  sing N N 85  
GLN NE2 HE21 sing N N 86  
GLN NE2 HE22 sing N N 87  
GLN OXT HXT  sing N N 88  
GLU N   CA   sing N N 89  
GLU N   H    sing N N 90  
GLU N   H2   sing N N 91  
GLU CA  C    sing N N 92  
GLU CA  CB   sing N N 93  
GLU CA  HA   sing N N 94  
GLU C   O    doub N N 95  
GLU C   OXT  sing N N 96  
GLU CB  CG   sing N N 97  
GLU CB  HB2  sing N N 98  
GLU CB  HB3  sing N N 99  
GLU CG  CD   sing N N 100 
GLU CG  HG2  sing N N 101 
GLU CG  HG3  sing N N 102 
GLU CD  OE1  doub N N 103 
GLU CD  OE2  sing N N 104 
GLU OE2 HE2  sing N N 105 
GLU OXT HXT  sing N N 106 
GLY N   CA   sing N N 107 
GLY N   H    sing N N 108 
GLY N   H2   sing N N 109 
GLY CA  C    sing N N 110 
GLY CA  HA2  sing N N 111 
GLY CA  HA3  sing N N 112 
GLY C   O    doub N N 113 
GLY C   OXT  sing N N 114 
GLY OXT HXT  sing N N 115 
HIS N   CA   sing N N 116 
HIS N   H    sing N N 117 
HIS N   H2   sing N N 118 
HIS CA  C    sing N N 119 
HIS CA  CB   sing N N 120 
HIS CA  HA   sing N N 121 
HIS C   O    doub N N 122 
HIS C   OXT  sing N N 123 
HIS CB  CG   sing N N 124 
HIS CB  HB2  sing N N 125 
HIS CB  HB3  sing N N 126 
HIS CG  ND1  sing Y N 127 
HIS CG  CD2  doub Y N 128 
HIS ND1 CE1  doub Y N 129 
HIS ND1 HD1  sing N N 130 
HIS CD2 NE2  sing Y N 131 
HIS CD2 HD2  sing N N 132 
HIS CE1 NE2  sing Y N 133 
HIS CE1 HE1  sing N N 134 
HIS NE2 HE2  sing N N 135 
HIS OXT HXT  sing N N 136 
HOH O   H1   sing N N 137 
HOH O   H2   sing N N 138 
ILE N   CA   sing N N 139 
ILE N   H    sing N N 140 
ILE N   H2   sing N N 141 
ILE CA  C    sing N N 142 
ILE CA  CB   sing N N 143 
ILE CA  HA   sing N N 144 
ILE C   O    doub N N 145 
ILE C   OXT  sing N N 146 
ILE CB  CG1  sing N N 147 
ILE CB  CG2  sing N N 148 
ILE CB  HB   sing N N 149 
ILE CG1 CD1  sing N N 150 
ILE CG1 HG12 sing N N 151 
ILE CG1 HG13 sing N N 152 
ILE CG2 HG21 sing N N 153 
ILE CG2 HG22 sing N N 154 
ILE CG2 HG23 sing N N 155 
ILE CD1 HD11 sing N N 156 
ILE CD1 HD12 sing N N 157 
ILE CD1 HD13 sing N N 158 
ILE OXT HXT  sing N N 159 
LEU N   CA   sing N N 160 
LEU N   H    sing N N 161 
LEU N   H2   sing N N 162 
LEU CA  C    sing N N 163 
LEU CA  CB   sing N N 164 
LEU CA  HA   sing N N 165 
LEU C   O    doub N N 166 
LEU C   OXT  sing N N 167 
LEU CB  CG   sing N N 168 
LEU CB  HB2  sing N N 169 
LEU CB  HB3  sing N N 170 
LEU CG  CD1  sing N N 171 
LEU CG  CD2  sing N N 172 
LEU CG  HG   sing N N 173 
LEU CD1 HD11 sing N N 174 
LEU CD1 HD12 sing N N 175 
LEU CD1 HD13 sing N N 176 
LEU CD2 HD21 sing N N 177 
LEU CD2 HD22 sing N N 178 
LEU CD2 HD23 sing N N 179 
LEU OXT HXT  sing N N 180 
LYS N   CA   sing N N 181 
LYS N   H    sing N N 182 
LYS N   H2   sing N N 183 
LYS CA  C    sing N N 184 
LYS CA  CB   sing N N 185 
LYS CA  HA   sing N N 186 
LYS C   O    doub N N 187 
LYS C   OXT  sing N N 188 
LYS CB  CG   sing N N 189 
LYS CB  HB2  sing N N 190 
LYS CB  HB3  sing N N 191 
LYS CG  CD   sing N N 192 
LYS CG  HG2  sing N N 193 
LYS CG  HG3  sing N N 194 
LYS CD  CE   sing N N 195 
LYS CD  HD2  sing N N 196 
LYS CD  HD3  sing N N 197 
LYS CE  NZ   sing N N 198 
LYS CE  HE2  sing N N 199 
LYS CE  HE3  sing N N 200 
LYS NZ  HZ1  sing N N 201 
LYS NZ  HZ2  sing N N 202 
LYS NZ  HZ3  sing N N 203 
LYS OXT HXT  sing N N 204 
MSE N   CA   sing N N 205 
MSE N   H    sing N N 206 
MSE N   H2   sing N N 207 
MSE CA  C    sing N N 208 
MSE CA  CB   sing N N 209 
MSE CA  HA   sing N N 210 
MSE C   O    doub N N 211 
MSE C   OXT  sing N N 212 
MSE OXT HXT  sing N N 213 
MSE CB  CG   sing N N 214 
MSE CB  HB2  sing N N 215 
MSE CB  HB3  sing N N 216 
MSE CG  SE   sing N N 217 
MSE CG  HG2  sing N N 218 
MSE CG  HG3  sing N N 219 
MSE SE  CE   sing N N 220 
MSE CE  HE1  sing N N 221 
MSE CE  HE2  sing N N 222 
MSE CE  HE3  sing N N 223 
PHE N   CA   sing N N 224 
PHE N   H    sing N N 225 
PHE N   H2   sing N N 226 
PHE CA  C    sing N N 227 
PHE CA  CB   sing N N 228 
PHE CA  HA   sing N N 229 
PHE C   O    doub N N 230 
PHE C   OXT  sing N N 231 
PHE CB  CG   sing N N 232 
PHE CB  HB2  sing N N 233 
PHE CB  HB3  sing N N 234 
PHE CG  CD1  doub Y N 235 
PHE CG  CD2  sing Y N 236 
PHE CD1 CE1  sing Y N 237 
PHE CD1 HD1  sing N N 238 
PHE CD2 CE2  doub Y N 239 
PHE CD2 HD2  sing N N 240 
PHE CE1 CZ   doub Y N 241 
PHE CE1 HE1  sing N N 242 
PHE CE2 CZ   sing Y N 243 
PHE CE2 HE2  sing N N 244 
PHE CZ  HZ   sing N N 245 
PHE OXT HXT  sing N N 246 
PRO N   CA   sing N N 247 
PRO N   CD   sing N N 248 
PRO N   H    sing N N 249 
PRO CA  C    sing N N 250 
PRO CA  CB   sing N N 251 
PRO CA  HA   sing N N 252 
PRO C   O    doub N N 253 
PRO C   OXT  sing N N 254 
PRO CB  CG   sing N N 255 
PRO CB  HB2  sing N N 256 
PRO CB  HB3  sing N N 257 
PRO CG  CD   sing N N 258 
PRO CG  HG2  sing N N 259 
PRO CG  HG3  sing N N 260 
PRO CD  HD2  sing N N 261 
PRO CD  HD3  sing N N 262 
PRO OXT HXT  sing N N 263 
SER N   CA   sing N N 264 
SER N   H    sing N N 265 
SER N   H2   sing N N 266 
SER CA  C    sing N N 267 
SER CA  CB   sing N N 268 
SER CA  HA   sing N N 269 
SER C   O    doub N N 270 
SER C   OXT  sing N N 271 
SER CB  OG   sing N N 272 
SER CB  HB2  sing N N 273 
SER CB  HB3  sing N N 274 
SER OG  HG   sing N N 275 
SER OXT HXT  sing N N 276 
THR N   CA   sing N N 277 
THR N   H    sing N N 278 
THR N   H2   sing N N 279 
THR CA  C    sing N N 280 
THR CA  CB   sing N N 281 
THR CA  HA   sing N N 282 
THR C   O    doub N N 283 
THR C   OXT  sing N N 284 
THR CB  OG1  sing N N 285 
THR CB  CG2  sing N N 286 
THR CB  HB   sing N N 287 
THR OG1 HG1  sing N N 288 
THR CG2 HG21 sing N N 289 
THR CG2 HG22 sing N N 290 
THR CG2 HG23 sing N N 291 
THR OXT HXT  sing N N 292 
TYR N   CA   sing N N 293 
TYR N   H    sing N N 294 
TYR N   H2   sing N N 295 
TYR CA  C    sing N N 296 
TYR CA  CB   sing N N 297 
TYR CA  HA   sing N N 298 
TYR C   O    doub N N 299 
TYR C   OXT  sing N N 300 
TYR CB  CG   sing N N 301 
TYR CB  HB2  sing N N 302 
TYR CB  HB3  sing N N 303 
TYR CG  CD1  doub Y N 304 
TYR CG  CD2  sing Y N 305 
TYR CD1 CE1  sing Y N 306 
TYR CD1 HD1  sing N N 307 
TYR CD2 CE2  doub Y N 308 
TYR CD2 HD2  sing N N 309 
TYR CE1 CZ   doub Y N 310 
TYR CE1 HE1  sing N N 311 
TYR CE2 CZ   sing Y N 312 
TYR CE2 HE2  sing N N 313 
TYR CZ  OH   sing N N 314 
TYR OH  HH   sing N N 315 
TYR OXT HXT  sing N N 316 
VAL N   CA   sing N N 317 
VAL N   H    sing N N 318 
VAL N   H2   sing N N 319 
VAL CA  C    sing N N 320 
VAL CA  CB   sing N N 321 
VAL CA  HA   sing N N 322 
VAL C   O    doub N N 323 
VAL C   OXT  sing N N 324 
VAL CB  CG1  sing N N 325 
VAL CB  CG2  sing N N 326 
VAL CB  HB   sing N N 327 
VAL CG1 HG11 sing N N 328 
VAL CG1 HG12 sing N N 329 
VAL CG1 HG13 sing N N 330 
VAL CG2 HG21 sing N N 331 
VAL CG2 HG22 sing N N 332 
VAL CG2 HG23 sing N N 333 
VAL OXT HXT  sing N N 334 
# 
_atom_sites.entry_id                    2YXB 
_atom_sites.fract_transf_matrix[1][1]   -0.02003689 
_atom_sites.fract_transf_matrix[1][2]   -0.00009604 
_atom_sites.fract_transf_matrix[1][3]   -0.01190896 
_atom_sites.fract_transf_matrix[2][1]   0.00327069 
_atom_sites.fract_transf_matrix[2][2]   -0.01852239 
_atom_sites.fract_transf_matrix[2][3]   -0.00535357 
_atom_sites.fract_transf_matrix[3][1]   -0.00884800 
_atom_sites.fract_transf_matrix[3][2]   -0.00587885 
_atom_sites.fract_transf_matrix[3][3]   0.01493422 
_atom_sites.fract_transf_vector[1]      0.139304 
_atom_sites.fract_transf_vector[2]      0.518190 
_atom_sites.fract_transf_vector[3]      0.502143 
# 
loop_
_atom_type.symbol 
C  
N  
O  
SE 
# 
loop_
_atom_site.group_PDB 
_atom_site.id 
_atom_site.type_symbol 
_atom_site.label_atom_id 
_atom_site.label_alt_id 
_atom_site.label_comp_id 
_atom_site.label_asym_id 
_atom_site.label_entity_id 
_atom_site.label_seq_id 
_atom_site.pdbx_PDB_ins_code 
_atom_site.Cartn_x 
_atom_site.Cartn_y 
_atom_site.Cartn_z 
_atom_site.occupancy 
_atom_site.B_iso_or_equiv 
_atom_site.pdbx_formal_charge 
_atom_site.auth_seq_id 
_atom_site.auth_comp_id 
_atom_site.auth_asym_id 
_atom_site.auth_atom_id 
_atom_site.pdbx_PDB_model_num 
ATOM   1    N  N   . ARG A 1 16  ? -12.297 1.254   -13.678 1.00 53.64 ? 18  ARG A N   1 
ATOM   2    C  CA  . ARG A 1 16  ? -13.057 -0.064  -13.676 1.00 53.45 ? 18  ARG A CA  1 
ATOM   3    C  C   . ARG A 1 16  ? -12.026 -0.906  -14.344 1.00 50.93 ? 18  ARG A C   1 
ATOM   4    O  O   . ARG A 1 16  ? -10.907 -0.472  -14.335 1.00 50.31 ? 18  ARG A O   1 
ATOM   5    C  CB  . ARG A 1 16  ? -14.360 -0.068  -14.508 1.00 54.01 ? 18  ARG A CB  1 
ATOM   6    C  CG  . ARG A 1 16  ? -15.310 1.153   -14.426 1.00 58.41 ? 18  ARG A CG  1 
ATOM   7    C  CD  . ARG A 1 16  ? -15.783 1.613   -15.835 1.00 62.67 ? 18  ARG A CD  1 
ATOM   8    N  NE  . ARG A 1 16  ? -16.035 0.462   -16.727 1.00 66.90 ? 18  ARG A NE  1 
ATOM   9    C  CZ  . ARG A 1 16  ? -16.325 0.537   -18.052 1.00 72.30 ? 18  ARG A CZ  1 
ATOM   10   N  NH1 . ARG A 1 16  ? -16.418 1.717   -18.691 1.00 73.10 ? 18  ARG A NH1 1 
ATOM   11   N  NH2 . ARG A 1 16  ? -16.535 -0.583  -18.754 1.00 72.46 ? 18  ARG A NH2 1 
ATOM   12   N  N   . ARG A 1 17  ? -12.425 -2.012  -14.991 1.00 48.46 ? 19  ARG A N   1 
ATOM   13   C  CA  . ARG A 1 17  ? -11.554 -3.018  -15.437 1.00 46.69 ? 19  ARG A CA  1 
ATOM   14   C  C   . ARG A 1 17  ? -10.564 -3.370  -14.292 1.00 43.72 ? 19  ARG A C   1 
ATOM   15   O  O   . ARG A 1 17  ? -11.001 -3.331  -13.128 1.00 42.19 ? 19  ARG A O   1 
ATOM   16   C  CB  . ARG A 1 17  ? -10.851 -2.665  -16.711 1.00 48.77 ? 19  ARG A CB  1 
ATOM   17   C  CG  . ARG A 1 17  ? -10.470 -3.907  -17.557 1.00 51.25 ? 19  ARG A CG  1 
ATOM   18   C  CD  . ARG A 1 17  ? -11.164 -3.934  -18.903 1.00 56.16 ? 19  ARG A CD  1 
ATOM   19   N  NE  . ARG A 1 17  ? -12.590 -4.157  -18.760 1.00 60.99 ? 19  ARG A NE  1 
ATOM   20   C  CZ  . ARG A 1 17  ? -13.520 -3.880  -19.699 1.00 66.87 ? 19  ARG A CZ  1 
ATOM   21   N  NH1 . ARG A 1 17  ? -13.183 -3.351  -20.886 1.00 68.30 ? 19  ARG A NH1 1 
ATOM   22   N  NH2 . ARG A 1 17  ? -14.804 -4.127  -19.439 1.00 69.66 ? 19  ARG A NH2 1 
ATOM   23   N  N   . ARG A 1 18  ? -9.316  -3.729  -14.643 1.00 36.47 ? 20  ARG A N   1 
ATOM   24   C  CA  . ARG A 1 18  ? -8.360  -4.419  -13.753 1.00 32.60 ? 20  ARG A CA  1 
ATOM   25   C  C   . ARG A 1 18  ? -8.247  -3.686  -12.395 1.00 27.99 ? 20  ARG A C   1 
ATOM   26   O  O   . ARG A 1 18  ? -8.404  -2.452  -12.264 1.00 24.78 ? 20  ARG A O   1 
ATOM   27   C  CB  . ARG A 1 18  ? -6.952  -4.533  -14.453 1.00 32.24 ? 20  ARG A CB  1 
ATOM   28   C  CG  . ARG A 1 18  ? -6.859  -5.438  -15.617 1.00 35.05 ? 20  ARG A CG  1 
ATOM   29   C  CD  . ARG A 1 18  ? -5.604  -5.339  -16.470 1.00 40.47 ? 20  ARG A CD  1 
ATOM   30   N  NE  . ARG A 1 18  ? -5.233  -3.943  -16.809 1.00 39.75 ? 20  ARG A NE  1 
ATOM   31   C  CZ  . ARG A 1 18  ? -3.984  -3.475  -16.892 1.00 46.03 ? 20  ARG A CZ  1 
ATOM   32   N  NH1 . ARG A 1 18  ? -2.937  -4.230  -16.631 1.00 45.59 ? 20  ARG A NH1 1 
ATOM   33   N  NH2 . ARG A 1 18  ? -3.774  -2.207  -17.189 1.00 45.05 ? 20  ARG A NH2 1 
ATOM   34   N  N   . TYR A 1 19  ? -7.982  -4.488  -11.375 1.00 23.58 ? 21  TYR A N   1 
ATOM   35   C  CA  . TYR A 1 19  ? -7.661  -3.951  -10.090 1.00 22.99 ? 21  TYR A CA  1 
ATOM   36   C  C   . TYR A 1 19  ? -6.372  -3.127  -10.283 1.00 22.93 ? 21  TYR A C   1 
ATOM   37   O  O   . TYR A 1 19  ? -5.428  -3.528  -10.906 1.00 23.57 ? 21  TYR A O   1 
ATOM   38   C  CB  . TYR A 1 19  ? -7.502  -5.073  -9.110  1.00 22.54 ? 21  TYR A CB  1 
ATOM   39   C  CG  . TYR A 1 19  ? -8.751  -5.858  -8.869  1.00 22.82 ? 21  TYR A CG  1 
ATOM   40   C  CD1 . TYR A 1 19  ? -9.999  -5.254  -8.638  1.00 21.31 ? 21  TYR A CD1 1 
ATOM   41   C  CD2 . TYR A 1 19  ? -8.686  -7.204  -8.765  1.00 24.04 ? 21  TYR A CD2 1 
ATOM   42   C  CE1 . TYR A 1 19  ? -11.161 -6.074  -8.445  1.00 20.74 ? 21  TYR A CE1 1 
ATOM   43   C  CE2 . TYR A 1 19  ? -9.846  -7.993  -8.493  1.00 21.88 ? 21  TYR A CE2 1 
ATOM   44   C  CZ  . TYR A 1 19  ? -11.037 -7.401  -8.312  1.00 24.65 ? 21  TYR A CZ  1 
ATOM   45   O  OH  . TYR A 1 19  ? -12.127 -8.207  -8.082  1.00 26.35 ? 21  TYR A OH  1 
ATOM   46   N  N   . LYS A 1 20  ? -6.350  -2.022  -9.610  1.00 24.72 ? 22  LYS A N   1 
ATOM   47   C  CA  . LYS A 1 20  ? -5.385  -0.991  -9.739  1.00 24.17 ? 22  LYS A CA  1 
ATOM   48   C  C   . LYS A 1 20  ? -4.709  -0.782  -8.367  1.00 22.96 ? 22  LYS A C   1 
ATOM   49   O  O   . LYS A 1 20  ? -5.358  -0.534  -7.261  1.00 23.30 ? 22  LYS A O   1 
ATOM   50   C  CB  . LYS A 1 20  ? -5.998  0.338   -10.225 1.00 26.59 ? 22  LYS A CB  1 
ATOM   51   C  CG  . LYS A 1 20  ? -4.940  1.275   -10.773 1.00 29.25 ? 22  LYS A CG  1 
ATOM   52   C  CD  . LYS A 1 20  ? -5.491  2.638   -11.137 1.00 33.68 ? 22  LYS A CD  1 
ATOM   53   C  CE  . LYS A 1 20  ? -4.407  3.577   -11.644 1.00 32.99 ? 22  LYS A CE  1 
ATOM   54   N  NZ  . LYS A 1 20  ? -5.238  4.701   -12.322 1.00 32.46 ? 22  LYS A NZ  1 
ATOM   55   N  N   . VAL A 1 21  ? -3.399  -0.829  -8.430  1.00 20.23 ? 23  VAL A N   1 
ATOM   56   C  CA  . VAL A 1 21  ? -2.583  -0.762  -7.215  1.00 22.03 ? 23  VAL A CA  1 
ATOM   57   C  C   . VAL A 1 21  ? -1.591  0.374   -7.286  1.00 21.88 ? 23  VAL A C   1 
ATOM   58   O  O   . VAL A 1 21  ? -0.854  0.485   -8.245  1.00 23.43 ? 23  VAL A O   1 
ATOM   59   C  CB  . VAL A 1 21  ? -1.854  -2.074  -6.951  1.00 22.46 ? 23  VAL A CB  1 
ATOM   60   C  CG1 . VAL A 1 21  ? -1.040  -2.084  -5.603  1.00 22.34 ? 23  VAL A CG1 1 
ATOM   61   C  CG2 . VAL A 1 21  ? -2.803  -3.231  -6.888  1.00 26.74 ? 23  VAL A CG2 1 
ATOM   62   N  N   . LEU A 1 22  ? -1.512  1.169   -6.223  1.00 22.64 ? 24  LEU A N   1 
ATOM   63   C  CA  . LEU A 1 22  ? -0.378  2.117   -6.109  1.00 23.87 ? 24  LEU A CA  1 
ATOM   64   C  C   . LEU A 1 22  ? 0.739   1.477   -5.286  1.00 24.94 ? 24  LEU A C   1 
ATOM   65   O  O   . LEU A 1 22  ? 0.483   1.126   -4.133  1.00 25.34 ? 24  LEU A O   1 
ATOM   66   C  CB  . LEU A 1 22  ? -0.850  3.384   -5.419  1.00 25.86 ? 24  LEU A CB  1 
ATOM   67   C  CG  . LEU A 1 22  ? 0.151   4.535   -5.217  1.00 30.93 ? 24  LEU A CG  1 
ATOM   68   C  CD1 . LEU A 1 22  ? 1.110   4.262   -4.063  1.00 40.72 ? 24  LEU A CD1 1 
ATOM   69   C  CD2 . LEU A 1 22  ? 0.947   4.853   -6.464  1.00 28.56 ? 24  LEU A CD2 1 
ATOM   70   N  N   . VAL A 1 23  ? 1.975   1.377   -5.831  1.00 23.99 ? 25  VAL A N   1 
ATOM   71   C  CA  . VAL A 1 23  ? 3.083   0.918   -5.092  1.00 25.98 ? 25  VAL A CA  1 
ATOM   72   C  C   . VAL A 1 23  ? 3.932   2.180   -4.885  1.00 28.82 ? 25  VAL A C   1 
ATOM   73   O  O   . VAL A 1 23  ? 4.374   2.805   -5.882  1.00 28.38 ? 25  VAL A O   1 
ATOM   74   C  CB  . VAL A 1 23  ? 3.906   -0.139  -5.832  1.00 27.61 ? 25  VAL A CB  1 
ATOM   75   C  CG1 . VAL A 1 23  ? 5.175   -0.527  -5.029  1.00 31.79 ? 25  VAL A CG1 1 
ATOM   76   C  CG2 . VAL A 1 23  ? 3.034   -1.365  -6.122  1.00 27.08 ? 25  VAL A CG2 1 
ATOM   77   N  N   . ALA A 1 24  ? 4.242   2.468   -3.620  1.00 25.34 ? 26  ALA A N   1 
ATOM   78   C  CA  . ALA A 1 24  ? 4.975   3.707   -3.267  1.00 28.55 ? 26  ALA A CA  1 
ATOM   79   C  C   . ALA A 1 24  ? 6.085   3.455   -2.272  1.00 30.11 ? 26  ALA A C   1 
ATOM   80   O  O   . ALA A 1 24  ? 5.943   2.702   -1.322  1.00 30.73 ? 26  ALA A O   1 
ATOM   81   C  CB  . ALA A 1 24  ? 3.975   4.698   -2.688  1.00 27.68 ? 26  ALA A CB  1 
ATOM   82   N  N   . LYS A 1 25  ? 7.234   4.144   -2.476  1.00 31.26 ? 27  LYS A N   1 
ATOM   83   C  CA  . LYS A 1 25  ? 8.355   4.110   -1.541  1.00 31.41 ? 27  LYS A CA  1 
ATOM   84   C  C   . LYS A 1 25  ? 8.192   5.243   -0.583  1.00 32.33 ? 27  LYS A C   1 
ATOM   85   O  O   . LYS A 1 25  ? 7.851   6.352   -0.982  1.00 32.75 ? 27  LYS A O   1 
ATOM   86   C  CB  . LYS A 1 25  ? 9.675   4.307   -2.309  1.00 30.98 ? 27  LYS A CB  1 
ATOM   87   C  CG  . LYS A 1 25  ? 10.143  3.175   -3.294  1.00 39.05 ? 27  LYS A CG  1 
ATOM   88   C  CD  . LYS A 1 25  ? 11.317  3.775   -4.210  1.00 41.89 ? 27  LYS A CD  1 
ATOM   89   C  CE  . LYS A 1 25  ? 12.085  2.697   -4.977  1.00 45.95 ? 27  LYS A CE  1 
ATOM   90   N  NZ  . LYS A 1 25  ? 13.399  3.021   -5.623  1.00 41.27 ? 27  LYS A NZ  1 
HETATM 91   N  N   . MSE A 1 26  ? 8.431   4.981   0.694   1.00 33.24 ? 28  MSE A N   1 
HETATM 92   C  CA  . MSE A 1 26  ? 8.457   6.006   1.726   1.00 35.67 ? 28  MSE A CA  1 
HETATM 93   C  C   . MSE A 1 26  ? 9.651   5.733   2.632   1.00 34.95 ? 28  MSE A C   1 
HETATM 94   O  O   . MSE A 1 26  ? 10.295  4.698   2.576   1.00 33.03 ? 28  MSE A O   1 
HETATM 95   C  CB  . MSE A 1 26  ? 7.196   6.077   2.570   1.00 35.40 ? 28  MSE A CB  1 
HETATM 96   C  CG  . MSE A 1 26  ? 6.079   6.702   1.865   1.00 42.14 ? 28  MSE A CG  1 
HETATM 97   SE SE  . MSE A 1 26  ? 4.306   6.520   2.750   1.00 57.83 ? 28  MSE A SE  1 
HETATM 98   C  CE  . MSE A 1 26  ? 4.895   6.465   4.392   1.00 50.06 ? 28  MSE A CE  1 
ATOM   99   N  N   . GLY A 1 27  ? 9.987   6.735   3.420   1.00 39.94 ? 29  GLY A N   1 
ATOM   100  C  CA  . GLY A 1 27  ? 11.006  6.572   4.470   1.00 41.86 ? 29  GLY A CA  1 
ATOM   101  C  C   . GLY A 1 27  ? 12.380  7.062   4.057   1.00 43.93 ? 29  GLY A C   1 
ATOM   102  O  O   . GLY A 1 27  ? 12.443  8.004   3.356   1.00 45.27 ? 29  GLY A O   1 
ATOM   103  N  N   . LEU A 1 28  ? 13.443  6.372   4.485   1.00 47.74 ? 30  LEU A N   1 
ATOM   104  C  CA  . LEU A 1 28  ? 14.842  6.755   4.263   1.00 50.60 ? 30  LEU A CA  1 
ATOM   105  C  C   . LEU A 1 28  ? 15.145  6.639   2.779   1.00 51.17 ? 30  LEU A C   1 
ATOM   106  O  O   . LEU A 1 28  ? 14.712  5.685   2.155   1.00 49.72 ? 30  LEU A O   1 
ATOM   107  C  CB  . LEU A 1 28  ? 15.801  5.815   5.061   1.00 51.66 ? 30  LEU A CB  1 
ATOM   108  C  CG  . LEU A 1 28  ? 15.846  5.830   6.622   1.00 56.10 ? 30  LEU A CG  1 
ATOM   109  C  CD1 . LEU A 1 28  ? 17.282  5.667   7.240   1.00 57.50 ? 30  LEU A CD1 1 
ATOM   110  C  CD2 . LEU A 1 28  ? 15.147  7.094   7.245   1.00 58.76 ? 30  LEU A CD2 1 
ATOM   111  N  N   . ASP A 1 29  ? 15.892  7.601   2.216   1.00 51.92 ? 31  ASP A N   1 
ATOM   112  C  CA  . ASP A 1 29  ? 16.320  7.515   0.817   1.00 53.18 ? 31  ASP A CA  1 
ATOM   113  C  C   . ASP A 1 29  ? 17.536  6.626   0.810   1.00 53.59 ? 31  ASP A C   1 
ATOM   114  O  O   . ASP A 1 29  ? 18.691  7.095   0.997   1.00 57.32 ? 31  ASP A O   1 
ATOM   115  C  CB  . ASP A 1 29  ? 16.675  8.903   0.222   1.00 53.14 ? 31  ASP A CB  1 
ATOM   116  C  CG  . ASP A 1 29  ? 16.783  8.902   -1.332  1.00 56.24 ? 31  ASP A CG  1 
ATOM   117  O  OD1 . ASP A 1 29  ? 17.007  10.014  -1.916  1.00 59.01 ? 31  ASP A OD1 1 
ATOM   118  O  OD2 . ASP A 1 29  ? 16.659  7.873   -2.058  1.00 56.69 ? 31  ASP A OD2 1 
ATOM   119  N  N   . GLY A 1 30  ? 17.282  5.334   0.659   1.00 53.43 ? 32  GLY A N   1 
ATOM   120  C  CA  . GLY A 1 30  ? 18.321  4.334   0.426   1.00 52.25 ? 32  GLY A CA  1 
ATOM   121  C  C   . GLY A 1 30  ? 17.877  3.570   -0.798  1.00 51.22 ? 32  GLY A C   1 
ATOM   122  O  O   . GLY A 1 30  ? 16.941  4.003   -1.477  1.00 50.35 ? 32  GLY A O   1 
ATOM   123  N  N   . HIS A 1 31  ? 18.543  2.452   -1.074  1.00 49.91 ? 33  HIS A N   1 
ATOM   124  C  CA  . HIS A 1 31  ? 18.186  1.590   -2.189  1.00 50.02 ? 33  HIS A CA  1 
ATOM   125  C  C   . HIS A 1 31  ? 17.100  0.573   -1.816  1.00 49.10 ? 33  HIS A C   1 
ATOM   126  O  O   . HIS A 1 31  ? 17.379  -0.300  -1.000  1.00 50.17 ? 33  HIS A O   1 
ATOM   127  C  CB  . HIS A 1 31  ? 19.374  0.794   -2.649  1.00 49.97 ? 33  HIS A CB  1 
ATOM   128  C  CG  . HIS A 1 31  ? 20.369  1.611   -3.396  1.00 54.79 ? 33  HIS A CG  1 
ATOM   129  N  ND1 . HIS A 1 31  ? 20.111  2.126   -4.650  1.00 56.48 ? 33  HIS A ND1 1 
ATOM   130  C  CD2 . HIS A 1 31  ? 21.610  2.028   -3.064  1.00 55.53 ? 33  HIS A CD2 1 
ATOM   131  C  CE1 . HIS A 1 31  ? 21.158  2.809   -5.067  1.00 54.57 ? 33  HIS A CE1 1 
ATOM   132  N  NE2 . HIS A 1 31  ? 22.080  2.762   -4.127  1.00 53.63 ? 33  HIS A NE2 1 
ATOM   133  N  N   . ASP A 1 32  ? 15.922  0.686   -2.434  1.00 46.62 ? 34  ASP A N   1 
ATOM   134  C  CA  . ASP A 1 32  ? 14.773  -0.201  -2.165  1.00 46.08 ? 34  ASP A CA  1 
ATOM   135  C  C   . ASP A 1 32  ? 14.544  -1.170  -3.351  1.00 45.78 ? 34  ASP A C   1 
ATOM   136  O  O   . ASP A 1 32  ? 13.761  -0.852  -4.194  1.00 47.23 ? 34  ASP A O   1 
ATOM   137  C  CB  . ASP A 1 32  ? 13.503  0.659   -1.951  1.00 45.03 ? 34  ASP A CB  1 
ATOM   138  C  CG  . ASP A 1 32  ? 12.261  -0.168  -1.487  1.00 44.15 ? 34  ASP A CG  1 
ATOM   139  O  OD1 . ASP A 1 32  ? 12.280  -1.392  -1.660  1.00 43.91 ? 34  ASP A OD1 1 
ATOM   140  O  OD2 . ASP A 1 32  ? 11.254  0.319   -0.861  1.00 39.28 ? 34  ASP A OD2 1 
ATOM   141  N  N   . ARG A 1 33  ? 15.188  -2.349  -3.366  1.00 46.59 ? 35  ARG A N   1 
ATOM   142  C  CA  . ARG A 1 33  ? 15.061  -3.377  -4.435  1.00 47.11 ? 35  ARG A CA  1 
ATOM   143  C  C   . ARG A 1 33  ? 13.685  -4.082  -4.491  1.00 45.26 ? 35  ARG A C   1 
ATOM   144  O  O   . ARG A 1 33  ? 13.199  -4.452  -5.583  1.00 45.14 ? 35  ARG A O   1 
ATOM   145  C  CB  . ARG A 1 33  ? 16.088  -4.516  -4.249  1.00 48.83 ? 35  ARG A CB  1 
ATOM   146  C  CG  . ARG A 1 33  ? 17.419  -4.168  -3.542  1.00 54.01 ? 35  ARG A CG  1 
ATOM   147  C  CD  . ARG A 1 33  ? 18.585  -3.969  -4.481  1.00 57.68 ? 35  ARG A CD  1 
ATOM   148  N  NE  . ARG A 1 33  ? 19.680  -3.331  -3.763  1.00 59.71 ? 35  ARG A NE  1 
ATOM   149  C  CZ  . ARG A 1 33  ? 20.568  -2.512  -4.323  1.00 60.14 ? 35  ARG A CZ  1 
ATOM   150  N  NH1 . ARG A 1 33  ? 20.472  -2.216  -5.617  1.00 59.95 ? 35  ARG A NH1 1 
ATOM   151  N  NH2 . ARG A 1 33  ? 21.550  -1.968  -3.580  1.00 60.27 ? 35  ARG A NH2 1 
ATOM   152  N  N   . GLY A 1 34  ? 13.126  -4.299  -3.287  1.00 42.98 ? 36  GLY A N   1 
ATOM   153  C  CA  . GLY A 1 34  ? 11.829  -4.946  -2.996  1.00 40.63 ? 36  GLY A CA  1 
ATOM   154  C  C   . GLY A 1 34  ? 10.636  -4.352  -3.768  1.00 38.13 ? 36  GLY A C   1 
ATOM   155  O  O   . GLY A 1 34  ? 9.841   -5.086  -4.362  1.00 37.41 ? 36  GLY A O   1 
ATOM   156  N  N   . ALA A 1 35  ? 10.555  -3.031  -3.784  1.00 34.71 ? 37  ALA A N   1 
ATOM   157  C  CA  . ALA A 1 35  ? 9.412   -2.304  -4.270  1.00 32.59 ? 37  ALA A CA  1 
ATOM   158  C  C   . ALA A 1 35  ? 9.246   -2.546  -5.735  1.00 30.26 ? 37  ALA A C   1 
ATOM   159  O  O   . ALA A 1 35  ? 8.178   -2.841  -6.168  1.00 28.02 ? 37  ALA A O   1 
ATOM   160  C  CB  . ALA A 1 35  ? 9.455   -0.820  -3.899  1.00 31.87 ? 37  ALA A CB  1 
ATOM   161  N  N   . LYS A 1 36  ? 10.310  -2.480  -6.521  1.00 31.41 ? 38  LYS A N   1 
ATOM   162  C  CA  . LYS A 1 36  ? 10.244  -2.760  -7.966  1.00 30.50 ? 38  LYS A CA  1 
ATOM   163  C  C   . LYS A 1 36  ? 9.811   -4.150  -8.278  1.00 28.75 ? 38  LYS A C   1 
ATOM   164  O  O   . LYS A 1 36  ? 9.056   -4.412  -9.250  1.00 28.04 ? 38  LYS A O   1 
ATOM   165  C  CB  . LYS A 1 36  ? 11.645  -2.499  -8.659  1.00 33.04 ? 38  LYS A CB  1 
ATOM   166  C  CG  . LYS A 1 36  ? 11.532  -2.240  -10.123 1.00 37.54 ? 38  LYS A CG  1 
ATOM   167  C  CD  . LYS A 1 36  ? 12.903  -1.917  -10.755 1.00 43.44 ? 38  LYS A CD  1 
ATOM   168  C  CE  . LYS A 1 36  ? 12.871  -2.299  -12.275 1.00 48.87 ? 38  LYS A CE  1 
ATOM   169  N  NZ  . LYS A 1 36  ? 11.817  -1.580  -13.036 1.00 51.52 ? 38  LYS A NZ  1 
ATOM   170  N  N   . VAL A 1 37  ? 10.302  -5.087  -7.499  1.00 27.02 ? 39  VAL A N   1 
ATOM   171  C  CA  . VAL A 1 37  ? 10.024  -6.474  -7.737  1.00 28.54 ? 39  VAL A CA  1 
ATOM   172  C  C   . VAL A 1 37  ? 8.542   -6.669  -7.456  1.00 27.40 ? 39  VAL A C   1 
ATOM   173  O  O   . VAL A 1 37  ? 7.892   -7.403  -8.184  1.00 23.82 ? 39  VAL A O   1 
ATOM   174  C  CB  . VAL A 1 37  ? 10.871  -7.407  -6.889  1.00 30.43 ? 39  VAL A CB  1 
ATOM   175  C  CG1 . VAL A 1 37  ? 10.445  -8.868  -7.046  1.00 34.22 ? 39  VAL A CG1 1 
ATOM   176  C  CG2 . VAL A 1 37  ? 12.422  -7.249  -7.280  1.00 32.08 ? 39  VAL A CG2 1 
ATOM   177  N  N   . VAL A 1 38  ? 8.029   -6.044  -6.398  1.00 25.37 ? 40  VAL A N   1 
ATOM   178  C  CA  . VAL A 1 38  ? 6.548   -6.178  -6.145  1.00 24.66 ? 40  VAL A CA  1 
ATOM   179  C  C   . VAL A 1 38  ? 5.712   -5.551  -7.222  1.00 24.00 ? 40  VAL A C   1 
ATOM   180  O  O   . VAL A 1 38  ? 4.702   -6.110  -7.700  1.00 20.88 ? 40  VAL A O   1 
ATOM   181  C  CB  . VAL A 1 38  ? 6.203   -5.680  -4.780  1.00 25.17 ? 40  VAL A CB  1 
ATOM   182  C  CG1 . VAL A 1 38  ? 4.747   -5.578  -4.604  1.00 26.53 ? 40  VAL A CG1 1 
ATOM   183  C  CG2 . VAL A 1 38  ? 6.844   -6.689  -3.789  1.00 27.12 ? 40  VAL A CG2 1 
ATOM   184  N  N   . ALA A 1 39  ? 6.121   -4.397  -7.683  1.00 23.99 ? 41  ALA A N   1 
ATOM   185  C  CA  . ALA A 1 39  ? 5.392   -3.784  -8.731  1.00 24.31 ? 41  ALA A CA  1 
ATOM   186  C  C   . ALA A 1 39  ? 5.339   -4.606  -9.946  1.00 25.48 ? 41  ALA A C   1 
ATOM   187  O  O   . ALA A 1 39  ? 4.302   -4.735  -10.562 1.00 22.68 ? 41  ALA A O   1 
ATOM   188  C  CB  . ALA A 1 39  ? 6.038   -2.381  -9.058  1.00 26.84 ? 41  ALA A CB  1 
ATOM   189  N  N   . ARG A 1 40  ? 6.478   -5.180  -10.362 1.00 24.81 ? 42  ARG A N   1 
ATOM   190  C  CA  . ARG A 1 40  ? 6.482   -6.028  -11.561 1.00 25.66 ? 42  ARG A CA  1 
ATOM   191  C  C   . ARG A 1 40  ? 5.733   -7.376  -11.370 1.00 24.80 ? 42  ARG A C   1 
ATOM   192  O  O   . ARG A 1 40  ? 5.056   -7.851  -12.266 1.00 25.82 ? 42  ARG A O   1 
ATOM   193  C  CB  . ARG A 1 40  ? 7.959   -6.188  -12.021 1.00 29.51 ? 42  ARG A CB  1 
ATOM   194  C  CG  . ARG A 1 40  ? 8.140   -7.252  -13.088 1.00 33.38 ? 42  ARG A CG  1 
ATOM   195  C  CD  . ARG A 1 40  ? 8.969   -8.427  -12.694 1.00 44.21 ? 42  ARG A CD  1 
ATOM   196  N  NE  . ARG A 1 40  ? 8.545   -8.967  -11.392 1.00 50.19 ? 42  ARG A NE  1 
ATOM   197  C  CZ  . ARG A 1 40  ? 9.347   -9.377  -10.439 1.00 47.05 ? 42  ARG A CZ  1 
ATOM   198  N  NH1 . ARG A 1 40  ? 10.714  -9.391  -10.578 1.00 56.11 ? 42  ARG A NH1 1 
ATOM   199  N  NH2 . ARG A 1 40  ? 8.793   -9.818  -9.361  1.00 51.35 ? 42  ARG A NH2 1 
ATOM   200  N  N   . ALA A 1 41  ? 5.731   -7.948  -10.192 1.00 24.41 ? 43  ALA A N   1 
ATOM   201  C  CA  . ALA A 1 41  ? 4.990   -9.175  -9.905  1.00 24.17 ? 43  ALA A CA  1 
ATOM   202  C  C   . ALA A 1 41  ? 3.487   -8.898  -9.938  1.00 24.51 ? 43  ALA A C   1 
ATOM   203  O  O   . ALA A 1 41  ? 2.714   -9.697  -10.446 1.00 25.72 ? 43  ALA A O   1 
ATOM   204  C  CB  . ALA A 1 41  ? 5.336   -9.725  -8.627  1.00 25.35 ? 43  ALA A CB  1 
ATOM   205  N  N   . LEU A 1 42  ? 3.088   -7.729  -9.507  1.00 24.19 ? 44  LEU A N   1 
ATOM   206  C  CA  . LEU A 1 42  ? 1.676   -7.391  -9.518  1.00 23.62 ? 44  LEU A CA  1 
ATOM   207  C  C   . LEU A 1 42  ? 1.247   -7.189  -10.970 1.00 23.96 ? 44  LEU A C   1 
ATOM   208  O  O   . LEU A 1 42  ? 0.196   -7.619  -11.381 1.00 24.58 ? 44  LEU A O   1 
ATOM   209  C  CB  . LEU A 1 42  ? 1.447   -6.115  -8.723  1.00 23.75 ? 44  LEU A CB  1 
ATOM   210  C  CG  . LEU A 1 42  ? 1.431   -6.243  -7.195  1.00 21.73 ? 44  LEU A CG  1 
ATOM   211  C  CD1 . LEU A 1 42  ? 1.499   -4.946  -6.513  1.00 23.19 ? 44  LEU A CD1 1 
ATOM   212  C  CD2 . LEU A 1 42  ? 0.227   -7.111  -6.645  1.00 24.30 ? 44  LEU A CD2 1 
ATOM   213  N  N   . ARG A 1 43  ? 2.134   -6.652  -11.766 1.00 26.35 ? 45  ARG A N   1 
ATOM   214  C  CA  . ARG A 1 43  ? 1.813   -6.410  -13.215 1.00 27.71 ? 45  ARG A CA  1 
ATOM   215  C  C   . ARG A 1 43  ? 1.727   -7.683  -13.980 1.00 27.97 ? 45  ARG A C   1 
ATOM   216  O  O   . ARG A 1 43  ? 0.742   -7.878  -14.691 1.00 28.76 ? 45  ARG A O   1 
ATOM   217  C  CB  . ARG A 1 43  ? 2.830   -5.491  -13.880 1.00 27.05 ? 45  ARG A CB  1 
ATOM   218  C  CG  . ARG A 1 43  ? 2.794   -4.096  -13.518 1.00 37.64 ? 45  ARG A CG  1 
ATOM   219  C  CD  . ARG A 1 43  ? 3.968   -3.331  -14.111 1.00 43.91 ? 45  ARG A CD  1 
ATOM   220  N  NE  . ARG A 1 43  ? 4.007   -1.988  -13.571 1.00 51.82 ? 45  ARG A NE  1 
ATOM   221  C  CZ  . ARG A 1 43  ? 3.716   -0.884  -14.245 1.00 52.92 ? 45  ARG A CZ  1 
ATOM   222  N  NH1 . ARG A 1 43  ? 3.792   0.270   -13.615 1.00 51.26 ? 45  ARG A NH1 1 
ATOM   223  N  NH2 . ARG A 1 43  ? 3.381   -0.917  -15.541 1.00 55.14 ? 45  ARG A NH2 1 
ATOM   224  N  N   . ASP A 1 44  ? 2.652   -8.583  -13.744 1.00 26.78 ? 46  ASP A N   1 
ATOM   225  C  CA  . ASP A 1 44  ? 2.619   -9.920  -14.304 1.00 26.49 ? 46  ASP A CA  1 
ATOM   226  C  C   . ASP A 1 44  ? 1.429   -10.717 -13.866 1.00 25.91 ? 46  ASP A C   1 
ATOM   227  O  O   . ASP A 1 44  ? 0.946   -11.538 -14.640 1.00 28.94 ? 46  ASP A O   1 
ATOM   228  C  CB  . ASP A 1 44  ? 3.850   -10.731 -13.978 1.00 27.02 ? 46  ASP A CB  1 
ATOM   229  C  CG  . ASP A 1 44  ? 5.132   -10.188 -14.630 1.00 32.71 ? 46  ASP A CG  1 
ATOM   230  O  OD1 . ASP A 1 44  ? 5.053   -9.323  -15.508 1.00 33.59 ? 46  ASP A OD1 1 
ATOM   231  O  OD2 . ASP A 1 44  ? 6.234   -10.622 -14.238 1.00 35.34 ? 46  ASP A OD2 1 
ATOM   232  N  N   . ALA A 1 45  ? 0.860   -10.410 -12.663 1.00 24.43 ? 47  ALA A N   1 
ATOM   233  C  CA  . ALA A 1 45  ? -0.339  -11.078 -12.245 1.00 23.15 ? 47  ALA A CA  1 
ATOM   234  C  C   . ALA A 1 45  ? -1.575  -10.299 -12.703 1.00 23.44 ? 47  ALA A C   1 
ATOM   235  O  O   . ALA A 1 45  ? -2.645  -10.507 -12.220 1.00 22.17 ? 47  ALA A O   1 
ATOM   236  C  CB  . ALA A 1 45  ? -0.378  -11.216 -10.676 1.00 23.72 ? 47  ALA A CB  1 
ATOM   237  N  N   . GLY A 1 46  ? -1.411  -9.437  -13.667 1.00 22.01 ? 48  GLY A N   1 
ATOM   238  C  CA  . GLY A 1 46  ? -2.582  -8.779  -14.255 1.00 25.16 ? 48  GLY A CA  1 
ATOM   239  C  C   . GLY A 1 46  ? -3.221  -7.587  -13.619 1.00 23.33 ? 48  GLY A C   1 
ATOM   240  O  O   . GLY A 1 46  ? -4.260  -7.134  -14.047 1.00 26.00 ? 48  GLY A O   1 
ATOM   241  N  N   . PHE A 1 47  ? -2.596  -6.989  -12.595 1.00 21.77 ? 49  PHE A N   1 
ATOM   242  C  CA  . PHE A 1 47  ? -3.041  -5.756  -12.048 1.00 21.67 ? 49  PHE A CA  1 
ATOM   243  C  C   . PHE A 1 47  ? -2.532  -4.572  -12.845 1.00 23.02 ? 49  PHE A C   1 
ATOM   244  O  O   . PHE A 1 47  ? -1.449  -4.658  -13.495 1.00 24.91 ? 49  PHE A O   1 
ATOM   245  C  CB  . PHE A 1 47  ? -2.436  -5.575  -10.631 1.00 21.67 ? 49  PHE A CB  1 
ATOM   246  C  CG  . PHE A 1 47  ? -2.941  -6.483  -9.619  1.00 18.71 ? 49  PHE A CG  1 
ATOM   247  C  CD1 . PHE A 1 47  ? -4.024  -6.113  -8.856  1.00 17.49 ? 49  PHE A CD1 1 
ATOM   248  C  CD2 . PHE A 1 47  ? -2.436  -7.774  -9.454  1.00 20.76 ? 49  PHE A CD2 1 
ATOM   249  C  CE1 . PHE A 1 47  ? -4.545  -6.938  -7.904  1.00 22.42 ? 49  PHE A CE1 1 
ATOM   250  C  CE2 . PHE A 1 47  ? -2.934  -8.610  -8.469  1.00 21.43 ? 49  PHE A CE2 1 
ATOM   251  C  CZ  . PHE A 1 47  ? -4.012  -8.177  -7.684  1.00 21.41 ? 49  PHE A CZ  1 
ATOM   252  N  N   . GLU A 1 48  ? -3.262  -3.486  -12.829 1.00 24.76 ? 50  GLU A N   1 
ATOM   253  C  CA  . GLU A 1 48  ? -2.761  -2.170  -13.271 1.00 25.76 ? 50  GLU A CA  1 
ATOM   254  C  C   . GLU A 1 48  ? -1.992  -1.574  -12.141 1.00 25.55 ? 50  GLU A C   1 
ATOM   255  O  O   . GLU A 1 48  ? -2.528  -1.514  -11.017 1.00 25.93 ? 50  GLU A O   1 
ATOM   256  C  CB  . GLU A 1 48  ? -3.915  -1.290  -13.677 1.00 28.20 ? 50  GLU A CB  1 
ATOM   257  C  CG  . GLU A 1 48  ? -3.458  0.028   -14.269 1.00 31.38 ? 50  GLU A CG  1 
ATOM   258  C  CD  . GLU A 1 48  ? -4.580  1.010   -14.514 1.00 36.05 ? 50  GLU A CD  1 
ATOM   259  O  OE1 . GLU A 1 48  ? -5.758  0.581   -14.650 1.00 39.19 ? 50  GLU A OE1 1 
ATOM   260  O  OE2 . GLU A 1 48  ? -4.278  2.213   -14.556 1.00 37.99 ? 50  GLU A OE2 1 
ATOM   261  N  N   . VAL A 1 49  ? -0.750  -1.185  -12.390 1.00 24.69 ? 51  VAL A N   1 
ATOM   262  C  CA  . VAL A 1 49  ? 0.134   -0.794  -11.301 1.00 25.90 ? 51  VAL A CA  1 
ATOM   263  C  C   . VAL A 1 49  ? 0.646   0.614   -11.556 1.00 27.62 ? 51  VAL A C   1 
ATOM   264  O  O   . VAL A 1 49  ? 1.198   0.897   -12.629 1.00 29.66 ? 51  VAL A O   1 
ATOM   265  C  CB  . VAL A 1 49  ? 1.302   -1.758  -11.082 1.00 23.59 ? 51  VAL A CB  1 
ATOM   266  C  CG1 . VAL A 1 49  ? 2.227   -1.243  -9.940  1.00 29.31 ? 51  VAL A CG1 1 
ATOM   267  C  CG2 . VAL A 1 49  ? 0.902   -3.174  -10.884 1.00 24.20 ? 51  VAL A CG2 1 
ATOM   268  N  N   . VAL A 1 50  ? 0.456   1.488   -10.595 1.00 27.34 ? 52  VAL A N   1 
ATOM   269  C  CA  . VAL A 1 50  ? 1.156   2.771   -10.567 1.00 29.56 ? 52  VAL A CA  1 
ATOM   270  C  C   . VAL A 1 50  ? 2.449   2.711   -9.701  1.00 31.36 ? 52  VAL A C   1 
ATOM   271  O  O   . VAL A 1 50  ? 2.383   2.471   -8.526  1.00 27.70 ? 52  VAL A O   1 
ATOM   272  C  CB  . VAL A 1 50  ? 0.208   3.871   -10.058 1.00 29.86 ? 52  VAL A CB  1 
ATOM   273  C  CG1 . VAL A 1 50  ? 0.878   5.319   -10.196 1.00 33.80 ? 52  VAL A CG1 1 
ATOM   274  C  CG2 . VAL A 1 50  ? -1.015  3.846   -10.788 1.00 33.35 ? 52  VAL A CG2 1 
ATOM   275  N  N   . TYR A 1 51  ? 3.613   2.949   -10.286 1.00 30.85 ? 53  TYR A N   1 
ATOM   276  C  CA  . TYR A 1 51  ? 4.883   2.866   -9.564  1.00 32.23 ? 53  TYR A CA  1 
ATOM   277  C  C   . TYR A 1 51  ? 5.882   3.892   -10.182 1.00 34.10 ? 53  TYR A C   1 
ATOM   278  O  O   . TYR A 1 51  ? 6.327   3.683   -11.312 1.00 34.27 ? 53  TYR A O   1 
ATOM   279  C  CB  . TYR A 1 51  ? 5.460   1.460   -9.661  1.00 30.22 ? 53  TYR A CB  1 
ATOM   280  C  CG  . TYR A 1 51  ? 6.801   1.287   -9.002  1.00 33.46 ? 53  TYR A CG  1 
ATOM   281  C  CD1 . TYR A 1 51  ? 7.008   1.561   -7.677  1.00 36.77 ? 53  TYR A CD1 1 
ATOM   282  C  CD2 . TYR A 1 51  ? 7.894   0.910   -9.756  1.00 37.66 ? 53  TYR A CD2 1 
ATOM   283  C  CE1 . TYR A 1 51  ? 8.281   1.395   -7.111  1.00 35.72 ? 53  TYR A CE1 1 
ATOM   284  C  CE2 . TYR A 1 51  ? 9.076   0.794   -9.234  1.00 37.62 ? 53  TYR A CE2 1 
ATOM   285  C  CZ  . TYR A 1 51  ? 9.281   1.024   -7.914  1.00 33.63 ? 53  TYR A CZ  1 
ATOM   286  O  OH  . TYR A 1 51  ? 10.573  0.915   -7.485  1.00 40.46 ? 53  TYR A OH  1 
ATOM   287  N  N   . THR A 1 52  ? 6.218   4.954   -9.480  1.00 34.04 ? 54  THR A N   1 
ATOM   288  C  CA  . THR A 1 52  ? 7.169   5.954   -10.044 1.00 36.37 ? 54  THR A CA  1 
ATOM   289  C  C   . THR A 1 52  ? 8.591   5.561   -9.836  1.00 37.90 ? 54  THR A C   1 
ATOM   290  O  O   . THR A 1 52  ? 9.500   6.073   -10.540 1.00 38.06 ? 54  THR A O   1 
ATOM   291  C  CB  . THR A 1 52  ? 6.957   7.351   -9.520  1.00 37.89 ? 54  THR A CB  1 
ATOM   292  O  OG1 . THR A 1 52  ? 7.117   7.416   -8.094  1.00 37.10 ? 54  THR A OG1 1 
ATOM   293  C  CG2 . THR A 1 52  ? 5.544   7.789   -9.797  1.00 39.03 ? 54  THR A CG2 1 
ATOM   294  N  N   . GLY A 1 53  ? 8.828   4.694   -8.871  1.00 37.30 ? 55  GLY A N   1 
ATOM   295  C  CA  . GLY A 1 53  ? 10.192  4.435   -8.459  1.00 37.87 ? 55  GLY A CA  1 
ATOM   296  C  C   . GLY A 1 53  ? 10.806  5.445   -7.524  1.00 38.24 ? 55  GLY A C   1 
ATOM   297  O  O   . GLY A 1 53  ? 11.971  5.273   -7.141  1.00 38.38 ? 55  GLY A O   1 
ATOM   298  N  N   . LEU A 1 54  ? 10.077  6.479   -7.124  1.00 37.93 ? 56  LEU A N   1 
ATOM   299  C  CA  . LEU A 1 54  ? 10.708  7.553   -6.413  1.00 40.10 ? 56  LEU A CA  1 
ATOM   300  C  C   . LEU A 1 54  ? 10.161  7.647   -5.009  1.00 40.16 ? 56  LEU A C   1 
ATOM   301  O  O   . LEU A 1 54  ? 8.944   7.524   -4.810  1.00 37.97 ? 56  LEU A O   1 
ATOM   302  C  CB  . LEU A 1 54  ? 10.477  8.891   -7.142  1.00 39.55 ? 56  LEU A CB  1 
ATOM   303  C  CG  . LEU A 1 54  ? 11.463  9.268   -8.275  1.00 43.66 ? 56  LEU A CG  1 
ATOM   304  C  CD1 . LEU A 1 54  ? 12.079  8.119   -9.012  1.00 49.15 ? 56  LEU A CD1 1 
ATOM   305  C  CD2 . LEU A 1 54  ? 10.784  10.168  -9.261  1.00 44.07 ? 56  LEU A CD2 1 
ATOM   306  N  N   . ARG A 1 55  ? 11.030  7.967   -4.057  1.00 40.36 ? 57  ARG A N   1 
ATOM   307  C  CA  . ARG A 1 55  ? 10.507  8.230   -2.699  1.00 43.24 ? 57  ARG A CA  1 
ATOM   308  C  C   . ARG A 1 55  ? 9.475   9.374   -2.649  1.00 41.96 ? 57  ARG A C   1 
ATOM   309  O  O   . ARG A 1 55  ? 9.591   10.427  -3.317  1.00 42.76 ? 57  ARG A O   1 
ATOM   310  C  CB  . ARG A 1 55  ? 11.612  8.390   -1.670  1.00 43.61 ? 57  ARG A CB  1 
ATOM   311  C  CG  . ARG A 1 55  ? 11.072  8.747   -0.237  1.00 50.95 ? 57  ARG A CG  1 
ATOM   312  C  CD  . ARG A 1 55  ? 12.158  9.031   0.829   1.00 58.48 ? 57  ARG A CD  1 
ATOM   313  N  NE  . ARG A 1 55  ? 12.818  10.326  0.621   1.00 62.59 ? 57  ARG A NE  1 
ATOM   314  C  CZ  . ARG A 1 55  ? 13.342  11.123  1.575   1.00 65.29 ? 57  ARG A CZ  1 
ATOM   315  N  NH1 . ARG A 1 55  ? 13.318  10.806  2.870   1.00 64.44 ? 57  ARG A NH1 1 
ATOM   316  N  NH2 . ARG A 1 55  ? 13.900  12.271  1.206   1.00 67.33 ? 57  ARG A NH2 1 
ATOM   317  N  N   . GLN A 1 56  ? 8.424   9.159   -1.849  1.00 41.80 ? 58  GLN A N   1 
ATOM   318  C  CA  . GLN A 1 56  ? 7.330   10.049  -1.695  1.00 40.94 ? 58  GLN A CA  1 
ATOM   319  C  C   . GLN A 1 56  ? 7.018   10.277  -0.245  1.00 40.34 ? 58  GLN A C   1 
ATOM   320  O  O   . GLN A 1 56  ? 7.260   9.431   0.603   1.00 40.83 ? 58  GLN A O   1 
ATOM   321  C  CB  . GLN A 1 56  ? 6.052   9.518   -2.409  1.00 42.40 ? 58  GLN A CB  1 
ATOM   322  C  CG  . GLN A 1 56  ? 6.091   9.493   -3.933  1.00 44.44 ? 58  GLN A CG  1 
ATOM   323  C  CD  . GLN A 1 56  ? 4.902   8.722   -4.507  1.00 49.37 ? 58  GLN A CD  1 
ATOM   324  O  OE1 . GLN A 1 56  ? 3.861   9.312   -4.789  1.00 51.59 ? 58  GLN A OE1 1 
ATOM   325  N  NE2 . GLN A 1 56  ? 5.064   7.393   -4.678  1.00 48.76 ? 58  GLN A NE2 1 
ATOM   326  N  N   . THR A 1 57  ? 6.433   11.427  0.018   1.00 39.68 ? 59  THR A N   1 
ATOM   327  C  CA  . THR A 1 57  ? 5.896   11.755  1.335   1.00 40.00 ? 59  THR A CA  1 
ATOM   328  C  C   . THR A 1 57  ? 4.465   11.152  1.484   1.00 40.28 ? 59  THR A C   1 
ATOM   329  O  O   . THR A 1 57  ? 3.767   10.920  0.484   1.00 38.26 ? 59  THR A O   1 
ATOM   330  C  CB  . THR A 1 57  ? 5.857   13.273  1.595   1.00 39.94 ? 59  THR A CB  1 
ATOM   331  O  OG1 . THR A 1 57  ? 4.726   13.835  0.958   1.00 39.11 ? 59  THR A OG1 1 
ATOM   332  C  CG2 . THR A 1 57  ? 7.081   14.024  0.996   1.00 42.44 ? 59  THR A CG2 1 
ATOM   333  N  N   . PRO A 1 58  ? 4.050   10.897  2.723   1.00 40.68 ? 60  PRO A N   1 
ATOM   334  C  CA  . PRO A 1 58  ? 2.741   10.338  2.972   1.00 41.51 ? 60  PRO A CA  1 
ATOM   335  C  C   . PRO A 1 58  ? 1.628   11.128  2.323   1.00 41.77 ? 60  PRO A C   1 
ATOM   336  O  O   . PRO A 1 58  ? 0.636   10.510  1.916   1.00 40.53 ? 60  PRO A O   1 
ATOM   337  C  CB  . PRO A 1 58  ? 2.624   10.395  4.492   1.00 41.95 ? 60  PRO A CB  1 
ATOM   338  C  CG  . PRO A 1 58  ? 3.960   10.404  5.004   1.00 41.53 ? 60  PRO A CG  1 
ATOM   339  C  CD  . PRO A 1 58  ? 4.769   11.115  3.983   1.00 41.84 ? 60  PRO A CD  1 
ATOM   340  N  N   . GLU A 1 59  ? 1.764   12.457  2.206   1.00 41.72 ? 61  GLU A N   1 
ATOM   341  C  CA  . GLU A 1 59  ? 0.689   13.241  1.579   1.00 42.48 ? 61  GLU A CA  1 
ATOM   342  C  C   . GLU A 1 59  ? 0.697   13.029  0.085   1.00 40.31 ? 61  GLU A C   1 
ATOM   343  O  O   . GLU A 1 59  ? -0.346  13.031  -0.505  1.00 41.33 ? 61  GLU A O   1 
ATOM   344  C  CB  . GLU A 1 59  ? 0.804   14.789  1.804   1.00 43.25 ? 61  GLU A CB  1 
ATOM   345  C  CG  . GLU A 1 59  ? 2.037   15.279  2.500   1.00 49.19 ? 61  GLU A CG  1 
ATOM   346  C  CD  . GLU A 1 59  ? 2.161   14.770  3.932   1.00 47.61 ? 61  GLU A CD  1 
ATOM   347  O  OE1 . GLU A 1 59  ? 1.169   14.773  4.665   1.00 56.12 ? 61  GLU A OE1 1 
ATOM   348  O  OE2 . GLU A 1 59  ? 3.247   14.339  4.310   1.00 50.93 ? 61  GLU A OE2 1 
ATOM   349  N  N   . GLN A 1 60  ? 1.880   12.948  -0.512  1.00 39.65 ? 62  GLN A N   1 
ATOM   350  C  CA  . GLN A 1 60  ? 2.028   12.666  -1.966  1.00 39.86 ? 62  GLN A CA  1 
ATOM   351  C  C   . GLN A 1 60  ? 1.445   11.313  -2.329  1.00 37.67 ? 62  GLN A C   1 
ATOM   352  O  O   . GLN A 1 60  ? 0.917   11.156  -3.405  1.00 37.80 ? 62  GLN A O   1 
ATOM   353  C  CB  . GLN A 1 60  ? 3.461   12.664  -2.417  1.00 39.37 ? 62  GLN A CB  1 
ATOM   354  C  CG  . GLN A 1 60  ? 4.134   13.995  -2.209  1.00 43.43 ? 62  GLN A CG  1 
ATOM   355  C  CD  . GLN A 1 60  ? 5.511   14.020  -2.727  1.00 43.43 ? 62  GLN A CD  1 
ATOM   356  O  OE1 . GLN A 1 60  ? 6.408   13.332  -2.229  1.00 46.67 ? 62  GLN A OE1 1 
ATOM   357  N  NE2 . GLN A 1 60  ? 5.697   14.775  -3.771  1.00 49.54 ? 62  GLN A NE2 1 
ATOM   358  N  N   . VAL A 1 61  ? 1.590   10.336  -1.441  1.00 36.47 ? 63  VAL A N   1 
ATOM   359  C  CA  . VAL A 1 61  ? 1.030   8.971   -1.652  1.00 33.62 ? 63  VAL A CA  1 
ATOM   360  C  C   . VAL A 1 61  ? -0.473  8.987   -1.595  1.00 33.36 ? 63  VAL A C   1 
ATOM   361  O  O   . VAL A 1 61  ? -1.198  8.448   -2.481  1.00 31.21 ? 63  VAL A O   1 
ATOM   362  C  CB  . VAL A 1 61  ? 1.593   8.013   -0.618  1.00 33.46 ? 63  VAL A CB  1 
ATOM   363  C  CG1 . VAL A 1 61  ? 0.928   6.564   -0.689  1.00 31.13 ? 63  VAL A CG1 1 
ATOM   364  C  CG2 . VAL A 1 61  ? 3.079   7.910   -0.734  1.00 33.59 ? 63  VAL A CG2 1 
ATOM   365  N  N   . ALA A 1 62  ? -0.975  9.600   -0.523  1.00 33.52 ? 64  ALA A N   1 
ATOM   366  C  CA  . ALA A 1 62  ? -2.379  9.717   -0.387  1.00 34.52 ? 64  ALA A CA  1 
ATOM   367  C  C   . ALA A 1 62  ? -3.021  10.470  -1.583  1.00 37.46 ? 64  ALA A C   1 
ATOM   368  O  O   . ALA A 1 62  ? -4.118  10.100  -2.044  1.00 37.79 ? 64  ALA A O   1 
ATOM   369  C  CB  . ALA A 1 62  ? -2.717  10.365  0.942   1.00 35.54 ? 64  ALA A CB  1 
HETATM 370  N  N   . MSE A 1 63  ? -2.346  11.496  -2.103  1.00 39.21 ? 65  MSE A N   1 
HETATM 371  C  CA  . MSE A 1 63  ? -2.939  12.290  -3.174  1.00 41.12 ? 65  MSE A CA  1 
HETATM 372  C  C   . MSE A 1 63  ? -2.924  11.520  -4.454  1.00 38.64 ? 65  MSE A C   1 
HETATM 373  O  O   . MSE A 1 63  ? -3.891  11.473  -5.168  1.00 39.29 ? 65  MSE A O   1 
HETATM 374  C  CB  . MSE A 1 63  ? -2.166  13.591  -3.421  1.00 43.37 ? 65  MSE A CB  1 
HETATM 375  C  CG  . MSE A 1 63  ? -2.954  14.898  -3.163  1.00 52.32 ? 65  MSE A CG  1 
HETATM 376  SE SE  . MSE A 1 63  ? -4.765  15.059  -4.080  1.00 70.05 ? 65  MSE A SE  1 
HETATM 377  C  CE  . MSE A 1 63  ? -5.611  15.775  -2.536  1.00 66.21 ? 65  MSE A CE  1 
ATOM   378  N  N   . ALA A 1 64  ? -1.788  10.930  -4.734  1.00 37.20 ? 66  ALA A N   1 
ATOM   379  C  CA  . ALA A 1 64  ? -1.633  10.026  -5.852  1.00 37.37 ? 66  ALA A CA  1 
ATOM   380  C  C   . ALA A 1 64  ? -2.715  8.939   -5.859  1.00 35.28 ? 66  ALA A C   1 
ATOM   381  O  O   . ALA A 1 64  ? -3.371  8.634   -6.900  1.00 35.04 ? 66  ALA A O   1 
ATOM   382  C  CB  . ALA A 1 64  ? -0.255  9.418   -5.773  1.00 37.90 ? 66  ALA A CB  1 
ATOM   383  N  N   . ALA A 1 65  ? -2.915  8.348   -4.701  1.00 35.15 ? 67  ALA A N   1 
ATOM   384  C  CA  . ALA A 1 65  ? -3.832  7.234   -4.569  1.00 33.57 ? 67  ALA A CA  1 
ATOM   385  C  C   . ALA A 1 65  ? -5.231  7.649   -5.007  1.00 34.73 ? 67  ALA A C   1 
ATOM   386  O  O   . ALA A 1 65  ? -5.930  6.922   -5.756  1.00 32.88 ? 67  ALA A O   1 
ATOM   387  C  CB  . ALA A 1 65  ? -3.801  6.722   -3.130  1.00 34.54 ? 67  ALA A CB  1 
ATOM   388  N  N   . VAL A 1 66  ? -5.666  8.841   -4.550  1.00 36.30 ? 68  VAL A N   1 
ATOM   389  C  CA  . VAL A 1 66  ? -7.025  9.316   -4.811  1.00 37.21 ? 68  VAL A CA  1 
ATOM   390  C  C   . VAL A 1 66  ? -7.127  9.907   -6.216  1.00 38.44 ? 68  VAL A C   1 
ATOM   391  O  O   . VAL A 1 66  ? -8.126  9.700   -6.910  1.00 38.22 ? 68  VAL A O   1 
ATOM   392  C  CB  . VAL A 1 66  ? -7.566  10.291  -3.746  1.00 38.86 ? 68  VAL A CB  1 
ATOM   393  C  CG1 . VAL A 1 66  ? -9.058  10.599  -4.035  1.00 40.33 ? 68  VAL A CG1 1 
ATOM   394  C  CG2 . VAL A 1 66  ? -7.505  9.674   -2.413  1.00 33.62 ? 68  VAL A CG2 1 
ATOM   395  N  N   . GLN A 1 67  ? -6.065  10.529  -6.657  1.00 40.12 ? 69  GLN A N   1 
ATOM   396  C  CA  . GLN A 1 67  ? -5.996  11.040  -8.045  1.00 41.92 ? 69  GLN A CA  1 
ATOM   397  C  C   . GLN A 1 67  ? -6.022  9.926   -9.118  1.00 41.74 ? 69  GLN A C   1 
ATOM   398  O  O   . GLN A 1 67  ? -6.677  10.061  -10.142 1.00 40.07 ? 69  GLN A O   1 
ATOM   399  C  CB  . GLN A 1 67  ? -4.768  11.888  -8.205  1.00 43.96 ? 69  GLN A CB  1 
ATOM   400  C  CG  . GLN A 1 67  ? -5.047  13.346  -7.838  1.00 48.26 ? 69  GLN A CG  1 
ATOM   401  C  CD  . GLN A 1 67  ? -3.761  14.130  -7.647  1.00 53.40 ? 69  GLN A CD  1 
ATOM   402  O  OE1 . GLN A 1 67  ? -3.673  14.962  -6.760  1.00 59.81 ? 69  GLN A OE1 1 
ATOM   403  N  NE2 . GLN A 1 67  ? -2.744  13.833  -8.455  1.00 58.82 ? 69  GLN A NE2 1 
ATOM   404  N  N   . GLU A 1 68  ? -5.386  8.776   -8.811  1.00 39.62 ? 70  GLU A N   1 
ATOM   405  C  CA  . GLU A 1 68  ? -5.375  7.645   -9.715  1.00 37.60 ? 70  GLU A CA  1 
ATOM   406  C  C   . GLU A 1 68  ? -6.481  6.661   -9.452  1.00 34.62 ? 70  GLU A C   1 
ATOM   407  O  O   . GLU A 1 68  ? -6.618  5.725   -10.231 1.00 34.16 ? 70  GLU A O   1 
ATOM   408  C  CB  . GLU A 1 68  ? -4.055  6.967   -9.652  1.00 37.90 ? 70  GLU A CB  1 
ATOM   409  C  CG  . GLU A 1 68  ? -2.924  7.855   -10.120 1.00 40.33 ? 70  GLU A CG  1 
ATOM   410  C  CD  . GLU A 1 68  ? -2.594  7.689   -11.587 1.00 45.06 ? 70  GLU A CD  1 
ATOM   411  O  OE1 . GLU A 1 68  ? -3.224  6.870   -12.320 1.00 40.78 ? 70  GLU A OE1 1 
ATOM   412  O  OE2 . GLU A 1 68  ? -1.694  8.417   -11.993 1.00 51.39 ? 70  GLU A OE2 1 
ATOM   413  N  N   . ASP A 1 69  ? -7.281  6.959   -8.420  1.00 34.31 ? 71  ASP A N   1 
ATOM   414  C  CA  . ASP A 1 69  ? -8.427  6.240   -7.940  1.00 33.71 ? 71  ASP A CA  1 
ATOM   415  C  C   . ASP A 1 69  ? -8.078  4.691   -7.813  1.00 32.22 ? 71  ASP A C   1 
ATOM   416  O  O   . ASP A 1 69  ? -8.637  3.811   -8.482  1.00 32.21 ? 71  ASP A O   1 
ATOM   417  C  CB  . ASP A 1 69  ? -9.653  6.561   -8.825  1.00 36.28 ? 71  ASP A CB  1 
ATOM   418  C  CG  . ASP A 1 69  ? -10.934 5.893   -8.344  1.00 39.98 ? 71  ASP A CG  1 
ATOM   419  O  OD1 . ASP A 1 69  ? -11.334 6.017   -7.176  1.00 48.43 ? 71  ASP A OD1 1 
ATOM   420  O  OD2 . ASP A 1 69  ? -11.662 5.258   -9.089  1.00 51.50 ? 71  ASP A OD2 1 
ATOM   421  N  N   . VAL A 1 70  ? -7.022  4.410   -7.071  1.00 29.87 ? 72  VAL A N   1 
ATOM   422  C  CA  . VAL A 1 70  ? -6.591  3.015   -6.908  1.00 27.73 ? 72  VAL A CA  1 
ATOM   423  C  C   . VAL A 1 70  ? -7.476  2.178   -5.999  1.00 25.95 ? 72  VAL A C   1 
ATOM   424  O  O   . VAL A 1 70  ? -8.316  2.662   -5.173  1.00 23.45 ? 72  VAL A O   1 
ATOM   425  C  CB  . VAL A 1 70  ? -5.124  2.925   -6.521  1.00 28.01 ? 72  VAL A CB  1 
ATOM   426  C  CG1 . VAL A 1 70  ? -4.241  3.811   -7.439  1.00 29.38 ? 72  VAL A CG1 1 
ATOM   427  C  CG2 . VAL A 1 70  ? -4.923  3.382   -4.992  1.00 27.68 ? 72  VAL A CG2 1 
ATOM   428  N  N   . ASP A 1 71  ? -7.287  0.881   -6.128  1.00 23.45 ? 73  ASP A N   1 
ATOM   429  C  CA  . ASP A 1 71  ? -8.001  -0.090  -5.305  1.00 24.24 ? 73  ASP A CA  1 
ATOM   430  C  C   . ASP A 1 71  ? -7.281  -0.473  -4.043  1.00 23.95 ? 73  ASP A C   1 
ATOM   431  O  O   . ASP A 1 71  ? -7.921  -0.810  -3.017  1.00 23.97 ? 73  ASP A O   1 
ATOM   432  C  CB  . ASP A 1 71  ? -8.330  -1.326  -6.124  1.00 22.55 ? 73  ASP A CB  1 
ATOM   433  C  CG  . ASP A 1 71  ? -9.243  -1.001  -7.271  1.00 28.56 ? 73  ASP A CG  1 
ATOM   434  O  OD1 . ASP A 1 71  ? -10.316 -0.403  -7.017  1.00 25.66 ? 73  ASP A OD1 1 
ATOM   435  O  OD2 . ASP A 1 71  ? -8.929  -1.265  -8.447  1.00 25.96 ? 73  ASP A OD2 1 
ATOM   436  N  N   . VAL A 1 72  ? -5.964  -0.436  -4.110  1.00 22.11 ? 74  VAL A N   1 
ATOM   437  C  CA  . VAL A 1 72  ? -5.100  -0.864  -2.999  1.00 21.83 ? 74  VAL A CA  1 
ATOM   438  C  C   . VAL A 1 72  ? -3.870  0.074   -3.069  1.00 22.79 ? 74  VAL A C   1 
ATOM   439  O  O   . VAL A 1 72  ? -3.322  0.308   -4.187  1.00 22.87 ? 74  VAL A O   1 
ATOM   440  C  CB  . VAL A 1 72  ? -4.658  -2.311  -3.072  1.00 23.06 ? 74  VAL A CB  1 
ATOM   441  C  CG1 . VAL A 1 72  ? -3.839  -2.718  -1.885  1.00 22.98 ? 74  VAL A CG1 1 
ATOM   442  C  CG2 . VAL A 1 72  ? -5.874  -3.286  -3.123  1.00 24.13 ? 74  VAL A CG2 1 
ATOM   443  N  N   . ILE A 1 73  ? -3.437  0.505   -1.906  1.00 21.50 ? 75  ILE A N   1 
ATOM   444  C  CA  . ILE A 1 73  ? -2.122  1.168   -1.715  1.00 20.73 ? 75  ILE A CA  1 
ATOM   445  C  C   . ILE A 1 73  ? -1.096  0.234   -1.086  1.00 21.81 ? 75  ILE A C   1 
ATOM   446  O  O   . ILE A 1 73  ? -1.325  -0.234  0.015   1.00 21.61 ? 75  ILE A O   1 
ATOM   447  C  CB  . ILE A 1 73  ? -2.315  2.379   -0.782  1.00 22.24 ? 75  ILE A CB  1 
ATOM   448  C  CG1 . ILE A 1 73  ? -3.352  3.349   -1.429  1.00 22.47 ? 75  ILE A CG1 1 
ATOM   449  C  CG2 . ILE A 1 73  ? -0.985  3.104   -0.549  1.00 21.47 ? 75  ILE A CG2 1 
ATOM   450  C  CD1 . ILE A 1 73  ? -3.897  4.444   -0.452  1.00 26.66 ? 75  ILE A CD1 1 
ATOM   451  N  N   . GLY A 1 74  ? 0.061   0.022   -1.710  1.00 21.86 ? 76  GLY A N   1 
ATOM   452  C  CA  . GLY A 1 74  ? 1.141   -0.770  -1.136  1.00 22.73 ? 76  GLY A CA  1 
ATOM   453  C  C   . GLY A 1 74  ? 2.326   0.158   -0.885  1.00 24.69 ? 76  GLY A C   1 
ATOM   454  O  O   . GLY A 1 74  ? 2.807   0.797   -1.822  1.00 24.91 ? 76  GLY A O   1 
ATOM   455  N  N   . VAL A 1 75  ? 2.742   0.286   0.365   1.00 22.84 ? 77  VAL A N   1 
ATOM   456  C  CA  . VAL A 1 75  ? 3.896   1.087   0.712   1.00 24.95 ? 77  VAL A CA  1 
ATOM   457  C  C   . VAL A 1 75  ? 5.070   0.227   1.069   1.00 26.40 ? 77  VAL A C   1 
ATOM   458  O  O   . VAL A 1 75  ? 4.952   -0.807  1.745   1.00 24.96 ? 77  VAL A O   1 
ATOM   459  C  CB  . VAL A 1 75  ? 3.494   2.039   1.864   1.00 26.56 ? 77  VAL A CB  1 
ATOM   460  C  CG1 . VAL A 1 75  ? 4.661   2.846   2.372   1.00 30.31 ? 77  VAL A CG1 1 
ATOM   461  C  CG2 . VAL A 1 75  ? 2.362   2.967   1.453   1.00 31.32 ? 77  VAL A CG2 1 
ATOM   462  N  N   . SER A 1 76  ? 6.286   0.671   0.674   1.00 27.28 ? 78  SER A N   1 
ATOM   463  C  CA  . SER A 1 76  ? 7.509   -0.045  0.929   1.00 28.22 ? 78  SER A CA  1 
ATOM   464  C  C   . SER A 1 76  ? 8.336   0.952   1.683   1.00 31.13 ? 78  SER A C   1 
ATOM   465  O  O   . SER A 1 76  ? 8.632   2.054   1.133   1.00 29.10 ? 78  SER A O   1 
ATOM   466  C  CB  . SER A 1 76  ? 8.223   -0.346  -0.346  1.00 27.93 ? 78  SER A CB  1 
ATOM   467  O  OG  . SER A 1 76  ? 9.370   -1.148  -0.107  1.00 33.77 ? 78  SER A OG  1 
ATOM   468  N  N   . ILE A 1 77  ? 8.653   0.615   2.928   1.00 33.45 ? 79  ILE A N   1 
ATOM   469  C  CA  . ILE A 1 77  ? 9.512   1.451   3.779   1.00 37.57 ? 79  ILE A CA  1 
ATOM   470  C  C   . ILE A 1 77  ? 10.762  0.578   4.040   1.00 41.10 ? 79  ILE A C   1 
ATOM   471  O  O   . ILE A 1 77  ? 10.715  -0.417  4.725   1.00 43.18 ? 79  ILE A O   1 
ATOM   472  C  CB  . ILE A 1 77  ? 8.792   1.968   5.076   1.00 37.04 ? 79  ILE A CB  1 
ATOM   473  C  CG1 . ILE A 1 77  ? 7.603   2.875   4.736   1.00 37.49 ? 79  ILE A CG1 1 
ATOM   474  C  CG2 . ILE A 1 77  ? 9.774   2.840   5.985   1.00 40.11 ? 79  ILE A CG2 1 
ATOM   475  C  CD1 . ILE A 1 77  ? 6.704   3.227   5.974   1.00 34.56 ? 79  ILE A CD1 1 
ATOM   476  N  N   . LEU A 1 78  ? 11.873  0.904   3.426   1.00 46.82 ? 80  LEU A N   1 
ATOM   477  C  CA  . LEU A 1 78  ? 13.116  0.135   3.689   1.00 50.85 ? 80  LEU A CA  1 
ATOM   478  C  C   . LEU A 1 78  ? 13.613  0.419   5.110   1.00 52.61 ? 80  LEU A C   1 
ATOM   479  O  O   . LEU A 1 78  ? 14.075  -0.464  5.828   1.00 55.05 ? 80  LEU A O   1 
ATOM   480  C  CB  . LEU A 1 78  ? 14.218  0.453   2.663   1.00 53.26 ? 80  LEU A CB  1 
ATOM   481  C  CG  . LEU A 1 78  ? 14.405  1.872   2.076   1.00 55.04 ? 80  LEU A CG  1 
ATOM   482  C  CD1 . LEU A 1 78  ? 14.029  3.068   3.017   1.00 58.07 ? 80  LEU A CD1 1 
ATOM   483  C  CD2 . LEU A 1 78  ? 15.862  2.028   1.563   1.00 58.28 ? 80  LEU A CD2 1 
ATOM   484  N  N   . ASN A 1 79  ? 13.498  1.661   5.536   1.00 53.40 ? 81  ASN A N   1 
ATOM   485  C  CA  . ASN A 1 79  ? 13.845  1.993   6.881   1.00 53.54 ? 81  ASN A CA  1 
ATOM   486  C  C   . ASN A 1 79  ? 13.347  3.393   7.104   1.00 53.04 ? 81  ASN A C   1 
ATOM   487  O  O   . ASN A 1 79  ? 13.340  4.194   6.173   1.00 53.19 ? 81  ASN A O   1 
ATOM   488  C  CB  . ASN A 1 79  ? 15.345  1.867   7.147   1.00 54.51 ? 81  ASN A CB  1 
ATOM   489  C  CG  . ASN A 1 79  ? 15.649  1.831   8.635   1.00 57.17 ? 81  ASN A CG  1 
ATOM   490  O  OD1 . ASN A 1 79  ? 15.208  0.919   9.355   1.00 59.74 ? 81  ASN A OD1 1 
ATOM   491  N  ND2 . ASN A 1 79  ? 16.356  2.869   9.126   1.00 63.23 ? 81  ASN A ND2 1 
ATOM   492  N  N   . GLY A 1 80  ? 12.868  3.640   8.324   1.00 51.38 ? 82  GLY A N   1 
ATOM   493  C  CA  . GLY A 1 80  ? 12.434  4.950   8.742   1.00 49.59 ? 82  GLY A CA  1 
ATOM   494  C  C   . GLY A 1 80  ? 11.548  4.796   9.963   1.00 47.79 ? 82  GLY A C   1 
ATOM   495  O  O   . GLY A 1 80  ? 11.634  3.782   10.674  1.00 46.86 ? 82  GLY A O   1 
ATOM   496  N  N   . ALA A 1 81  ? 10.720  5.799   10.225  1.00 44.27 ? 83  ALA A N   1 
ATOM   497  C  CA  . ALA A 1 81  ? 9.845   5.750   11.393  1.00 43.20 ? 83  ALA A CA  1 
ATOM   498  C  C   . ALA A 1 81  ? 8.458   5.321   10.929  1.00 41.03 ? 83  ALA A C   1 
ATOM   499  O  O   . ALA A 1 81  ? 7.609   6.163   10.613  1.00 40.77 ? 83  ALA A O   1 
ATOM   500  C  CB  . ALA A 1 81  ? 9.762   7.093   12.079  1.00 43.81 ? 83  ALA A CB  1 
ATOM   501  N  N   . HIS A 1 82  ? 8.243   4.019   10.878  1.00 38.92 ? 84  HIS A N   1 
ATOM   502  C  CA  . HIS A 1 82  ? 7.062   3.467   10.180  1.00 38.38 ? 84  HIS A CA  1 
ATOM   503  C  C   . HIS A 1 82  ? 5.776   4.009   10.726  1.00 36.59 ? 84  HIS A C   1 
ATOM   504  O  O   . HIS A 1 82  ? 4.835   4.270   9.979   1.00 34.04 ? 84  HIS A O   1 
ATOM   505  C  CB  . HIS A 1 82  ? 6.984   1.929   10.301  1.00 38.39 ? 84  HIS A CB  1 
ATOM   506  C  CG  . HIS A 1 82  ? 8.242   1.232   9.966   1.00 39.51 ? 84  HIS A CG  1 
ATOM   507  N  ND1 . HIS A 1 82  ? 9.187   0.950   10.901  1.00 40.59 ? 84  HIS A ND1 1 
ATOM   508  C  CD2 . HIS A 1 82  ? 8.704   0.721   8.791   1.00 46.18 ? 84  HIS A CD2 1 
ATOM   509  C  CE1 . HIS A 1 82  ? 10.217  0.366   10.318  1.00 47.25 ? 84  HIS A CE1 1 
ATOM   510  N  NE2 . HIS A 1 82  ? 9.945   0.200   9.036   1.00 42.27 ? 84  HIS A NE2 1 
ATOM   511  N  N   . LEU A 1 83  ? 5.701   4.088   12.055  1.00 36.22 ? 85  LEU A N   1 
ATOM   512  C  CA  . LEU A 1 83  ? 4.450   4.446   12.706  1.00 34.43 ? 85  LEU A CA  1 
ATOM   513  C  C   . LEU A 1 83  ? 4.114   5.895   12.409  1.00 34.82 ? 85  LEU A C   1 
ATOM   514  O  O   . LEU A 1 83  ? 2.991   6.208   12.162  1.00 31.60 ? 85  LEU A O   1 
ATOM   515  C  CB  . LEU A 1 83  ? 4.488   4.202   14.219  1.00 35.83 ? 85  LEU A CB  1 
ATOM   516  C  CG  . LEU A 1 83  ? 3.498   3.201   14.850  1.00 38.34 ? 85  LEU A CG  1 
ATOM   517  C  CD1 . LEU A 1 83  ? 2.065   3.367   14.395  1.00 38.68 ? 85  LEU A CD1 1 
ATOM   518  C  CD2 . LEU A 1 83  ? 4.013   1.871   14.500  1.00 42.39 ? 85  LEU A CD2 1 
ATOM   519  N  N   . HIS A 1 84  ? 5.102   6.791   12.422  1.00 34.26 ? 86  HIS A N   1 
ATOM   520  C  CA  . HIS A 1 84  ? 4.768   8.163   12.214  1.00 35.22 ? 86  HIS A CA  1 
ATOM   521  C  C   . HIS A 1 84  ? 4.422   8.451   10.747  1.00 33.33 ? 86  HIS A C   1 
ATOM   522  O  O   . HIS A 1 84  ? 3.539   9.216   10.435  1.00 31.61 ? 86  HIS A O   1 
ATOM   523  C  CB  . HIS A 1 84  ? 5.905   9.027   12.773  1.00 38.12 ? 86  HIS A CB  1 
ATOM   524  C  CG  . HIS A 1 84  ? 5.825   10.429  12.341  1.00 39.14 ? 86  HIS A CG  1 
ATOM   525  N  ND1 . HIS A 1 84  ? 4.941   11.321  12.923  1.00 43.76 ? 86  HIS A ND1 1 
ATOM   526  C  CD2 . HIS A 1 84  ? 6.445   11.078  11.334  1.00 42.09 ? 86  HIS A CD2 1 
ATOM   527  C  CE1 . HIS A 1 84  ? 5.059   12.479  12.298  1.00 46.24 ? 86  HIS A CE1 1 
ATOM   528  N  NE2 . HIS A 1 84  ? 5.965   12.354  11.334  1.00 43.49 ? 86  HIS A NE2 1 
ATOM   529  N  N   . LEU A 1 85  ? 5.081   7.767   9.820   1.00 31.43 ? 87  LEU A N   1 
ATOM   530  C  CA  . LEU A 1 85  ? 4.758   7.925   8.413   1.00 33.66 ? 87  LEU A CA  1 
ATOM   531  C  C   . LEU A 1 85  ? 3.379   7.389   8.085   1.00 30.54 ? 87  LEU A C   1 
ATOM   532  O  O   . LEU A 1 85  ? 2.624   7.991   7.365   1.00 33.23 ? 87  LEU A O   1 
ATOM   533  C  CB  . LEU A 1 85  ? 5.799   7.204   7.572   1.00 33.91 ? 87  LEU A CB  1 
ATOM   534  C  CG  . LEU A 1 85  ? 7.194   7.867   7.314   1.00 40.16 ? 87  LEU A CG  1 
ATOM   535  C  CD1 . LEU A 1 85  ? 7.022   9.339   7.035   1.00 43.21 ? 87  LEU A CD1 1 
ATOM   536  C  CD2 . LEU A 1 85  ? 8.119   7.677   8.429   1.00 46.38 ? 87  LEU A CD2 1 
HETATM 537  N  N   . MSE A 1 86  ? 3.055   6.240   8.635   1.00 30.56 ? 88  MSE A N   1 
HETATM 538  C  CA  . MSE A 1 86  ? 1.840   5.528   8.262   1.00 30.34 ? 88  MSE A CA  1 
HETATM 539  C  C   . MSE A 1 86  ? 0.734   6.279   8.986   1.00 30.56 ? 88  MSE A C   1 
HETATM 540  O  O   . MSE A 1 86  ? -0.353  6.391   8.503   1.00 31.18 ? 88  MSE A O   1 
HETATM 541  C  CB  . MSE A 1 86  ? 1.890   4.038   8.706   1.00 28.14 ? 88  MSE A CB  1 
HETATM 542  C  CG  . MSE A 1 86  ? 2.902   3.126   7.940   1.00 27.54 ? 88  MSE A CG  1 
HETATM 543  SE SE  . MSE A 1 86  ? 2.659   3.415   5.983   1.00 38.17 ? 88  MSE A SE  1 
HETATM 544  C  CE  . MSE A 1 86  ? 1.317   2.629   5.965   1.00 22.86 ? 88  MSE A CE  1 
ATOM   545  N  N   . LYS A 1 87  ? 0.995   6.810   10.189  1.00 32.54 ? 89  LYS A N   1 
ATOM   546  C  CA  . LYS A 1 87  ? -0.038  7.643   10.834  1.00 33.35 ? 89  LYS A CA  1 
ATOM   547  C  C   . LYS A 1 87  ? -0.385  8.846   9.984   1.00 31.55 ? 89  LYS A C   1 
ATOM   548  O  O   . LYS A 1 87  ? -1.526  9.118   9.798   1.00 33.72 ? 89  LYS A O   1 
ATOM   549  C  CB  . LYS A 1 87  ? 0.426   8.065   12.230  1.00 35.68 ? 89  LYS A CB  1 
ATOM   550  C  CG  . LYS A 1 87  ? -0.614  8.823   12.976  1.00 39.49 ? 89  LYS A CG  1 
ATOM   551  C  CD  . LYS A 1 87  ? -0.182  9.146   14.467  1.00 43.70 ? 89  LYS A CD  1 
ATOM   552  C  CE  . LYS A 1 87  ? 1.330   8.952   14.803  1.00 47.88 ? 89  LYS A CE  1 
ATOM   553  N  NZ  . LYS A 1 87  ? 1.849   7.586   15.271  1.00 47.56 ? 89  LYS A NZ  1 
ATOM   554  N  N   . ARG A 1 88  ? 0.595   9.482   9.363   1.00 33.15 ? 90  ARG A N   1 
ATOM   555  C  CA  . ARG A 1 88  ? 0.354   10.646  8.514   1.00 33.18 ? 90  ARG A CA  1 
ATOM   556  C  C   . ARG A 1 88  ? -0.403  10.278  7.223   1.00 33.25 ? 90  ARG A C   1 
ATOM   557  O  O   . ARG A 1 88  ? -1.229  11.012  6.761   1.00 34.02 ? 90  ARG A O   1 
ATOM   558  C  CB  . ARG A 1 88  ? 1.673   11.358  8.162   1.00 33.75 ? 90  ARG A CB  1 
ATOM   559  C  CG  . ARG A 1 88  ? 2.388   12.213  9.288   1.00 39.98 ? 90  ARG A CG  1 
ATOM   560  C  CD  . ARG A 1 88  ? 3.879   12.540  8.932   1.00 45.54 ? 90  ARG A CD  1 
ATOM   561  N  NE  . ARG A 1 88  ? 3.997   13.450  7.768   1.00 50.92 ? 90  ARG A NE  1 
ATOM   562  C  CZ  . ARG A 1 88  ? 5.113   13.638  7.009   1.00 55.35 ? 90  ARG A CZ  1 
ATOM   563  N  NH1 . ARG A 1 88  ? 6.273   13.000  7.259   1.00 56.81 ? 90  ARG A NH1 1 
ATOM   564  N  NH2 . ARG A 1 88  ? 5.067   14.505  5.991   1.00 56.66 ? 90  ARG A NH2 1 
ATOM   565  N  N   . LEU A 1 89  ? -0.092  9.124   6.648   1.00 32.25 ? 91  LEU A N   1 
ATOM   566  C  CA  . LEU A 1 89  ? -0.732  8.642   5.406   1.00 31.30 ? 91  LEU A CA  1 
ATOM   567  C  C   . LEU A 1 89  ? -2.190  8.328   5.684   1.00 30.19 ? 91  LEU A C   1 
ATOM   568  O  O   . LEU A 1 89  ? -3.074  8.701   4.950   1.00 29.13 ? 91  LEU A O   1 
ATOM   569  C  CB  . LEU A 1 89  ? -0.031  7.324   5.027   1.00 33.03 ? 91  LEU A CB  1 
ATOM   570  C  CG  . LEU A 1 89  ? 0.006   6.790   3.608   1.00 35.89 ? 91  LEU A CG  1 
ATOM   571  C  CD1 . LEU A 1 89  ? 0.115   5.264   3.586   1.00 31.57 ? 91  LEU A CD1 1 
ATOM   572  C  CD2 . LEU A 1 89  ? -0.978  7.395   2.674   1.00 35.17 ? 91  LEU A CD2 1 
HETATM 573  N  N   . MSE A 1 90  ? -2.428  7.675   6.806   1.00 31.06 ? 92  MSE A N   1 
HETATM 574  C  CA  . MSE A 1 90  ? -3.738  7.227   7.143   1.00 33.93 ? 92  MSE A CA  1 
HETATM 575  C  C   . MSE A 1 90  ? -4.590  8.515   7.357   1.00 35.35 ? 92  MSE A C   1 
HETATM 576  O  O   . MSE A 1 90  ? -5.704  8.582   6.893   1.00 37.36 ? 92  MSE A O   1 
HETATM 577  C  CB  . MSE A 1 90  ? -3.723  6.279   8.344   1.00 33.65 ? 92  MSE A CB  1 
HETATM 578  C  CG  . MSE A 1 90  ? -3.086  4.901   8.194   1.00 38.63 ? 92  MSE A CG  1 
HETATM 579  SE SE  . MSE A 1 90  ? -3.584  4.102   6.505   1.00 47.13 ? 92  MSE A SE  1 
HETATM 580  C  CE  . MSE A 1 90  ? -5.087  3.720   6.912   1.00 31.58 ? 92  MSE A CE  1 
ATOM   581  N  N   . ALA A 1 91  ? -4.000  9.555   7.957   1.00 36.98 ? 93  ALA A N   1 
ATOM   582  C  CA  . ALA A 1 91  ? -4.754  10.779  8.314   1.00 38.67 ? 93  ALA A CA  1 
ATOM   583  C  C   . ALA A 1 91  ? -5.171  11.555  7.066   1.00 38.24 ? 93  ALA A C   1 
ATOM   584  O  O   . ALA A 1 91  ? -6.313  12.036  6.958   1.00 40.26 ? 93  ALA A O   1 
ATOM   585  C  CB  . ALA A 1 91  ? -3.884  11.655  9.246   1.00 38.60 ? 93  ALA A CB  1 
ATOM   586  N  N   . LYS A 1 92  ? -4.269  11.623  6.115   1.00 36.69 ? 94  LYS A N   1 
ATOM   587  C  CA  . LYS A 1 92  ? -4.481  12.342  4.890   1.00 39.04 ? 94  LYS A CA  1 
ATOM   588  C  C   . LYS A 1 92  ? -5.457  11.583  3.990   1.00 39.42 ? 94  LYS A C   1 
ATOM   589  O  O   . LYS A 1 92  ? -6.272  12.228  3.307   1.00 39.91 ? 94  LYS A O   1 
ATOM   590  C  CB  . LYS A 1 92  ? -3.153  12.605  4.188   1.00 39.29 ? 94  LYS A CB  1 
ATOM   591  C  CG  . LYS A 1 92  ? -3.218  13.494  2.967   1.00 44.02 ? 94  LYS A CG  1 
ATOM   592  C  CD  . LYS A 1 92  ? -4.046  14.794  3.185   1.00 48.67 ? 94  LYS A CD  1 
ATOM   593  C  CE  . LYS A 1 92  ? -3.608  15.950  2.316   1.00 53.42 ? 94  LYS A CE  1 
ATOM   594  N  NZ  . LYS A 1 92  ? -3.936  17.331  2.987   1.00 58.53 ? 94  LYS A NZ  1 
ATOM   595  N  N   . LEU A 1 93  ? -5.363  10.249  3.933   1.00 38.20 ? 95  LEU A N   1 
ATOM   596  C  CA  . LEU A 1 93  ? -6.425  9.501   3.228   1.00 39.33 ? 95  LEU A CA  1 
ATOM   597  C  C   . LEU A 1 93  ? -7.840  9.870   3.789   1.00 41.15 ? 95  LEU A C   1 
ATOM   598  O  O   . LEU A 1 93  ? -8.774  10.193  3.062   1.00 42.25 ? 95  LEU A O   1 
ATOM   599  C  CB  . LEU A 1 93  ? -6.182  7.986   3.291   1.00 38.17 ? 95  LEU A CB  1 
ATOM   600  C  CG  . LEU A 1 93  ? -5.006  7.510   2.443   1.00 36.59 ? 95  LEU A CG  1 
ATOM   601  C  CD1 . LEU A 1 93  ? -4.670  6.047   2.889   1.00 36.98 ? 95  LEU A CD1 1 
ATOM   602  C  CD2 . LEU A 1 93  ? -5.395  7.553   0.978   1.00 37.63 ? 95  LEU A CD2 1 
ATOM   603  N  N   . ARG A 1 94  ? -7.963  9.809   5.095   1.00 44.65 ? 96  ARG A N   1 
ATOM   604  C  CA  . ARG A 1 94  ? -9.191  10.170  5.825   1.00 48.78 ? 96  ARG A CA  1 
ATOM   605  C  C   . ARG A 1 94  ? -9.673  11.602  5.541   1.00 50.65 ? 96  ARG A C   1 
ATOM   606  O  O   . ARG A 1 94  ? -10.859 11.835  5.304   1.00 52.20 ? 96  ARG A O   1 
ATOM   607  C  CB  . ARG A 1 94  ? -8.959  9.968   7.341   1.00 49.09 ? 96  ARG A CB  1 
ATOM   608  C  CG  . ARG A 1 94  ? -10.198 9.501   8.178   1.00 52.98 ? 96  ARG A CG  1 
ATOM   609  C  CD  . ARG A 1 94  ? -9.911  9.012   9.595   1.00 57.80 ? 96  ARG A CD  1 
ATOM   610  N  NE  . ARG A 1 94  ? -8.602  8.351   9.722   1.00 63.79 ? 96  ARG A NE  1 
ATOM   611  C  CZ  . ARG A 1 94  ? -8.130  7.797   10.843  1.00 66.53 ? 96  ARG A CZ  1 
ATOM   612  N  NH1 . ARG A 1 94  ? -6.915  7.272   10.816  1.00 66.59 ? 96  ARG A NH1 1 
ATOM   613  N  NH2 . ARG A 1 94  ? -8.857  7.755   11.981  1.00 64.91 ? 96  ARG A NH2 1 
ATOM   614  N  N   . GLU A 1 95  ? -8.744  12.538  5.513   1.00 52.09 ? 97  GLU A N   1 
ATOM   615  C  CA  . GLU A 1 95  ? -9.008  13.907  5.076   1.00 52.51 ? 97  GLU A CA  1 
ATOM   616  C  C   . GLU A 1 95  ? -9.651  13.953  3.683   1.00 52.38 ? 97  GLU A C   1 
ATOM   617  O  O   . GLU A 1 95  ? -10.669 14.620  3.493   1.00 52.97 ? 97  GLU A O   1 
ATOM   618  C  CB  . GLU A 1 95  ? -7.682  14.689  5.116   1.00 53.53 ? 97  GLU A CB  1 
ATOM   619  C  CG  . GLU A 1 95  ? -7.754  16.188  4.866   1.00 56.72 ? 97  GLU A CG  1 
ATOM   620  C  CD  . GLU A 1 95  ? -6.403  16.910  5.072   1.00 59.33 ? 97  GLU A CD  1 
ATOM   621  O  OE1 . GLU A 1 95  ? -5.884  16.933  6.223   1.00 55.69 ? 97  GLU A OE1 1 
ATOM   622  O  OE2 . GLU A 1 95  ? -5.864  17.474  4.073   1.00 63.20 ? 97  GLU A OE2 1 
ATOM   623  N  N   . LEU A 1 96  ? -9.093  13.205  2.726   1.00 50.09 ? 98  LEU A N   1 
ATOM   624  C  CA  . LEU A 1 96  ? -9.525  13.215  1.321   1.00 49.56 ? 98  LEU A CA  1 
ATOM   625  C  C   . LEU A 1 96  ? -10.785 12.392  1.065   1.00 49.09 ? 98  LEU A C   1 
ATOM   626  O  O   . LEU A 1 96  ? -11.238 12.282  -0.075  1.00 50.85 ? 98  LEU A O   1 
ATOM   627  C  CB  . LEU A 1 96  ? -8.355  12.716  0.433   1.00 48.88 ? 98  LEU A CB  1 
ATOM   628  C  CG  . LEU A 1 96  ? -7.152  13.658  0.518   1.00 49.22 ? 98  LEU A CG  1 
ATOM   629  C  CD1 . LEU A 1 96  ? -5.852  13.161  -0.034  1.00 49.02 ? 98  LEU A CD1 1 
ATOM   630  C  CD2 . LEU A 1 96  ? -7.556  14.935  -0.164  1.00 50.83 ? 98  LEU A CD2 1 
ATOM   631  N  N   . GLY A 1 97  ? -11.347 11.824  2.131   1.00 47.59 ? 99  GLY A N   1 
ATOM   632  C  CA  . GLY A 1 97  ? -12.488 10.920  2.059   1.00 47.79 ? 99  GLY A CA  1 
ATOM   633  C  C   . GLY A 1 97  ? -12.175 9.561   1.441   1.00 48.09 ? 99  GLY A C   1 
ATOM   634  O  O   . GLY A 1 97  ? -13.077 8.845   0.984   1.00 47.82 ? 99  GLY A O   1 
ATOM   635  N  N   . ALA A 1 98  ? -10.906 9.164   1.493   1.00 47.31 ? 100 ALA A N   1 
ATOM   636  C  CA  . ALA A 1 98  ? -10.464 7.925   0.882   1.00 47.49 ? 100 ALA A CA  1 
ATOM   637  C  C   . ALA A 1 98  ? -10.028 6.830   1.923   1.00 48.45 ? 100 ALA A C   1 
ATOM   638  O  O   . ALA A 1 98  ? -9.127  6.030   1.675   1.00 46.87 ? 100 ALA A O   1 
ATOM   639  C  CB  . ALA A 1 98  ? -9.373  8.208   -0.035  1.00 47.63 ? 100 ALA A CB  1 
ATOM   640  N  N   . ASP A 1 99  ? -10.712 6.762   3.041   1.00 48.60 ? 101 ASP A N   1 
ATOM   641  C  CA  . ASP A 1 99  ? -10.237 5.932   4.132   1.00 49.32 ? 101 ASP A CA  1 
ATOM   642  C  C   . ASP A 1 99  ? -10.638 4.469   3.989   1.00 47.82 ? 101 ASP A C   1 
ATOM   643  O  O   . ASP A 1 99  ? -10.288 3.657   4.812   1.00 49.10 ? 101 ASP A O   1 
ATOM   644  C  CB  . ASP A 1 99  ? -10.750 6.495   5.450   1.00 51.62 ? 101 ASP A CB  1 
ATOM   645  C  CG  . ASP A 1 99  ? -12.175 6.980   5.363   1.00 53.64 ? 101 ASP A CG  1 
ATOM   646  O  OD1 . ASP A 1 99  ? -12.382 8.222   5.168   1.00 53.38 ? 101 ASP A OD1 1 
ATOM   647  O  OD2 . ASP A 1 99  ? -13.131 6.166   5.462   1.00 58.95 ? 101 ASP A OD2 1 
ATOM   648  N  N   . ASP A 1 100 ? -11.372 4.163   2.943   1.00 45.30 ? 102 ASP A N   1 
ATOM   649  C  CA  . ASP A 1 100 ? -11.847 2.814   2.637   1.00 44.51 ? 102 ASP A CA  1 
ATOM   650  C  C   . ASP A 1 100 ? -10.822 2.105   1.733   1.00 40.27 ? 102 ASP A C   1 
ATOM   651  O  O   . ASP A 1 100 ? -10.888 0.896   1.574   1.00 39.82 ? 102 ASP A O   1 
ATOM   652  C  CB  . ASP A 1 100 ? -13.176 2.916   1.895   1.00 45.45 ? 102 ASP A CB  1 
ATOM   653  C  CG  . ASP A 1 100 ? -14.369 3.127   2.855   1.00 51.01 ? 102 ASP A CG  1 
ATOM   654  O  OD1 . ASP A 1 100 ? -15.546 3.055   2.386   1.00 55.71 ? 102 ASP A OD1 1 
ATOM   655  O  OD2 . ASP A 1 100 ? -14.216 3.346   4.092   1.00 53.35 ? 102 ASP A OD2 1 
ATOM   656  N  N   . ILE A 1 101 ? -9.894  2.868   1.150   1.00 34.53 ? 103 ILE A N   1 
ATOM   657  C  CA  . ILE A 1 101 ? -8.841  2.304   0.323   1.00 31.05 ? 103 ILE A CA  1 
ATOM   658  C  C   . ILE A 1 101 ? -7.936  1.494   1.190   1.00 28.73 ? 103 ILE A C   1 
ATOM   659  O  O   . ILE A 1 101 ? -7.245  2.031   2.038   1.00 24.97 ? 103 ILE A O   1 
ATOM   660  C  CB  . ILE A 1 101 ? -8.033  3.336   -0.414  1.00 29.92 ? 103 ILE A CB  1 
ATOM   661  C  CG1 . ILE A 1 101 ? -8.926  4.196   -1.345  1.00 30.05 ? 103 ILE A CG1 1 
ATOM   662  C  CG2 . ILE A 1 101 ? -6.930  2.638   -1.285  1.00 32.12 ? 103 ILE A CG2 1 
ATOM   663  C  CD1 . ILE A 1 101 ? -8.081  5.087   -2.312  1.00 31.55 ? 103 ILE A CD1 1 
ATOM   664  N  N   . PRO A 1 102 ? -7.852  0.209   0.957   1.00 25.93 ? 104 PRO A N   1 
ATOM   665  C  CA  . PRO A 1 102 ? -6.951  -0.582  1.823   1.00 24.88 ? 104 PRO A CA  1 
ATOM   666  C  C   . PRO A 1 102 ? -5.464  -0.301  1.597   1.00 25.91 ? 104 PRO A C   1 
ATOM   667  O  O   . PRO A 1 102 ? -5.025  -0.170  0.465   1.00 24.18 ? 104 PRO A O   1 
ATOM   668  C  CB  . PRO A 1 102 ? -7.262  -1.999  1.456   1.00 26.08 ? 104 PRO A CB  1 
ATOM   669  C  CG  . PRO A 1 102 ? -7.933  -1.916  0.104   1.00 27.18 ? 104 PRO A CG  1 
ATOM   670  C  CD  . PRO A 1 102 ? -8.578  -0.581  -0.049  1.00 25.11 ? 104 PRO A CD  1 
ATOM   671  N  N   . VAL A 1 103 ? -4.709  -0.273  2.673   1.00 24.28 ? 105 VAL A N   1 
ATOM   672  C  CA  . VAL A 1 103 ? -3.281  -0.014  2.656   1.00 23.95 ? 105 VAL A CA  1 
ATOM   673  C  C   . VAL A 1 103 ? -2.576  -1.230  3.231   1.00 23.16 ? 105 VAL A C   1 
ATOM   674  O  O   . VAL A 1 103 ? -3.044  -1.861  4.223   1.00 21.34 ? 105 VAL A O   1 
ATOM   675  C  CB  . VAL A 1 103 ? -2.987  1.211   3.533   1.00 24.42 ? 105 VAL A CB  1 
ATOM   676  C  CG1 . VAL A 1 103 ? -1.472  1.378   3.801   1.00 23.94 ? 105 VAL A CG1 1 
ATOM   677  C  CG2 . VAL A 1 103 ? -3.572  2.415   2.938   1.00 24.15 ? 105 VAL A CG2 1 
ATOM   678  N  N   . VAL A 1 104 ? -1.519  -1.666  2.500   1.00 22.74 ? 106 VAL A N   1 
ATOM   679  C  CA  . VAL A 1 104 ? -0.595  -2.723  2.922   1.00 21.46 ? 106 VAL A CA  1 
ATOM   680  C  C   . VAL A 1 104 ? 0.812   -2.156  2.952   1.00 24.02 ? 106 VAL A C   1 
ATOM   681  O  O   . VAL A 1 104 ? 1.102   -1.172  2.327   1.00 23.06 ? 106 VAL A O   1 
ATOM   682  C  CB  . VAL A 1 104 ? -0.650  -3.960  2.062   1.00 21.45 ? 106 VAL A CB  1 
ATOM   683  C  CG1 . VAL A 1 104 ? -2.056  -4.536  2.097   1.00 21.72 ? 106 VAL A CG1 1 
ATOM   684  C  CG2 . VAL A 1 104 ? -0.186  -3.726  0.583   1.00 21.68 ? 106 VAL A CG2 1 
ATOM   685  N  N   . LEU A 1 105 ? 1.617   -2.707  3.819   1.00 22.58 ? 107 LEU A N   1 
ATOM   686  C  CA  . LEU A 1 105 ? 2.947   -2.227  4.115   1.00 22.78 ? 107 LEU A CA  1 
ATOM   687  C  C   . LEU A 1 105 ? 3.940   -3.337  4.049   1.00 23.87 ? 107 LEU A C   1 
ATOM   688  O  O   . LEU A 1 105 ? 3.747   -4.410  4.627   1.00 24.40 ? 107 LEU A O   1 
ATOM   689  C  CB  . LEU A 1 105 ? 2.965   -1.603  5.537   1.00 23.69 ? 107 LEU A CB  1 
ATOM   690  C  CG  . LEU A 1 105 ? 4.341   -1.215  6.121   1.00 26.31 ? 107 LEU A CG  1 
ATOM   691  C  CD1 . LEU A 1 105 ? 4.851   -0.069  5.300   1.00 28.20 ? 107 LEU A CD1 1 
ATOM   692  C  CD2 . LEU A 1 105 ? 4.279   -0.857  7.628   1.00 30.88 ? 107 LEU A CD2 1 
ATOM   693  N  N   . GLY A 1 106 ? 5.064   -3.082  3.342   1.00 24.84 ? 108 GLY A N   1 
ATOM   694  C  CA  . GLY A 1 106 ? 6.188   -3.956  3.286   1.00 24.86 ? 108 GLY A CA  1 
ATOM   695  C  C   . GLY A 1 106 ? 7.415   -3.294  3.860   1.00 25.88 ? 108 GLY A C   1 
ATOM   696  O  O   . GLY A 1 106 ? 7.597   -2.115  3.709   1.00 25.32 ? 108 GLY A O   1 
ATOM   697  N  N   . GLY A 1 107 ? 8.271   -4.094  4.464   1.00 28.93 ? 109 GLY A N   1 
ATOM   698  C  CA  . GLY A 1 107 ? 9.597   -3.681  5.006   1.00 30.72 ? 109 GLY A CA  1 
ATOM   699  C  C   . GLY A 1 107 ? 10.008  -4.535  6.193   1.00 33.61 ? 109 GLY A C   1 
ATOM   700  O  O   . GLY A 1 107 ? 9.334   -5.540  6.570   1.00 32.82 ? 109 GLY A O   1 
ATOM   701  N  N   . THR A 1 108 ? 11.103  -4.132  6.851   1.00 34.77 ? 110 THR A N   1 
ATOM   702  C  CA  . THR A 1 108 ? 11.572  -4.859  8.011   1.00 36.17 ? 110 THR A CA  1 
ATOM   703  C  C   . THR A 1 108 ? 11.017  -4.082  9.215   1.00 36.30 ? 110 THR A C   1 
ATOM   704  O  O   . THR A 1 108 ? 11.567  -3.074  9.645   1.00 38.27 ? 110 THR A O   1 
ATOM   705  C  CB  . THR A 1 108 ? 13.085  -4.819  8.057   1.00 37.80 ? 110 THR A CB  1 
ATOM   706  O  OG1 . THR A 1 108 ? 13.500  -3.440  7.946   1.00 41.47 ? 110 THR A OG1 1 
ATOM   707  C  CG2 . THR A 1 108 ? 13.695  -5.450  6.835   1.00 41.36 ? 110 THR A CG2 1 
ATOM   708  N  N   . ILE A 1 109 ? 9.912   -4.551  9.742   1.00 35.55 ? 111 ILE A N   1 
ATOM   709  C  CA  . ILE A 1 109 ? 9.188   -3.844  10.767  1.00 34.66 ? 111 ILE A CA  1 
ATOM   710  C  C   . ILE A 1 109 ? 9.494   -4.624  12.033  1.00 33.57 ? 111 ILE A C   1 
ATOM   711  O  O   . ILE A 1 109 ? 9.291   -5.801  12.102  1.00 32.06 ? 111 ILE A O   1 
ATOM   712  C  CB  . ILE A 1 109 ? 7.683   -3.858  10.403  1.00 35.03 ? 111 ILE A CB  1 
ATOM   713  C  CG1 . ILE A 1 109 ? 7.297   -2.938  9.260   1.00 37.61 ? 111 ILE A CG1 1 
ATOM   714  C  CG2 . ILE A 1 109 ? 6.842   -3.450  11.514  1.00 33.04 ? 111 ILE A CG2 1 
ATOM   715  C  CD1 . ILE A 1 109 ? 7.709   -3.240  8.066   1.00 39.27 ? 111 ILE A CD1 1 
ATOM   716  N  N   . PRO A 1 110 ? 9.945   -3.963  13.088  1.00 36.44 ? 112 PRO A N   1 
ATOM   717  C  CA  . PRO A 1 110 ? 10.135  -4.645  14.386  1.00 37.11 ? 112 PRO A CA  1 
ATOM   718  C  C   . PRO A 1 110 ? 8.857   -5.221  14.942  1.00 38.10 ? 112 PRO A C   1 
ATOM   719  O  O   . PRO A 1 110 ? 7.769   -4.599  14.779  1.00 34.96 ? 112 PRO A O   1 
ATOM   720  C  CB  . PRO A 1 110 ? 10.600  -3.520  15.300  1.00 36.97 ? 112 PRO A CB  1 
ATOM   721  C  CG  . PRO A 1 110 ? 11.104  -2.436  14.338  1.00 39.30 ? 112 PRO A CG  1 
ATOM   722  C  CD  . PRO A 1 110 ? 10.306  -2.559  13.115  1.00 35.00 ? 112 PRO A CD  1 
ATOM   723  N  N   . ILE A 1 111 ? 8.956   -6.367  15.631  1.00 38.92 ? 113 ILE A N   1 
ATOM   724  C  CA  . ILE A 1 111 ? 7.725   -7.049  16.088  1.00 38.82 ? 113 ILE A CA  1 
ATOM   725  C  C   . ILE A 1 111 ? 6.823   -6.173  17.010  1.00 36.83 ? 113 ILE A C   1 
ATOM   726  O  O   . ILE A 1 111 ? 5.609   -6.225  16.824  1.00 36.96 ? 113 ILE A O   1 
ATOM   727  C  CB  . ILE A 1 111 ? 8.056   -8.479  16.700  1.00 40.72 ? 113 ILE A CB  1 
ATOM   728  C  CG1 . ILE A 1 111 ? 8.400   -9.453  15.532  1.00 41.43 ? 113 ILE A CG1 1 
ATOM   729  C  CG2 . ILE A 1 111 ? 6.924   -8.983  17.662  1.00 42.13 ? 113 ILE A CG2 1 
ATOM   730  C  CD1 . ILE A 1 111 ? 8.862   -10.798 15.960  1.00 44.00 ? 113 ILE A CD1 1 
ATOM   731  N  N   . PRO A 1 112 ? 7.381   -5.412  17.940  1.00 35.84 ? 114 PRO A N   1 
ATOM   732  C  CA  . PRO A 1 112 ? 6.595   -4.469  18.779  1.00 36.32 ? 114 PRO A CA  1 
ATOM   733  C  C   . PRO A 1 112 ? 5.858   -3.383  18.005  1.00 35.79 ? 114 PRO A C   1 
ATOM   734  O  O   . PRO A 1 112 ? 4.913   -2.803  18.584  1.00 34.59 ? 114 PRO A O   1 
ATOM   735  C  CB  . PRO A 1 112 ? 7.627   -3.861  19.674  1.00 38.02 ? 114 PRO A CB  1 
ATOM   736  C  CG  . PRO A 1 112 ? 8.704   -4.890  19.665  1.00 36.58 ? 114 PRO A CG  1 
ATOM   737  C  CD  . PRO A 1 112 ? 8.822   -5.342  18.267  1.00 36.61 ? 114 PRO A CD  1 
ATOM   738  N  N   . ASP A 1 113 ? 6.204   -3.150  16.719  1.00 33.62 ? 115 ASP A N   1 
ATOM   739  C  CA  . ASP A 1 113 ? 5.471   -2.204  15.890  1.00 31.72 ? 115 ASP A CA  1 
ATOM   740  C  C   . ASP A 1 113 ? 4.346   -2.810  15.102  1.00 29.83 ? 115 ASP A C   1 
ATOM   741  O  O   . ASP A 1 113 ? 3.508   -2.102  14.651  1.00 30.49 ? 115 ASP A O   1 
ATOM   742  C  CB  . ASP A 1 113 ? 6.388   -1.447  14.927  1.00 32.89 ? 115 ASP A CB  1 
ATOM   743  C  CG  . ASP A 1 113 ? 7.361   -0.535  15.647  1.00 36.08 ? 115 ASP A CG  1 
ATOM   744  O  OD1 . ASP A 1 113 ? 6.986   -0.040  16.730  1.00 39.72 ? 115 ASP A OD1 1 
ATOM   745  O  OD2 . ASP A 1 113 ? 8.509   -0.322  15.214  1.00 39.21 ? 115 ASP A OD2 1 
ATOM   746  N  N   . LEU A 1 114 ? 4.284   -4.117  14.984  1.00 29.77 ? 116 LEU A N   1 
ATOM   747  C  CA  . LEU A 1 114 ? 3.272   -4.772  14.143  1.00 30.03 ? 116 LEU A CA  1 
ATOM   748  C  C   . LEU A 1 114 ? 1.856   -4.445  14.606  1.00 29.54 ? 116 LEU A C   1 
ATOM   749  O  O   . LEU A 1 114 ? 1.068   -4.065  13.830  1.00 27.19 ? 116 LEU A O   1 
ATOM   750  C  CB  . LEU A 1 114 ? 3.481   -6.277  14.149  1.00 29.73 ? 116 LEU A CB  1 
ATOM   751  C  CG  . LEU A 1 114 ? 4.723   -6.854  13.455  1.00 33.03 ? 116 LEU A CG  1 
ATOM   752  C  CD1 . LEU A 1 114 ? 4.636   -8.375  13.487  1.00 34.99 ? 116 LEU A CD1 1 
ATOM   753  C  CD2 . LEU A 1 114 ? 4.801   -6.421  11.998  1.00 33.84 ? 116 LEU A CD2 1 
ATOM   754  N  N   . GLU A 1 115 ? 1.551   -4.642  15.881  1.00 30.63 ? 117 GLU A N   1 
ATOM   755  C  CA  . GLU A 1 115 ? 0.196   -4.302  16.349  1.00 32.77 ? 117 GLU A CA  1 
ATOM   756  C  C   . GLU A 1 115 ? -0.232  -2.874  16.292  1.00 31.89 ? 117 GLU A C   1 
ATOM   757  O  O   . GLU A 1 115 ? -1.341  -2.594  15.820  1.00 29.57 ? 117 GLU A O   1 
ATOM   758  C  CB  . GLU A 1 115 ? 0.032   -4.820  17.776  1.00 35.46 ? 117 GLU A CB  1 
ATOM   759  C  CG  . GLU A 1 115 ? -1.029  -5.868  17.856  1.00 43.22 ? 117 GLU A CG  1 
ATOM   760  C  CD  . GLU A 1 115 ? -0.876  -6.980  16.834  1.00 50.83 ? 117 GLU A CD  1 
ATOM   761  O  OE1 . GLU A 1 115 ? -1.850  -7.192  16.017  1.00 52.02 ? 117 GLU A OE1 1 
ATOM   762  O  OE2 . GLU A 1 115 ? 0.198   -7.661  16.908  1.00 54.94 ? 117 GLU A OE2 1 
ATOM   763  N  N   . PRO A 1 116 ? 0.616   -1.959  16.741  1.00 32.07 ? 118 PRO A N   1 
ATOM   764  C  CA  . PRO A 1 116 ? 0.365   -0.529  16.576  1.00 31.62 ? 118 PRO A CA  1 
ATOM   765  C  C   . PRO A 1 116 ? 0.041   -0.128  15.116  1.00 29.40 ? 118 PRO A C   1 
ATOM   766  O  O   . PRO A 1 116 ? -0.812  0.610   14.869  1.00 28.18 ? 118 PRO A O   1 
ATOM   767  C  CB  . PRO A 1 116 ? 1.669   0.113   17.056  1.00 32.49 ? 118 PRO A CB  1 
ATOM   768  C  CG  . PRO A 1 116 ? 2.336   -0.916  17.885  1.00 34.45 ? 118 PRO A CG  1 
ATOM   769  C  CD  . PRO A 1 116 ? 1.788   -2.213  17.603  1.00 32.82 ? 118 PRO A CD  1 
ATOM   770  N  N   . LEU A 1 117 ? 0.766   -0.688  14.147  1.00 29.14 ? 119 LEU A N   1 
ATOM   771  C  CA  . LEU A 1 117 ? 0.534   -0.429  12.754  1.00 26.00 ? 119 LEU A CA  1 
ATOM   772  C  C   . LEU A 1 117 ? -0.777  -0.981  12.266  1.00 25.25 ? 119 LEU A C   1 
ATOM   773  O  O   . LEU A 1 117 ? -1.549  -0.232  11.638  1.00 26.21 ? 119 LEU A O   1 
ATOM   774  C  CB  . LEU A 1 117 ? 1.737   -1.023  11.915  1.00 25.41 ? 119 LEU A CB  1 
ATOM   775  C  CG  . LEU A 1 117 ? 3.046   -0.233  11.961  1.00 24.74 ? 119 LEU A CG  1 
ATOM   776  C  CD1 . LEU A 1 117 ? 4.166   -1.033  11.464  1.00 27.25 ? 119 LEU A CD1 1 
ATOM   777  C  CD2 . LEU A 1 117 ? 2.849   1.009   11.101  1.00 25.31 ? 119 LEU A CD2 1 
ATOM   778  N  N   . ARG A 1 118 ? -1.099  -2.227  12.656  1.00 26.32 ? 120 ARG A N   1 
ATOM   779  C  CA  . ARG A 1 118 ? -2.424  -2.776  12.341  1.00 28.80 ? 120 ARG A CA  1 
ATOM   780  C  C   . ARG A 1 118 ? -3.520  -1.923  12.979  1.00 29.43 ? 120 ARG A C   1 
ATOM   781  O  O   . ARG A 1 118 ? -4.550  -1.699  12.369  1.00 29.89 ? 120 ARG A O   1 
ATOM   782  C  CB  . ARG A 1 118 ? -2.510  -4.183  12.810  1.00 31.55 ? 120 ARG A CB  1 
ATOM   783  C  CG  . ARG A 1 118 ? -1.545  -5.134  12.089  1.00 36.48 ? 120 ARG A CG  1 
ATOM   784  C  CD  . ARG A 1 118 ? -1.747  -6.614  12.428  1.00 45.46 ? 120 ARG A CD  1 
ATOM   785  N  NE  . ARG A 1 118 ? -0.834  -7.452  11.661  1.00 52.18 ? 120 ARG A NE  1 
ATOM   786  C  CZ  . ARG A 1 118 ? -1.088  -7.960  10.449  1.00 52.64 ? 120 ARG A CZ  1 
ATOM   787  N  NH1 . ARG A 1 118 ? -2.258  -7.729  9.842   1.00 54.89 ? 120 ARG A NH1 1 
ATOM   788  N  NH2 . ARG A 1 118 ? -0.167  -8.720  9.858   1.00 51.55 ? 120 ARG A NH2 1 
ATOM   789  N  N   . SER A 1 119 ? -3.273  -1.401  14.190  1.00 32.04 ? 121 SER A N   1 
ATOM   790  C  CA  . SER A 1 119 ? -4.273  -0.493  14.840  1.00 31.74 ? 121 SER A CA  1 
ATOM   791  C  C   . SER A 1 119 ? -4.570  0.755   14.090  1.00 32.41 ? 121 SER A C   1 
ATOM   792  O  O   . SER A 1 119 ? -5.685  1.282   14.229  1.00 32.12 ? 121 SER A O   1 
ATOM   793  C  CB  . SER A 1 119 ? -3.888  -0.185  16.309  1.00 32.59 ? 121 SER A CB  1 
ATOM   794  O  OG  . SER A 1 119 ? -4.081  -1.354  17.066  1.00 35.99 ? 121 SER A OG  1 
ATOM   795  N  N   . LEU A 1 120 ? -3.642  1.254   13.247  1.00 29.97 ? 122 LEU A N   1 
ATOM   796  C  CA  . LEU A 1 120 ? -3.881  2.407   12.413  1.00 30.89 ? 122 LEU A CA  1 
ATOM   797  C  C   . LEU A 1 120 ? -4.797  2.090   11.253  1.00 31.25 ? 122 LEU A C   1 
ATOM   798  O  O   . LEU A 1 120 ? -5.200  3.002   10.531  1.00 33.50 ? 122 LEU A O   1 
ATOM   799  C  CB  . LEU A 1 120 ? -2.579  2.911   11.837  1.00 29.77 ? 122 LEU A CB  1 
ATOM   800  C  CG  . LEU A 1 120 ? -1.541  3.512   12.734  1.00 36.49 ? 122 LEU A CG  1 
ATOM   801  C  CD1 . LEU A 1 120 ? -0.403  3.917   11.782  1.00 39.19 ? 122 LEU A CD1 1 
ATOM   802  C  CD2 . LEU A 1 120 ? -2.135  4.782   13.480  1.00 37.31 ? 122 LEU A CD2 1 
ATOM   803  N  N   . GLY A 1 121 ? -5.045  0.814   11.062  1.00 29.89 ? 123 GLY A N   1 
ATOM   804  C  CA  . GLY A 1 121 ? -5.896  0.242   10.025  1.00 29.78 ? 123 GLY A CA  1 
ATOM   805  C  C   . GLY A 1 121 ? -5.156  -0.313  8.778   1.00 29.35 ? 123 GLY A C   1 
ATOM   806  O  O   . GLY A 1 121 ? -5.736  -0.565  7.727   1.00 28.15 ? 123 GLY A O   1 
ATOM   807  N  N   . ILE A 1 122 ? -3.863  -0.498  8.901   1.00 27.34 ? 124 ILE A N   1 
ATOM   808  C  CA  . ILE A 1 122 ? -3.126  -1.207  7.844   1.00 24.72 ? 124 ILE A CA  1 
ATOM   809  C  C   . ILE A 1 122 ? -3.598  -2.624  7.768   1.00 24.11 ? 124 ILE A C   1 
ATOM   810  O  O   . ILE A 1 122 ? -3.624  -3.353  8.774   1.00 21.54 ? 124 ILE A O   1 
ATOM   811  C  CB  . ILE A 1 122 ? -1.616  -1.119  8.190   1.00 25.38 ? 124 ILE A CB  1 
ATOM   812  C  CG1 . ILE A 1 122 ? -1.233  0.388   8.225   1.00 27.32 ? 124 ILE A CG1 1 
ATOM   813  C  CG2 . ILE A 1 122 ? -0.762  -2.002  7.202   1.00 24.06 ? 124 ILE A CG2 1 
ATOM   814  C  CD1 . ILE A 1 122 ? 0.030   0.647   8.614   1.00 31.67 ? 124 ILE A CD1 1 
ATOM   815  N  N   . ARG A 1 123 ? -3.925  -3.118  6.589   1.00 22.51 ? 125 ARG A N   1 
ATOM   816  C  CA  . ARG A 1 123 ? -4.546  -4.387  6.465   1.00 22.14 ? 125 ARG A CA  1 
ATOM   817  C  C   . ARG A 1 123 ? -3.616  -5.568  6.493   1.00 25.57 ? 125 ARG A C   1 
ATOM   818  O  O   . ARG A 1 123 ? -3.972  -6.647  6.902   1.00 26.15 ? 125 ARG A O   1 
ATOM   819  C  CB  . ARG A 1 123 ? -5.464  -4.451  5.170   1.00 22.80 ? 125 ARG A CB  1 
ATOM   820  C  CG  . ARG A 1 123 ? -6.510  -3.378  5.172   1.00 24.79 ? 125 ARG A CG  1 
ATOM   821  C  CD  . ARG A 1 123 ? -7.549  -3.533  6.250   1.00 29.18 ? 125 ARG A CD  1 
ATOM   822  N  NE  . ARG A 1 123 ? -8.241  -4.813  6.134   1.00 31.88 ? 125 ARG A NE  1 
ATOM   823  C  CZ  . ARG A 1 123 ? -9.284  -5.075  5.335   1.00 32.09 ? 125 ARG A CZ  1 
ATOM   824  N  NH1 . ARG A 1 123 ? -9.778  -4.152  4.535   1.00 32.51 ? 125 ARG A NH1 1 
ATOM   825  N  NH2 . ARG A 1 123 ? -9.771  -6.279  5.285   1.00 34.60 ? 125 ARG A NH2 1 
ATOM   826  N  N   . GLU A 1 124 ? -2.397  -5.362  5.985   1.00 23.77 ? 126 GLU A N   1 
ATOM   827  C  CA  . GLU A 1 124 ? -1.423  -6.463  5.977   1.00 23.16 ? 126 GLU A CA  1 
ATOM   828  C  C   . GLU A 1 124 ? -0.079  -5.804  6.100   1.00 23.05 ? 126 GLU A C   1 
ATOM   829  O  O   . GLU A 1 124 ? 0.153   -4.682  5.564   1.00 21.38 ? 126 GLU A O   1 
ATOM   830  C  CB  . GLU A 1 124 ? -1.495  -7.221  4.618   1.00 24.69 ? 126 GLU A CB  1 
ATOM   831  C  CG  . GLU A 1 124 ? -2.745  -7.983  4.235   1.00 30.35 ? 126 GLU A CG  1 
ATOM   832  C  CD  . GLU A 1 124 ? -3.029  -9.237  5.039   1.00 33.84 ? 126 GLU A CD  1 
ATOM   833  O  OE1 . GLU A 1 124 ? -2.108  -9.783  5.694   1.00 39.90 ? 126 GLU A OE1 1 
ATOM   834  O  OE2 . GLU A 1 124 ? -4.202  -9.632  5.038   1.00 40.81 ? 126 GLU A OE2 1 
ATOM   835  N  N   . ILE A 1 125 ? 0.830   -6.468  6.839   1.00 24.03 ? 127 ILE A N   1 
ATOM   836  C  CA  . ILE A 1 125 ? 2.248   -6.094  6.860   1.00 24.23 ? 127 ILE A CA  1 
ATOM   837  C  C   . ILE A 1 125 ? 3.080   -7.293  6.301   1.00 24.01 ? 127 ILE A C   1 
ATOM   838  O  O   . ILE A 1 125 ? 2.993   -8.431  6.796   1.00 25.99 ? 127 ILE A O   1 
ATOM   839  C  CB  . ILE A 1 125 ? 2.644   -5.803  8.280   1.00 25.41 ? 127 ILE A CB  1 
ATOM   840  C  CG1 . ILE A 1 125 ? 1.845   -4.611  8.777   1.00 28.64 ? 127 ILE A CG1 1 
ATOM   841  C  CG2 . ILE A 1 125 ? 4.181   -5.542  8.375   1.00 26.61 ? 127 ILE A CG2 1 
ATOM   842  C  CD1 . ILE A 1 125 ? 1.819   -4.522  10.263  1.00 34.73 ? 127 ILE A CD1 1 
ATOM   843  N  N   . PHE A 1 126 ? 3.773   -7.012  5.212   1.00 24.08 ? 128 PHE A N   1 
ATOM   844  C  CA  . PHE A 1 126 ? 4.590   -7.981  4.501   1.00 23.08 ? 128 PHE A CA  1 
ATOM   845  C  C   . PHE A 1 126 ? 6.085   -7.859  4.939   1.00 23.65 ? 128 PHE A C   1 
ATOM   846  O  O   . PHE A 1 126 ? 6.776   -6.922  4.586   1.00 27.08 ? 128 PHE A O   1 
ATOM   847  C  CB  . PHE A 1 126 ? 4.528   -7.694  3.019   1.00 23.63 ? 128 PHE A CB  1 
ATOM   848  C  CG  . PHE A 1 126 ? 3.110   -7.755  2.447   1.00 19.26 ? 128 PHE A CG  1 
ATOM   849  C  CD1 . PHE A 1 126 ? 2.200   -8.697  2.845   1.00 23.51 ? 128 PHE A CD1 1 
ATOM   850  C  CD2 . PHE A 1 126 ? 2.737   -6.827  1.518   1.00 27.20 ? 128 PHE A CD2 1 
ATOM   851  C  CE1 . PHE A 1 126 ? 0.889   -8.743  2.217   1.00 27.05 ? 128 PHE A CE1 1 
ATOM   852  C  CE2 . PHE A 1 126 ? 1.453   -6.844  0.957   1.00 23.65 ? 128 PHE A CE2 1 
ATOM   853  C  CZ  . PHE A 1 126 ? 0.564   -7.776  1.253   1.00 25.53 ? 128 PHE A CZ  1 
ATOM   854  N  N   . LEU A 1 127 ? 6.467   -8.792  5.716   1.00 25.94 ? 129 LEU A N   1 
ATOM   855  C  CA  . LEU A 1 127 ? 7.853   -8.921  6.186   1.00 25.85 ? 129 LEU A CA  1 
ATOM   856  C  C   . LEU A 1 127 ? 8.745   -9.580  5.165   1.00 26.50 ? 129 LEU A C   1 
ATOM   857  O  O   . LEU A 1 127 ? 8.307   -10.163 4.187   1.00 24.60 ? 129 LEU A O   1 
ATOM   858  C  CB  . LEU A 1 127 ? 7.757   -9.790  7.465   1.00 24.72 ? 129 LEU A CB  1 
ATOM   859  C  CG  . LEU A 1 127 ? 7.095   -9.002  8.615   1.00 29.76 ? 129 LEU A CG  1 
ATOM   860  C  CD1 . LEU A 1 127 ? 6.989   -9.939  9.849   1.00 32.92 ? 129 LEU A CD1 1 
ATOM   861  C  CD2 . LEU A 1 127 ? 7.659   -7.646  8.930   1.00 37.22 ? 129 LEU A CD2 1 
ATOM   862  N  N   . PRO A 1 128 ? 10.051  -9.487  5.354   1.00 25.36 ? 130 PRO A N   1 
ATOM   863  C  CA  . PRO A 1 128 ? 10.938  -10.097 4.408   1.00 25.14 ? 130 PRO A CA  1 
ATOM   864  C  C   . PRO A 1 128 ? 10.620  -11.548 4.010   1.00 22.95 ? 130 PRO A C   1 
ATOM   865  O  O   . PRO A 1 128 ? 10.803  -11.832 2.793   1.00 24.34 ? 130 PRO A O   1 
ATOM   866  C  CB  . PRO A 1 128 ? 12.298  -9.959  5.069   1.00 24.32 ? 130 PRO A CB  1 
ATOM   867  C  CG  . PRO A 1 128 ? 12.173  -8.734  5.851   1.00 26.41 ? 130 PRO A CG  1 
ATOM   868  C  CD  . PRO A 1 128 ? 10.754  -8.741  6.404   1.00 27.01 ? 130 PRO A CD  1 
ATOM   869  N  N   . GLY A 1 129 ? 10.144  -12.363 4.918   1.00 23.71 ? 131 GLY A N   1 
ATOM   870  C  CA  . GLY A 1 129 ? 9.848   -13.730 4.647   1.00 21.42 ? 131 GLY A CA  1 
ATOM   871  C  C   . GLY A 1 129 ? 8.546   -13.978 3.896   1.00 22.13 ? 131 GLY A C   1 
ATOM   872  O  O   . GLY A 1 129 ? 8.244   -15.103 3.542   1.00 22.23 ? 131 GLY A O   1 
ATOM   873  N  N   . THR A 1 130 ? 7.810   -12.925 3.590   1.00 22.86 ? 132 THR A N   1 
ATOM   874  C  CA  . THR A 1 130 ? 6.456   -13.097 2.912   1.00 21.53 ? 132 THR A CA  1 
ATOM   875  C  C   . THR A 1 130 ? 6.724   -13.308 1.467   1.00 23.17 ? 132 THR A C   1 
ATOM   876  O  O   . THR A 1 130 ? 7.444   -12.514 0.852   1.00 22.83 ? 132 THR A O   1 
ATOM   877  C  CB  . THR A 1 130 ? 5.650   -11.822 3.081   1.00 23.78 ? 132 THR A CB  1 
ATOM   878  O  OG1 . THR A 1 130 ? 5.484   -11.574 4.484   1.00 21.45 ? 132 THR A OG1 1 
ATOM   879  C  CG2 . THR A 1 130 ? 4.210   -11.936 2.403   1.00 25.75 ? 132 THR A CG2 1 
ATOM   880  N  N   . SER A 1 131 ? 6.167   -14.351 0.899   1.00 20.96 ? 133 SER A N   1 
ATOM   881  C  CA  . SER A 1 131 ? 6.418   -14.643 -0.483  1.00 23.40 ? 133 SER A CA  1 
ATOM   882  C  C   . SER A 1 131 ? 5.658   -13.658 -1.405  1.00 23.23 ? 133 SER A C   1 
ATOM   883  O  O   . SER A 1 131 ? 4.599   -13.153 -1.059  1.00 20.96 ? 133 SER A O   1 
ATOM   884  C  CB  . SER A 1 131 ? 5.981   -16.059 -0.840  1.00 22.86 ? 133 SER A CB  1 
ATOM   885  O  OG  . SER A 1 131 ? 4.625   -16.338 -0.773  1.00 26.06 ? 133 SER A OG  1 
ATOM   886  N  N   . LEU A 1 132 ? 6.137   -13.569 -2.625  1.00 25.05 ? 134 LEU A N   1 
ATOM   887  C  CA  . LEU A 1 132 ? 5.470   -12.797 -3.684  1.00 24.39 ? 134 LEU A CA  1 
ATOM   888  C  C   . LEU A 1 132 ? 4.107   -13.288 -3.939  1.00 23.71 ? 134 LEU A C   1 
ATOM   889  O  O   . LEU A 1 132 ? 3.184   -12.475 -4.162  1.00 24.28 ? 134 LEU A O   1 
ATOM   890  C  CB  . LEU A 1 132 ? 6.292   -12.684 -4.986  1.00 26.50 ? 134 LEU A CB  1 
ATOM   891  C  CG  . LEU A 1 132 ? 7.557   -11.870 -4.964  1.00 29.14 ? 134 LEU A CG  1 
ATOM   892  C  CD1 . LEU A 1 132 ? 8.198   -12.146 -6.341  1.00 31.40 ? 134 LEU A CD1 1 
ATOM   893  C  CD2 . LEU A 1 132 ? 7.269   -10.285 -4.700  1.00 29.66 ? 134 LEU A CD2 1 
ATOM   894  N  N   . GLY A 1 133 ? 3.940   -14.616 -3.946  1.00 23.14 ? 135 GLY A N   1 
ATOM   895  C  CA  . GLY A 1 133 ? 2.666   -15.238 -4.178  1.00 23.92 ? 135 GLY A CA  1 
ATOM   896  C  C   . GLY A 1 133 ? 1.603   -14.824 -3.135  1.00 24.14 ? 135 GLY A C   1 
ATOM   897  O  O   . GLY A 1 133 ? 0.387   -14.673 -3.384  1.00 21.93 ? 135 GLY A O   1 
ATOM   898  N  N   . GLU A 1 134 ? 2.072   -14.713 -1.897  1.00 21.72 ? 136 GLU A N   1 
ATOM   899  C  CA  . GLU A 1 134 ? 1.227   -14.252 -0.792  1.00 24.67 ? 136 GLU A CA  1 
ATOM   900  C  C   . GLU A 1 134 ? 0.834   -12.822 -0.941  1.00 22.94 ? 136 GLU A C   1 
ATOM   901  O  O   . GLU A 1 134 ? -0.328  -12.420 -0.692  1.00 24.15 ? 136 GLU A O   1 
ATOM   902  C  CB  . GLU A 1 134 ? 1.860   -14.474 0.560   1.00 24.69 ? 136 GLU A CB  1 
ATOM   903  C  CG  . GLU A 1 134 ? 1.090   -13.879 1.706   1.00 29.04 ? 136 GLU A CG  1 
ATOM   904  C  CD  . GLU A 1 134 ? -0.215  -14.573 2.150   1.00 35.75 ? 136 GLU A CD  1 
ATOM   905  O  OE1 . GLU A 1 134 ? -0.715  -14.058 3.197   1.00 44.69 ? 136 GLU A OE1 1 
ATOM   906  O  OE2 . GLU A 1 134 ? -0.772  -15.515 1.516   1.00 43.26 ? 136 GLU A OE2 1 
ATOM   907  N  N   . ILE A 1 135 ? 1.792   -12.002 -1.335  1.00 22.71 ? 137 ILE A N   1 
ATOM   908  C  CA  . ILE A 1 135 ? 1.520   -10.613 -1.590  1.00 21.69 ? 137 ILE A CA  1 
ATOM   909  C  C   . ILE A 1 135 ? 0.393   -10.469 -2.631  1.00 22.93 ? 137 ILE A C   1 
ATOM   910  O  O   . ILE A 1 135 ? -0.557  -9.681  -2.411  1.00 21.95 ? 137 ILE A O   1 
ATOM   911  C  CB  . ILE A 1 135 ? 2.760   -9.796  -1.967  1.00 20.91 ? 137 ILE A CB  1 
ATOM   912  C  CG1 . ILE A 1 135 ? 3.674   -9.671  -0.759  1.00 24.78 ? 137 ILE A CG1 1 
ATOM   913  C  CG2 . ILE A 1 135 ? 2.370   -8.417  -2.459  1.00 23.10 ? 137 ILE A CG2 1 
ATOM   914  C  CD1 . ILE A 1 135 ? 5.105   -9.285  -0.963  1.00 27.67 ? 137 ILE A CD1 1 
ATOM   915  N  N   . ILE A 1 136 ? 0.475   -11.208 -3.701  1.00 23.15 ? 138 ILE A N   1 
ATOM   916  C  CA  . ILE A 1 136 ? -0.465  -11.057 -4.842  1.00 24.18 ? 138 ILE A CA  1 
ATOM   917  C  C   . ILE A 1 136 ? -1.812  -11.439 -4.400  1.00 23.35 ? 138 ILE A C   1 
ATOM   918  O  O   . ILE A 1 136 ? -2.789  -10.774 -4.664  1.00 22.33 ? 138 ILE A O   1 
ATOM   919  C  CB  . ILE A 1 136 ? 0.025   -11.928 -6.064  1.00 24.42 ? 138 ILE A CB  1 
ATOM   920  C  CG1 . ILE A 1 136 ? 1.344   -11.426 -6.639  1.00 26.12 ? 138 ILE A CG1 1 
ATOM   921  C  CG2 . ILE A 1 136 ? -1.061  -12.290 -7.056  1.00 29.21 ? 138 ILE A CG2 1 
ATOM   922  C  CD1 . ILE A 1 136 ? 1.454   -10.207 -7.145  1.00 35.95 ? 138 ILE A CD1 1 
ATOM   923  N  N   . GLU A 1 137 ? -1.895  -12.538 -3.646  1.00 23.83 ? 139 GLU A N   1 
ATOM   924  C  CA  . GLU A 1 137 ? -3.136  -13.021 -3.155  1.00 24.54 ? 139 GLU A CA  1 
ATOM   925  C  C   . GLU A 1 137 ? -3.820  -12.068 -2.194  1.00 22.30 ? 139 GLU A C   1 
ATOM   926  O  O   . GLU A 1 137 ? -5.020  -11.811 -2.298  1.00 21.81 ? 139 GLU A O   1 
ATOM   927  C  CB  . GLU A 1 137 ? -2.947  -14.402 -2.544  1.00 26.65 ? 139 GLU A CB  1 
ATOM   928  C  CG  . GLU A 1 137 ? -4.233  -15.146 -2.225  1.00 34.92 ? 139 GLU A CG  1 
ATOM   929  C  CD  . GLU A 1 137 ? -5.423  -15.040 -3.203  1.00 38.24 ? 139 GLU A CD  1 
ATOM   930  O  OE1 . GLU A 1 137 ? -5.301  -14.911 -4.438  1.00 41.65 ? 139 GLU A OE1 1 
ATOM   931  O  OE2 . GLU A 1 137 ? -6.562  -15.062 -2.655  1.00 43.78 ? 139 GLU A OE2 1 
ATOM   932  N  N   . LYS A 1 138 ? -3.077  -11.507 -1.259  1.00 22.09 ? 140 LYS A N   1 
ATOM   933  C  CA  . LYS A 1 138 ? -3.699  -10.564 -0.352  1.00 22.66 ? 140 LYS A CA  1 
ATOM   934  C  C   . LYS A 1 138 ? -4.123  -9.268  -1.028  1.00 21.69 ? 140 LYS A C   1 
ATOM   935  O  O   . LYS A 1 138 ? -5.099  -8.691  -0.640  1.00 20.35 ? 140 LYS A O   1 
ATOM   936  C  CB  . LYS A 1 138 ? -2.709  -10.168 0.746   1.00 25.08 ? 140 LYS A CB  1 
ATOM   937  C  CG  . LYS A 1 138 ? -2.424  -11.313 1.727   1.00 27.47 ? 140 LYS A CG  1 
ATOM   938  C  CD  . LYS A 1 138 ? -3.668  -11.782 2.456   1.00 36.33 ? 140 LYS A CD  1 
ATOM   939  C  CE  . LYS A 1 138 ? -3.322  -12.756 3.596   1.00 40.85 ? 140 LYS A CE  1 
ATOM   940  N  NZ  . LYS A 1 138 ? -2.074  -12.312 4.376   1.00 45.37 ? 140 LYS A NZ  1 
ATOM   941  N  N   . VAL A 1 139 ? -3.283  -8.769  -1.919  1.00 22.15 ? 141 VAL A N   1 
ATOM   942  C  CA  . VAL A 1 139 ? -3.606  -7.547  -2.643  1.00 22.33 ? 141 VAL A CA  1 
ATOM   943  C  C   . VAL A 1 139 ? -4.875  -7.843  -3.489  1.00 20.38 ? 141 VAL A C   1 
ATOM   944  O  O   . VAL A 1 139 ? -5.814  -6.969  -3.613  1.00 20.46 ? 141 VAL A O   1 
ATOM   945  C  CB  . VAL A 1 139 ? -2.388  -7.101  -3.533  1.00 22.60 ? 141 VAL A CB  1 
ATOM   946  C  CG1 . VAL A 1 139 ? -2.862  -6.057  -4.409  1.00 23.75 ? 141 VAL A CG1 1 
ATOM   947  C  CG2 . VAL A 1 139 ? -1.282  -6.610  -2.651  1.00 21.66 ? 141 VAL A CG2 1 
ATOM   948  N  N   . ARG A 1 140 ? -4.957  -9.003  -4.144  1.00 19.74 ? 142 ARG A N   1 
ATOM   949  C  CA  . ARG A 1 140 ? -6.181  -9.397  -4.882  1.00 21.96 ? 142 ARG A CA  1 
ATOM   950  C  C   . ARG A 1 140 ? -7.433  -9.359  -4.015  1.00 22.08 ? 142 ARG A C   1 
ATOM   951  O  O   . ARG A 1 140 ? -8.481  -8.779  -4.357  1.00 20.38 ? 142 ARG A O   1 
ATOM   952  C  CB  . ARG A 1 140 ? -6.002  -10.821 -5.411  1.00 22.37 ? 142 ARG A CB  1 
ATOM   953  C  CG  . ARG A 1 140 ? -7.161  -11.264 -6.266  1.00 22.78 ? 142 ARG A CG  1 
ATOM   954  C  CD  . ARG A 1 140 ? -7.066  -12.683 -6.649  1.00 32.58 ? 142 ARG A CD  1 
ATOM   955  N  NE  . ARG A 1 140 ? -7.478  -13.394 -5.478  1.00 37.02 ? 142 ARG A NE  1 
ATOM   956  C  CZ  . ARG A 1 140 ? -8.726  -13.471 -5.118  1.00 40.09 ? 142 ARG A CZ  1 
ATOM   957  N  NH1 . ARG A 1 140 ? -9.683  -12.948 -5.876  1.00 41.95 ? 142 ARG A NH1 1 
ATOM   958  N  NH2 . ARG A 1 140 ? -9.027  -14.075 -4.000  1.00 42.04 ? 142 ARG A NH2 1 
ATOM   959  N  N   . LYS A 1 141 ? -7.320  -9.963  -2.831  1.00 21.18 ? 143 LYS A N   1 
ATOM   960  C  CA  . LYS A 1 141 ? -8.438  -10.080 -1.901  1.00 23.49 ? 143 LYS A CA  1 
ATOM   961  C  C   . LYS A 1 141 ? -8.937  -8.694  -1.426  1.00 20.88 ? 143 LYS A C   1 
ATOM   962  O  O   . LYS A 1 141 ? -10.085 -8.435  -1.375  1.00 21.68 ? 143 LYS A O   1 
ATOM   963  C  CB  . LYS A 1 141 ? -7.968  -10.918 -0.652  1.00 24.70 ? 143 LYS A CB  1 
ATOM   964  C  CG  . LYS A 1 141 ? -9.045  -10.996 0.494   1.00 34.24 ? 143 LYS A CG  1 
ATOM   965  C  CD  . LYS A 1 141 ? -8.526  -10.131 1.727   1.00 45.22 ? 143 LYS A CD  1 
ATOM   966  C  CE  . LYS A 1 141 ? -9.488  -10.055 2.936   1.00 49.80 ? 143 LYS A CE  1 
ATOM   967  N  NZ  . LYS A 1 141 ? -10.628 -9.067  2.675   1.00 50.40 ? 143 LYS A NZ  1 
ATOM   968  N  N   . LEU A 1 142 ? -8.010  -7.788  -1.166  1.00 19.31 ? 144 LEU A N   1 
ATOM   969  C  CA  . LEU A 1 142 ? -8.281  -6.500  -0.665  1.00 19.97 ? 144 LEU A CA  1 
ATOM   970  C  C   . LEU A 1 142 ? -8.934  -5.615  -1.736  1.00 19.16 ? 144 LEU A C   1 
ATOM   971  O  O   . LEU A 1 142 ? -9.887  -4.878  -1.458  1.00 19.45 ? 144 LEU A O   1 
ATOM   972  C  CB  . LEU A 1 142 ? -6.955  -5.894  -0.094  1.00 18.80 ? 144 LEU A CB  1 
ATOM   973  C  CG  . LEU A 1 142 ? -6.564  -6.416  1.292   1.00 20.41 ? 144 LEU A CG  1 
ATOM   974  C  CD1 . LEU A 1 142 ? -5.249  -5.965  1.597   1.00 25.08 ? 144 LEU A CD1 1 
ATOM   975  C  CD2 . LEU A 1 142 ? -7.615  -6.108  2.272   1.00 23.70 ? 144 LEU A CD2 1 
ATOM   976  N  N   . ALA A 1 143 ? -8.473  -5.779  -2.974  1.00 20.76 ? 145 ALA A N   1 
ATOM   977  C  CA  . ALA A 1 143 ? -8.990  -5.016  -4.082  1.00 21.50 ? 145 ALA A CA  1 
ATOM   978  C  C   . ALA A 1 143 ? -10.404 -5.516  -4.467  1.00 22.14 ? 145 ALA A C   1 
ATOM   979  O  O   . ALA A 1 143 ? -11.300 -4.738  -4.750  1.00 23.57 ? 145 ALA A O   1 
ATOM   980  C  CB  . ALA A 1 143 ? -8.052  -5.152  -5.260  1.00 21.52 ? 145 ALA A CB  1 
ATOM   981  N  N   . GLU A 1 144 ? -10.636 -6.813  -4.330  1.00 22.65 ? 146 GLU A N   1 
ATOM   982  C  CA  . GLU A 1 144 ? -11.889 -7.396  -4.611  1.00 23.68 ? 146 GLU A CA  1 
ATOM   983  C  C   . GLU A 1 144 ? -12.905 -6.853  -3.632  1.00 25.08 ? 146 GLU A C   1 
ATOM   984  O  O   . GLU A 1 144 ? -14.026 -6.429  -4.044  1.00 24.04 ? 146 GLU A O   1 
ATOM   985  C  CB  . GLU A 1 144 ? -11.732 -8.915  -4.623  1.00 24.96 ? 146 GLU A CB  1 
ATOM   986  C  CG  . GLU A 1 144 ? -13.020 -9.745  -4.571  1.00 29.96 ? 146 GLU A CG  1 
ATOM   987  C  CD  . GLU A 1 144 ? -12.683 -11.227 -4.470  1.00 32.84 ? 146 GLU A CD  1 
ATOM   988  O  OE1 . GLU A 1 144 ? -12.354 -11.809 -5.467  1.00 37.22 ? 146 GLU A OE1 1 
ATOM   989  O  OE2 . GLU A 1 144 ? -12.793 -11.764 -3.407  1.00 34.14 ? 146 GLU A OE2 1 
ATOM   990  N  N   . GLU A 1 145 ? -12.520 -6.841  -2.354  1.00 25.47 ? 147 GLU A N   1 
ATOM   991  C  CA  . GLU A 1 145 ? -13.330 -6.290  -1.263  1.00 26.81 ? 147 GLU A CA  1 
ATOM   992  C  C   . GLU A 1 145 ? -13.627 -4.854  -1.437  1.00 26.92 ? 147 GLU A C   1 
ATOM   993  O  O   . GLU A 1 145 ? -14.780 -4.399  -1.189  1.00 28.00 ? 147 GLU A O   1 
ATOM   994  C  CB  . GLU A 1 145 ? -12.613 -6.498  0.115   1.00 27.73 ? 147 GLU A CB  1 
ATOM   995  C  CG  . GLU A 1 145 ? -13.359 -6.042  1.341   1.00 35.66 ? 147 GLU A CG  1 
ATOM   996  C  CD  . GLU A 1 145 ? -12.468 -6.118  2.625   1.00 37.77 ? 147 GLU A CD  1 
ATOM   997  O  OE1 . GLU A 1 145 ? -12.369 -7.179  3.188   1.00 43.63 ? 147 GLU A OE1 1 
ATOM   998  O  OE2 . GLU A 1 145 ? -11.979 -5.098  3.049   1.00 38.67 ? 147 GLU A OE2 1 
ATOM   999  N  N   . LYS A 1 146 ? -12.606 -4.103  -1.801  1.00 27.37 ? 148 LYS A N   1 
ATOM   1000 C  CA  . LYS A 1 146 ? -12.715 -2.670  -1.995  1.00 27.50 ? 148 LYS A CA  1 
ATOM   1001 C  C   . LYS A 1 146 ? -13.767 -2.343  -3.080  1.00 27.45 ? 148 LYS A C   1 
ATOM   1002 O  O   . LYS A 1 146 ? -14.669 -1.533  -2.849  1.00 28.75 ? 148 LYS A O   1 
ATOM   1003 C  CB  . LYS A 1 146 ? -11.350 -2.078  -2.335  1.00 26.63 ? 148 LYS A CB  1 
ATOM   1004 C  CG  . LYS A 1 146 ? -11.396 -0.542  -2.458  1.00 29.79 ? 148 LYS A CG  1 
ATOM   1005 C  CD  . LYS A 1 146 ? -11.592 -0.114  -3.877  1.00 31.39 ? 148 LYS A CD  1 
ATOM   1006 C  CE  . LYS A 1 146 ? -11.536 1.444   -4.106  1.00 29.66 ? 148 LYS A CE  1 
ATOM   1007 N  NZ  . LYS A 1 146 ? -11.761 1.703   -5.635  1.00 29.52 ? 148 LYS A NZ  1 
ATOM   1008 N  N   . ARG A 1 147 ? -13.755 -3.095  -4.185  1.00 26.64 ? 149 ARG A N   1 
ATOM   1009 C  CA  . ARG A 1 147 ? -14.723 -2.875  -5.271  1.00 30.59 ? 149 ARG A CA  1 
ATOM   1010 C  C   . ARG A 1 147 ? -16.069 -3.249  -4.901  1.00 31.23 ? 149 ARG A C   1 
ATOM   1011 O  O   . ARG A 1 147 ? -17.025 -2.532  -5.232  1.00 31.32 ? 149 ARG A O   1 
ATOM   1012 C  CB  . ARG A 1 147 ? -14.379 -3.698  -6.463  1.00 30.99 ? 149 ARG A CB  1 
ATOM   1013 C  CG  . ARG A 1 147 ? -13.216 -3.183  -7.103  1.00 36.21 ? 149 ARG A CG  1 
ATOM   1014 C  CD  . ARG A 1 147 ? -13.536 -2.315  -8.228  1.00 37.90 ? 149 ARG A CD  1 
ATOM   1015 N  NE  . ARG A 1 147 ? -12.288 -1.912  -8.831  1.00 37.55 ? 149 ARG A NE  1 
ATOM   1016 C  CZ  . ARG A 1 147 ? -11.912 -2.176  -10.079 1.00 35.14 ? 149 ARG A CZ  1 
ATOM   1017 N  NH1 . ARG A 1 147 ? -10.713 -1.749  -10.495 1.00 35.41 ? 149 ARG A NH1 1 
ATOM   1018 N  NH2 . ARG A 1 147 ? -12.726 -2.809  -10.894 1.00 31.65 ? 149 ARG A NH2 1 
HETATM 1019 N  N   . MSE A 1 148 ? -16.194 -4.381  -4.238  1.00 33.32 ? 150 MSE A N   1 
HETATM 1020 C  CA  . MSE A 1 148 ? -17.481 -4.771  -3.676  1.00 35.85 ? 150 MSE A CA  1 
HETATM 1021 C  C   . MSE A 1 148 ? -18.093 -3.757  -2.749  1.00 40.06 ? 150 MSE A C   1 
HETATM 1022 O  O   . MSE A 1 148 ? -19.319 -3.518  -2.883  1.00 41.83 ? 150 MSE A O   1 
HETATM 1023 C  CB  . MSE A 1 148 ? -17.445 -6.102  -2.961  1.00 35.25 ? 150 MSE A CB  1 
HETATM 1024 C  CG  . MSE A 1 148 ? -17.198 -7.253  -3.876  1.00 39.25 ? 150 MSE A CG  1 
HETATM 1025 SE SE  . MSE A 1 148 ? -16.826 -8.983  -2.862  1.00 53.97 ? 150 MSE A SE  1 
HETATM 1026 C  CE  . MSE A 1 148 ? -16.475 -9.902  -4.346  1.00 46.24 ? 150 MSE A CE  1 
ATOM   1027 N  N   . ARG A 1 149 ? -17.320 -3.217  -1.804  1.00 41.57 ? 151 ARG A N   1 
ATOM   1028 C  CA  . ARG A 1 149 ? -17.799 -2.211  -0.855  1.00 44.09 ? 151 ARG A CA  1 
ATOM   1029 C  C   . ARG A 1 149 ? -18.245 -0.908  -1.546  1.00 46.56 ? 151 ARG A C   1 
ATOM   1030 O  O   . ARG A 1 149 ? -19.327 -0.353  -1.166  1.00 47.38 ? 151 ARG A O   1 
ATOM   1031 C  CB  . ARG A 1 149 ? -16.734 -1.967  0.227   1.00 45.12 ? 151 ARG A CB  1 
ATOM   1032 C  CG  . ARG A 1 149 ? -17.165 -1.177  1.448   1.00 48.28 ? 151 ARG A CG  1 
ATOM   1033 C  CD  . ARG A 1 149 ? -15.994 -0.432  2.146   1.00 54.70 ? 151 ARG A CD  1 
ATOM   1034 N  NE  . ARG A 1 149 ? -15.056 -1.368  2.748   1.00 61.86 ? 151 ARG A NE  1 
ATOM   1035 C  CZ  . ARG A 1 149 ? -13.844 -1.723  2.282   1.00 66.40 ? 151 ARG A CZ  1 
ATOM   1036 N  NH1 . ARG A 1 149 ? -13.277 -1.185  1.194   1.00 67.41 ? 151 ARG A NH1 1 
ATOM   1037 N  NH2 . ARG A 1 149 ? -13.151 -2.615  2.978   1.00 69.37 ? 151 ARG A NH2 1 
ATOM   1038 N  N   . GLU A 1 150 ? -17.471 -0.432  -2.536  1.00 48.56 ? 152 GLU A N   1 
ATOM   1039 C  CA  . GLU A 1 150 ? -17.827 0.728   -3.382  1.00 52.33 ? 152 GLU A CA  1 
ATOM   1040 C  C   . GLU A 1 150 ? -19.139 0.491   -4.113  1.00 55.99 ? 152 GLU A C   1 
ATOM   1041 O  O   . GLU A 1 150 ? -20.071 1.278   -4.008  1.00 56.69 ? 152 GLU A O   1 
ATOM   1042 C  CB  . GLU A 1 150 ? -16.851 0.966   -4.533  1.00 51.84 ? 152 GLU A CB  1 
ATOM   1043 C  CG  . GLU A 1 150 ? -15.441 1.192   -4.174  1.00 52.75 ? 152 GLU A CG  1 
ATOM   1044 C  CD  . GLU A 1 150 ? -14.741 1.912   -5.263  1.00 52.46 ? 152 GLU A CD  1 
ATOM   1045 O  OE1 . GLU A 1 150 ? -14.464 1.286   -6.306  1.00 50.93 ? 152 GLU A OE1 1 
ATOM   1046 O  OE2 . GLU A 1 150 ? -14.476 3.117   -5.054  1.00 58.42 ? 152 GLU A OE2 1 
ATOM   1047 N  N   . GLU A 1 151 ? -19.136 -0.584  -4.901  1.00 59.34 ? 153 GLU A N   1 
ATOM   1048 C  CA  . GLU A 1 151 ? -20.199 -0.970  -5.812  1.00 62.57 ? 153 GLU A CA  1 
ATOM   1049 C  C   . GLU A 1 151 ? -21.444 -1.327  -5.016  1.00 64.59 ? 153 GLU A C   1 
ATOM   1050 O  O   . GLU A 1 151 ? -22.534 -1.455  -5.581  1.00 66.39 ? 153 GLU A O   1 
ATOM   1051 C  CB  . GLU A 1 151 ? -19.702 -2.178  -6.626  1.00 63.14 ? 153 GLU A CB  1 
ATOM   1052 C  CG  . GLU A 1 151 ? -20.621 -2.714  -7.698  1.00 66.09 ? 153 GLU A CG  1 
ATOM   1053 C  CD  . GLU A 1 151 ? -20.859 -4.215  -7.579  1.00 70.24 ? 153 GLU A CD  1 
ATOM   1054 O  OE1 . GLU A 1 151 ? -21.652 -4.629  -6.676  1.00 71.76 ? 153 GLU A OE1 1 
ATOM   1055 O  OE2 . GLU A 1 151 ? -20.277 -4.980  -8.400  1.00 71.56 ? 153 GLU A OE2 1 
ATOM   1056 N  N   . ALA A 1 152 ? -21.267 -1.452  -3.695  1.00 66.48 ? 154 ALA A N   1 
ATOM   1057 C  CA  . ALA A 1 152 ? -22.340 -1.735  -2.739  1.00 67.14 ? 154 ALA A CA  1 
ATOM   1058 C  C   . ALA A 1 152 ? -22.833 -0.468  -2.058  1.00 68.23 ? 154 ALA A C   1 
ATOM   1059 O  O   . ALA A 1 152 ? -23.104 -0.465  -0.856  1.00 69.02 ? 154 ALA A O   1 
ATOM   1060 C  CB  . ALA A 1 152 ? -21.871 -2.708  -1.692  1.00 66.84 ? 154 ALA A CB  1 
ATOM   1061 N  N   . GLU A 1 153 ? -22.950 0.595   -2.840  1.00 68.75 ? 155 GLU A N   1 
ATOM   1062 C  CA  . GLU A 1 153 ? -23.521 1.837   -2.391  1.00 68.79 ? 155 GLU A CA  1 
ATOM   1063 C  C   . GLU A 1 153 ? -24.273 2.551   -3.547  1.00 68.98 ? 155 GLU A C   1 
ATOM   1064 O  O   . GLU A 1 153 ? -23.695 3.101   -4.471  1.00 67.74 ? 155 GLU A O   1 
ATOM   1065 C  CB  . GLU A 1 153 ? -22.429 2.719   -1.763  1.00 68.96 ? 155 GLU A CB  1 
ATOM   1066 C  CG  . GLU A 1 153 ? -22.212 2.424   -0.270  1.00 69.51 ? 155 GLU A CG  1 
ATOM   1067 C  CD  . GLU A 1 153 ? -20.742 2.224   0.119   1.00 71.50 ? 155 GLU A CD  1 
ATOM   1068 O  OE1 . GLU A 1 153 ? -20.451 1.460   1.088   1.00 73.15 ? 155 GLU A OE1 1 
ATOM   1069 O  OE2 . GLU A 1 153 ? -19.867 2.833   -0.542  1.00 71.37 ? 155 GLU A OE2 1 
ATOM   1070 N  N   . ALA A 1 154 ? -25.594 2.447   -3.477  1.00 70.09 ? 156 ALA A N   1 
ATOM   1071 C  CA  . ALA A 1 154 ? -26.516 3.455   -4.009  1.00 70.35 ? 156 ALA A CA  1 
ATOM   1072 C  C   . ALA A 1 154 ? -27.491 3.744   -2.872  1.00 70.86 ? 156 ALA A C   1 
ATOM   1073 O  O   . ALA A 1 154 ? -27.207 3.286   -1.722  1.00 71.34 ? 156 ALA A O   1 
ATOM   1074 C  CB  . ALA A 1 154 ? -27.250 2.949   -5.242  1.00 70.46 ? 156 ALA A CB  1 
HETATM 1075 O  O   . HOH B 2 .   ? -10.415 4.410   -5.355  1.00 32.09 ? 164 HOH A O   1 
HETATM 1076 O  O   . HOH B 2 .   ? -0.794  -15.572 -5.533  1.00 34.12 ? 165 HOH A O   1 
HETATM 1077 O  O   . HOH B 2 .   ? -6.048  0.195   5.173   1.00 32.73 ? 166 HOH A O   1 
HETATM 1078 O  O   . HOH B 2 .   ? -11.824 -10.639 -7.696  1.00 34.56 ? 167 HOH A O   1 
HETATM 1079 O  O   . HOH B 2 .   ? 7.376   5.348   -5.464  1.00 39.95 ? 168 HOH A O   1 
HETATM 1080 O  O   . HOH B 2 .   ? 7.508   -11.386 -11.574 1.00 46.02 ? 169 HOH A O   1 
HETATM 1081 O  O   . HOH B 2 .   ? 3.480   -12.380 -10.550 1.00 30.43 ? 170 HOH A O   1 
HETATM 1082 O  O   . HOH B 2 .   ? 0.399   -1.648  -15.005 1.00 32.72 ? 171 HOH A O   1 
HETATM 1083 O  O   . HOH B 2 .   ? -14.554 -7.028  -7.491  1.00 42.99 ? 172 HOH A O   1 
HETATM 1084 O  O   . HOH B 2 .   ? -5.570  4.379   -15.052 1.00 39.94 ? 173 HOH A O   1 
HETATM 1085 O  O   . HOH B 2 .   ? -6.674  -7.399  7.511   1.00 40.64 ? 174 HOH A O   1 
HETATM 1086 O  O   . HOH B 2 .   ? -5.806  -8.711  -15.657 1.00 31.11 ? 175 HOH A O   1 
HETATM 1087 O  O   . HOH B 2 .   ? 9.800   -10.746 0.605   1.00 37.52 ? 176 HOH A O   1 
HETATM 1088 O  O   . HOH B 2 .   ? 2.602   -9.765  9.422   1.00 48.09 ? 177 HOH A O   1 
HETATM 1089 O  O   . HOH B 2 .   ? -1.396  2.466   16.569  1.00 33.62 ? 178 HOH A O   1 
HETATM 1090 O  O   . HOH B 2 .   ? 5.976   -16.624 -4.410  1.00 36.09 ? 179 HOH A O   1 
HETATM 1091 O  O   . HOH B 2 .   ? -11.588 -6.359  7.913   1.00 45.85 ? 180 HOH A O   1 
HETATM 1092 O  O   . HOH B 2 .   ? 1.086   -14.200 -14.193 1.00 37.04 ? 181 HOH A O   1 
HETATM 1093 O  O   . HOH B 2 .   ? -0.082  2.248   -14.829 1.00 40.90 ? 182 HOH A O   1 
HETATM 1094 O  O   . HOH B 2 .   ? -10.548 -3.916  1.109   1.00 34.59 ? 183 HOH A O   1 
HETATM 1095 O  O   . HOH B 2 .   ? 2.229   -9.158  17.001  1.00 53.58 ? 184 HOH A O   1 
HETATM 1096 O  O   . HOH B 2 .   ? 11.789  -1.398  6.978   1.00 51.29 ? 185 HOH A O   1 
HETATM 1097 O  O   . HOH B 2 .   ? 9.086   -3.145  -11.353 1.00 43.72 ? 186 HOH A O   1 
HETATM 1098 O  O   . HOH B 2 .   ? -7.666  2.502   4.514   1.00 45.07 ? 187 HOH A O   1 
HETATM 1099 O  O   . HOH B 2 .   ? -3.627  -4.475  16.513  1.00 47.26 ? 188 HOH A O   1 
HETATM 1100 O  O   . HOH B 2 .   ? 2.364   -17.486 -6.934  1.00 53.05 ? 189 HOH A O   1 
HETATM 1101 O  O   . HOH B 2 .   ? -2.418  -1.980  18.964  1.00 52.95 ? 190 HOH A O   1 
HETATM 1102 O  O   . HOH B 2 .   ? 3.318   -6.038  17.866  1.00 39.65 ? 191 HOH A O   1 
HETATM 1103 O  O   . HOH B 2 .   ? -11.847 -8.664  5.304   1.00 75.01 ? 192 HOH A O   1 
HETATM 1104 O  O   . HOH B 2 .   ? 1.191   -18.558 -1.247  1.00 48.30 ? 193 HOH A O   1 
HETATM 1105 O  O   . HOH B 2 .   ? -12.340 -10.021 -1.247  1.00 40.49 ? 194 HOH A O   1 
HETATM 1106 O  O   . HOH B 2 .   ? 3.431   17.190  7.196   1.00 49.62 ? 195 HOH A O   1 
HETATM 1107 O  O   . HOH B 2 .   ? 13.172  -0.948  9.346   1.00 62.13 ? 196 HOH A O   1 
HETATM 1108 O  O   . HOH B 2 .   ? -9.375  -1.118  4.799   1.00 38.09 ? 197 HOH A O   1 
HETATM 1109 O  O   . HOH B 2 .   ? 10.663  0.386   17.093  1.00 43.74 ? 198 HOH A O   1 
HETATM 1110 O  O   . HOH B 2 .   ? -0.138  -9.257  7.390   1.00 38.41 ? 199 HOH A O   1 
HETATM 1111 O  O   . HOH B 2 .   ? 7.886   11.963  -5.645  1.00 46.75 ? 200 HOH A O   1 
HETATM 1112 O  O   . HOH B 2 .   ? -8.368  1.188   12.356  1.00 43.99 ? 201 HOH A O   1 
HETATM 1113 O  O   . HOH B 2 .   ? -6.614  -9.995  9.224   1.00 57.61 ? 202 HOH A O   1 
HETATM 1114 O  O   . HOH B 2 .   ? -8.414  -5.108  8.894   1.00 57.28 ? 203 HOH A O   1 
HETATM 1115 O  O   . HOH B 2 .   ? 21.395  -2.001  -8.105  1.00 60.43 ? 204 HOH A O   1 
HETATM 1116 O  O   . HOH B 2 .   ? -3.748  -15.056 -6.060  1.00 44.59 ? 205 HOH A O   1 
HETATM 1117 O  O   . HOH B 2 .   ? -10.463 -6.099  -15.194 1.00 30.52 ? 206 HOH A O   1 
HETATM 1118 O  O   . HOH B 2 .   ? -3.579  8.383   11.499  1.00 51.51 ? 207 HOH A O   1 
HETATM 1119 O  O   . HOH B 2 .   ? -11.651 -14.332 -3.213  1.00 41.84 ? 208 HOH A O   1 
HETATM 1120 O  O   . HOH B 2 .   ? 5.218   5.131   -6.862  1.00 39.73 ? 209 HOH A O   1 
HETATM 1121 O  O   . HOH B 2 .   ? 3.409   7.465   -6.923  1.00 55.49 ? 210 HOH A O   1 
HETATM 1122 O  O   . HOH B 2 .   ? 17.765  3.804   -4.850  1.00 50.55 ? 211 HOH A O   1 
HETATM 1123 O  O   . HOH B 2 .   ? 3.782   -20.888 -3.935  1.00 55.84 ? 212 HOH A O   1 
HETATM 1124 O  O   . HOH B 2 .   ? 5.360   -3.395  -0.505  1.00 54.23 ? 213 HOH A O   1 
HETATM 1125 O  O   . HOH B 2 .   ? 10.097  -7.845  -3.354  1.00 43.32 ? 214 HOH A O   1 
HETATM 1126 O  O   . HOH B 2 .   ? 12.646  1.821   -9.304  1.00 52.23 ? 215 HOH A O   1 
HETATM 1127 O  O   . HOH B 2 .   ? 3.445   -18.317 -2.493  1.00 42.61 ? 216 HOH A O   1 
HETATM 1128 O  O   . HOH B 2 .   ? -1.053  -6.133  -15.794 1.00 41.03 ? 217 HOH A O   1 
HETATM 1129 O  O   . HOH B 2 .   ? 0.465   -10.373 -17.578 1.00 44.57 ? 218 HOH A O   1 
HETATM 1130 O  O   . HOH B 2 .   ? 5.653   -12.651 -12.733 1.00 58.06 ? 219 HOH A O   1 
HETATM 1131 O  O   . HOH B 2 .   ? 5.306   2.138   -13.341 1.00 45.72 ? 220 HOH A O   1 
HETATM 1132 O  O   . HOH B 2 .   ? 7.062   9.824   -7.831  1.00 48.72 ? 221 HOH A O   1 
HETATM 1133 O  O   . HOH B 2 .   ? 13.160  4.424   0.035   1.00 39.87 ? 222 HOH A O   1 
HETATM 1134 O  O   . HOH B 2 .   ? 8.314   12.045  4.770   1.00 44.16 ? 223 HOH A O   1 
HETATM 1135 O  O   . HOH B 2 .   ? -12.296 5.040   -2.990  1.00 41.88 ? 224 HOH A O   1 
HETATM 1136 O  O   . HOH B 2 .   ? -9.292  2.311   -11.084 1.00 56.68 ? 225 HOH A O   1 
HETATM 1137 O  O   . HOH B 2 .   ? 11.736  2.760   13.393  1.00 56.91 ? 226 HOH A O   1 
HETATM 1138 O  O   . HOH B 2 .   ? -17.983 -2.634  -9.020  1.00 45.79 ? 227 HOH A O   1 
HETATM 1139 O  O   . HOH B 2 .   ? -2.566  16.909  5.900   1.00 57.13 ? 228 HOH A O   1 
HETATM 1140 O  O   . HOH B 2 .   ? -1.839  18.634  8.243   1.00 58.99 ? 229 HOH A O   1 
HETATM 1141 O  O   . HOH B 2 .   ? -13.494 10.711  6.223   1.00 50.81 ? 230 HOH A O   1 
HETATM 1142 O  O   . HOH B 2 .   ? 5.981   -1.758  -16.354 1.00 55.78 ? 231 HOH A O   1 
HETATM 1143 O  O   . HOH B 2 .   ? 11.556  -6.721  16.624  1.00 43.86 ? 232 HOH A O   1 
HETATM 1144 O  O   . HOH B 2 .   ? 1.018   -15.551 -7.451  1.00 44.47 ? 233 HOH A O   1 
HETATM 1145 O  O   . HOH B 2 .   ? -8.668  5.106   -12.461 1.00 60.47 ? 234 HOH A O   1 
HETATM 1146 O  O   . HOH B 2 .   ? -5.150  5.610   11.615  1.00 44.58 ? 235 HOH A O   1 
HETATM 1147 O  O   . HOH B 2 .   ? -6.060  -3.187  10.349  1.00 41.63 ? 236 HOH A O   1 
HETATM 1148 O  O   . HOH B 2 .   ? -6.164  -8.693  4.623   1.00 43.57 ? 237 HOH A O   1 
HETATM 1149 O  O   . HOH B 2 .   ? 0.322   -11.412 4.489   1.00 47.46 ? 238 HOH A O   1 
HETATM 1150 O  O   . HOH B 2 .   ? -4.376  -9.709  -18.078 1.00 45.31 ? 239 HOH A O   1 
HETATM 1151 O  O   . HOH B 2 .   ? -3.123  -15.941 0.917   1.00 53.21 ? 240 HOH A O   1 
HETATM 1152 O  O   . HOH B 2 .   ? -15.377 -3.553  -10.898 1.00 43.97 ? 241 HOH A O   1 
HETATM 1153 O  O   . HOH B 2 .   ? -11.713 -5.690  -21.661 1.00 58.11 ? 242 HOH A O   1 
# 
